data_2FZ5
# 
_entry.id   2FZ5 
# 
_audit_conform.dict_name       mmcif_pdbx.dic 
_audit_conform.dict_version    5.392 
_audit_conform.dict_location   http://mmcif.pdb.org/dictionaries/ascii/mmcif_pdbx.dic 
# 
loop_
_database_2.database_id 
_database_2.database_code 
_database_2.pdbx_database_accession 
_database_2.pdbx_DOI 
PDB   2FZ5         pdb_00002fz5 10.2210/pdb2fz5/pdb 
RCSB  RCSB036485   ?            ?                   
WWPDB D_1000036485 ?            ?                   
# 
loop_
_pdbx_audit_revision_history.ordinal 
_pdbx_audit_revision_history.data_content_type 
_pdbx_audit_revision_history.major_revision 
_pdbx_audit_revision_history.minor_revision 
_pdbx_audit_revision_history.revision_date 
1 'Structure model' 1 0 2006-03-14 
2 'Structure model' 1 1 2008-05-01 
3 'Structure model' 1 2 2011-07-13 
4 'Structure model' 1 3 2022-03-09 
5 'Structure model' 1 4 2024-05-29 
# 
_pdbx_audit_revision_details.ordinal             1 
_pdbx_audit_revision_details.revision_ordinal    1 
_pdbx_audit_revision_details.data_content_type   'Structure model' 
_pdbx_audit_revision_details.provider            repository 
_pdbx_audit_revision_details.type                'Initial release' 
_pdbx_audit_revision_details.description         ? 
_pdbx_audit_revision_details.details             ? 
# 
loop_
_pdbx_audit_revision_group.ordinal 
_pdbx_audit_revision_group.revision_ordinal 
_pdbx_audit_revision_group.data_content_type 
_pdbx_audit_revision_group.group 
1 2 'Structure model' 'Version format compliance' 
2 3 'Structure model' 'Version format compliance' 
3 4 'Structure model' 'Database references'       
4 4 'Structure model' 'Derived calculations'      
5 5 'Structure model' 'Data collection'           
# 
loop_
_pdbx_audit_revision_category.ordinal 
_pdbx_audit_revision_category.revision_ordinal 
_pdbx_audit_revision_category.data_content_type 
_pdbx_audit_revision_category.category 
1 4 'Structure model' database_2            
2 4 'Structure model' pdbx_struct_assembly  
3 4 'Structure model' pdbx_struct_oper_list 
4 4 'Structure model' struct_site           
5 5 'Structure model' chem_comp_atom        
6 5 'Structure model' chem_comp_bond        
# 
loop_
_pdbx_audit_revision_item.ordinal 
_pdbx_audit_revision_item.revision_ordinal 
_pdbx_audit_revision_item.data_content_type 
_pdbx_audit_revision_item.item 
1 4 'Structure model' '_database_2.pdbx_DOI'                
2 4 'Structure model' '_database_2.pdbx_database_accession' 
3 4 'Structure model' '_struct_site.pdbx_auth_asym_id'      
4 4 'Structure model' '_struct_site.pdbx_auth_comp_id'      
5 4 'Structure model' '_struct_site.pdbx_auth_seq_id'       
# 
_pdbx_database_status.status_code                     REL 
_pdbx_database_status.entry_id                        2FZ5 
_pdbx_database_status.recvd_initial_deposition_date   2006-02-09 
_pdbx_database_status.deposit_site                    RCSB 
_pdbx_database_status.process_site                    RCSB 
_pdbx_database_status.status_code_sf                  ? 
_pdbx_database_status.status_code_mr                  REL 
_pdbx_database_status.SG_entry                        ? 
_pdbx_database_status.pdb_format_compatible           Y 
_pdbx_database_status.status_code_cs                  ? 
_pdbx_database_status.status_code_nmr_data            ? 
_pdbx_database_status.methods_development_category    ? 
# 
loop_
_audit_author.name 
_audit_author.pdbx_ordinal 
'van Mierlo, C.P.M.' 1 
'Lijnzaad, P.'       2 
'Vervoort, J.'       3 
'Mueller, F.'        4 
'Berendsen, H.J.'    5 
'de Vlieg, J.'       6 
# 
loop_
_citation.id 
_citation.title 
_citation.journal_abbrev 
_citation.journal_volume 
_citation.page_first 
_citation.page_last 
_citation.year 
_citation.journal_id_ASTM 
_citation.country 
_citation.journal_id_ISSN 
_citation.journal_id_CSD 
_citation.book_publisher 
_citation.pdbx_database_id_PubMed 
_citation.pdbx_database_id_DOI 
primary 
;Tertiary structure of two-electron reduced Megasphaera elsdenii flavodoxin and some implications, as determined by two-dimensional 1H NMR and restrained molecular dynamics
;
Eur.J.Biochem. 194 185 198 1990 EJBCAI IX 0014-2956 0262 ? 2253614 10.1111/j.1432-1033.1990.tb19444.x 
1       
;Secondary and tertiary structure characteristics of Megasphaera elsdenii flavodoxin in the reduced state as determined by two-dimensional 1H NMR
;
Eur.J.Biochem. 189 589 600 1990 EJBCAI IX 0014-2956 0262 ? 2161759 10.1111/j.1432-1033.1990.tb15527.x 
2       'A two-dimensional 1H NMR study on Megasphaera elsdenii flavodoxin in the reduced state: sequential assignments' 
Eur.J.Biochem. 187 521 541 1990 EJBCAI IX 0014-2956 0262 ? 2303055 10.1111/j.1432-1033.1990.tb15334.x 
3       
;A two-dimensional 1H NMR study on Megasphaera elsdenii flavodoxin in the oxidized state and some comparisons with the two-electron reduced state
;
Eur.J.Biochem. 194 199 216 1990 EJBCAI IX 0014-2956 0262 ? 2253616 10.1111/j.1432-1033.1990.tb19445.x 
# 
loop_
_citation_author.citation_id 
_citation_author.name 
_citation_author.ordinal 
_citation_author.identifier_ORCID 
primary 'van Mierlo, C.P.M.'   1  ? 
primary 'Lijnzaad, P.'         2  ? 
primary 'Vervoort, J.'         3  ? 
primary 'Mueller, F.'          4  ? 
primary 'Berendsen, H.J.'      5  ? 
primary 'de Vlieg, J.'         6  ? 
1       'van Mierlo, C.P.M.'   7  ? 
1       'Mueller, F.'          8  ? 
1       'Vervoort, J.'         9  ? 
2       'van Mierlo, C.P.M.'   10 ? 
2       'Vervoort, J.'         11 ? 
2       'Mueller, F.'          12 ? 
2       'Bacher, A.'           13 ? 
3       'van Mierlo, C.P.M.'   14 ? 
3       'van der Sanden, B.P.' 15 ? 
3       'van Woensel, P.'      16 ? 
3       'Mueller, F.'          17 ? 
3       'Vervoort, J.'         18 ? 
# 
loop_
_entity.id 
_entity.type 
_entity.src_method 
_entity.pdbx_description 
_entity.formula_weight 
_entity.pdbx_number_of_molecules 
_entity.pdbx_ec 
_entity.pdbx_mutation 
_entity.pdbx_fragment 
_entity.details 
1 polymer     nat Flavodoxin                                                                                                    
14561.183 1 ? ? ? ? 
2 non-polymer syn '1-DEOXY-1-(7,8-DIMETHYL-2,4-DIOXO-3,4-DIHYDRO-2H-BENZO[G]PTERIDIN-1-ID-10(5H)-YL)-5-O-PHOSPHONATO-D-RIBITOL' 
458.360   1 ? ? ? ? 
# 
_entity_poly.entity_id                      1 
_entity_poly.type                           'polypeptide(L)' 
_entity_poly.nstd_linkage                   no 
_entity_poly.nstd_monomer                   no 
_entity_poly.pdbx_seq_one_letter_code       
;MVEIVYWSGTGNTEAMANEIEAAVKAAGADVESVRFEDTNVDDVASKDVILLGCPAMGSEELEDSVVEPFFTDLAPKLKG
KKVGLFGSYGWGSGEWMDAWKQRTEDTGATVIGTAIVNEMPDNAPECKELGEAAAKA
;
_entity_poly.pdbx_seq_one_letter_code_can   
;MVEIVYWSGTGNTEAMANEIEAAVKAAGADVESVRFEDTNVDDVASKDVILLGCPAMGSEELEDSVVEPFFTDLAPKLKG
KKVGLFGSYGWGSGEWMDAWKQRTEDTGATVIGTAIVNEMPDNAPECKELGEAAAKA
;
_entity_poly.pdbx_strand_id                 A 
_entity_poly.pdbx_target_identifier         ? 
# 
_pdbx_entity_nonpoly.entity_id   2 
_pdbx_entity_nonpoly.name        
'1-DEOXY-1-(7,8-DIMETHYL-2,4-DIOXO-3,4-DIHYDRO-2H-BENZO[G]PTERIDIN-1-ID-10(5H)-YL)-5-O-PHOSPHONATO-D-RIBITOL' 
_pdbx_entity_nonpoly.comp_id     FNR 
# 
loop_
_entity_poly_seq.entity_id 
_entity_poly_seq.num 
_entity_poly_seq.mon_id 
_entity_poly_seq.hetero 
1 1   MET n 
1 2   VAL n 
1 3   GLU n 
1 4   ILE n 
1 5   VAL n 
1 6   TYR n 
1 7   TRP n 
1 8   SER n 
1 9   GLY n 
1 10  THR n 
1 11  GLY n 
1 12  ASN n 
1 13  THR n 
1 14  GLU n 
1 15  ALA n 
1 16  MET n 
1 17  ALA n 
1 18  ASN n 
1 19  GLU n 
1 20  ILE n 
1 21  GLU n 
1 22  ALA n 
1 23  ALA n 
1 24  VAL n 
1 25  LYS n 
1 26  ALA n 
1 27  ALA n 
1 28  GLY n 
1 29  ALA n 
1 30  ASP n 
1 31  VAL n 
1 32  GLU n 
1 33  SER n 
1 34  VAL n 
1 35  ARG n 
1 36  PHE n 
1 37  GLU n 
1 38  ASP n 
1 39  THR n 
1 40  ASN n 
1 41  VAL n 
1 42  ASP n 
1 43  ASP n 
1 44  VAL n 
1 45  ALA n 
1 46  SER n 
1 47  LYS n 
1 48  ASP n 
1 49  VAL n 
1 50  ILE n 
1 51  LEU n 
1 52  LEU n 
1 53  GLY n 
1 54  CYS n 
1 55  PRO n 
1 56  ALA n 
1 57  MET n 
1 58  GLY n 
1 59  SER n 
1 60  GLU n 
1 61  GLU n 
1 62  LEU n 
1 63  GLU n 
1 64  ASP n 
1 65  SER n 
1 66  VAL n 
1 67  VAL n 
1 68  GLU n 
1 69  PRO n 
1 70  PHE n 
1 71  PHE n 
1 72  THR n 
1 73  ASP n 
1 74  LEU n 
1 75  ALA n 
1 76  PRO n 
1 77  LYS n 
1 78  LEU n 
1 79  LYS n 
1 80  GLY n 
1 81  LYS n 
1 82  LYS n 
1 83  VAL n 
1 84  GLY n 
1 85  LEU n 
1 86  PHE n 
1 87  GLY n 
1 88  SER n 
1 89  TYR n 
1 90  GLY n 
1 91  TRP n 
1 92  GLY n 
1 93  SER n 
1 94  GLY n 
1 95  GLU n 
1 96  TRP n 
1 97  MET n 
1 98  ASP n 
1 99  ALA n 
1 100 TRP n 
1 101 LYS n 
1 102 GLN n 
1 103 ARG n 
1 104 THR n 
1 105 GLU n 
1 106 ASP n 
1 107 THR n 
1 108 GLY n 
1 109 ALA n 
1 110 THR n 
1 111 VAL n 
1 112 ILE n 
1 113 GLY n 
1 114 THR n 
1 115 ALA n 
1 116 ILE n 
1 117 VAL n 
1 118 ASN n 
1 119 GLU n 
1 120 MET n 
1 121 PRO n 
1 122 ASP n 
1 123 ASN n 
1 124 ALA n 
1 125 PRO n 
1 126 GLU n 
1 127 CYS n 
1 128 LYS n 
1 129 GLU n 
1 130 LEU n 
1 131 GLY n 
1 132 GLU n 
1 133 ALA n 
1 134 ALA n 
1 135 ALA n 
1 136 LYS n 
1 137 ALA n 
# 
_entity_src_nat.entity_id                  1 
_entity_src_nat.pdbx_src_id                1 
_entity_src_nat.pdbx_alt_source_flag       sample 
_entity_src_nat.pdbx_beg_seq_num           ? 
_entity_src_nat.pdbx_end_seq_num           ? 
_entity_src_nat.common_name                ? 
_entity_src_nat.pdbx_organism_scientific   'Megasphaera elsdenii' 
_entity_src_nat.pdbx_ncbi_taxonomy_id      907 
_entity_src_nat.genus                      Megasphaera 
_entity_src_nat.species                    ? 
_entity_src_nat.strain                     ? 
_entity_src_nat.tissue                     ? 
_entity_src_nat.tissue_fraction            ? 
_entity_src_nat.pdbx_secretion             ? 
_entity_src_nat.pdbx_fragment              ? 
_entity_src_nat.pdbx_variant               ? 
_entity_src_nat.pdbx_cell_line             ? 
_entity_src_nat.pdbx_atcc                  ? 
_entity_src_nat.pdbx_cellular_location     ? 
_entity_src_nat.pdbx_organ                 ? 
_entity_src_nat.pdbx_organelle             ? 
_entity_src_nat.pdbx_cell                  ? 
_entity_src_nat.pdbx_plasmid_name          ? 
_entity_src_nat.pdbx_plasmid_details       ? 
_entity_src_nat.details                    ? 
# 
loop_
_chem_comp.id 
_chem_comp.type 
_chem_comp.mon_nstd_flag 
_chem_comp.name 
_chem_comp.pdbx_synonyms 
_chem_comp.formula 
_chem_comp.formula_weight 
ALA 'L-peptide linking' y ALANINE ?                                            'C3 H7 N O2'      89.093  
ARG 'L-peptide linking' y ARGININE ?                                            'C6 H15 N4 O2 1'  175.209 
ASN 'L-peptide linking' y ASPARAGINE ?                                            'C4 H8 N2 O3'     132.118 
ASP 'L-peptide linking' y 'ASPARTIC ACID' ?                                            'C4 H7 N O4'      133.103 
CYS 'L-peptide linking' y CYSTEINE ?                                            'C3 H7 N O2 S'    121.158 
FNR non-polymer         . 
'1-DEOXY-1-(7,8-DIMETHYL-2,4-DIOXO-3,4-DIHYDRO-2H-BENZO[G]PTERIDIN-1-ID-10(5H)-YL)-5-O-PHOSPHONATO-D-RIBITOL' 
'TWO ELECTRON REDUCED FLAVIN MONONUCLEOTIDE' 'C17 H23 N4 O9 P' 458.360 
GLN 'L-peptide linking' y GLUTAMINE ?                                            'C5 H10 N2 O3'    146.144 
GLU 'L-peptide linking' y 'GLUTAMIC ACID' ?                                            'C5 H9 N O4'      147.129 
GLY 'peptide linking'   y GLYCINE ?                                            'C2 H5 N O2'      75.067  
ILE 'L-peptide linking' y ISOLEUCINE ?                                            'C6 H13 N O2'     131.173 
LEU 'L-peptide linking' y LEUCINE ?                                            'C6 H13 N O2'     131.173 
LYS 'L-peptide linking' y LYSINE ?                                            'C6 H15 N2 O2 1'  147.195 
MET 'L-peptide linking' y METHIONINE ?                                            'C5 H11 N O2 S'   149.211 
PHE 'L-peptide linking' y PHENYLALANINE ?                                            'C9 H11 N O2'     165.189 
PRO 'L-peptide linking' y PROLINE ?                                            'C5 H9 N O2'      115.130 
SER 'L-peptide linking' y SERINE ?                                            'C3 H7 N O3'      105.093 
THR 'L-peptide linking' y THREONINE ?                                            'C4 H9 N O3'      119.119 
TRP 'L-peptide linking' y TRYPTOPHAN ?                                            'C11 H12 N2 O2'   204.225 
TYR 'L-peptide linking' y TYROSINE ?                                            'C9 H11 N O3'     181.189 
VAL 'L-peptide linking' y VALINE ?                                            'C5 H11 N O2'     117.146 
# 
loop_
_pdbx_poly_seq_scheme.asym_id 
_pdbx_poly_seq_scheme.entity_id 
_pdbx_poly_seq_scheme.seq_id 
_pdbx_poly_seq_scheme.mon_id 
_pdbx_poly_seq_scheme.ndb_seq_num 
_pdbx_poly_seq_scheme.pdb_seq_num 
_pdbx_poly_seq_scheme.auth_seq_num 
_pdbx_poly_seq_scheme.pdb_mon_id 
_pdbx_poly_seq_scheme.auth_mon_id 
_pdbx_poly_seq_scheme.pdb_strand_id 
_pdbx_poly_seq_scheme.pdb_ins_code 
_pdbx_poly_seq_scheme.hetero 
A 1 1   MET 1   1   1   MET MET A . n 
A 1 2   VAL 2   2   2   VAL VAL A . n 
A 1 3   GLU 3   3   3   GLU GLU A . n 
A 1 4   ILE 4   4   4   ILE ILE A . n 
A 1 5   VAL 5   5   5   VAL VAL A . n 
A 1 6   TYR 6   6   6   TYR TYR A . n 
A 1 7   TRP 7   7   7   TRP TRP A . n 
A 1 8   SER 8   8   8   SER SER A . n 
A 1 9   GLY 9   9   9   GLY GLY A . n 
A 1 10  THR 10  10  10  THR THR A . n 
A 1 11  GLY 11  11  11  GLY GLY A . n 
A 1 12  ASN 12  12  12  ASN ASN A . n 
A 1 13  THR 13  13  13  THR THR A . n 
A 1 14  GLU 14  14  14  GLU GLU A . n 
A 1 15  ALA 15  15  15  ALA ALA A . n 
A 1 16  MET 16  16  16  MET MET A . n 
A 1 17  ALA 17  17  17  ALA ALA A . n 
A 1 18  ASN 18  18  18  ASN ASN A . n 
A 1 19  GLU 19  19  19  GLU GLU A . n 
A 1 20  ILE 20  20  20  ILE ILE A . n 
A 1 21  GLU 21  21  21  GLU GLU A . n 
A 1 22  ALA 22  22  22  ALA ALA A . n 
A 1 23  ALA 23  23  23  ALA ALA A . n 
A 1 24  VAL 24  24  24  VAL VAL A . n 
A 1 25  LYS 25  25  25  LYS LYS A . n 
A 1 26  ALA 26  26  26  ALA ALA A . n 
A 1 27  ALA 27  27  27  ALA ALA A . n 
A 1 28  GLY 28  28  28  GLY GLY A . n 
A 1 29  ALA 29  29  29  ALA ALA A . n 
A 1 30  ASP 30  30  30  ASP ASP A . n 
A 1 31  VAL 31  31  31  VAL VAL A . n 
A 1 32  GLU 32  32  32  GLU GLU A . n 
A 1 33  SER 33  33  33  SER SER A . n 
A 1 34  VAL 34  34  34  VAL VAL A . n 
A 1 35  ARG 35  35  35  ARG ARG A . n 
A 1 36  PHE 36  36  36  PHE PHE A . n 
A 1 37  GLU 37  37  37  GLU GLU A . n 
A 1 38  ASP 38  38  38  ASP ASP A . n 
A 1 39  THR 39  39  39  THR THR A . n 
A 1 40  ASN 40  40  40  ASN ASN A . n 
A 1 41  VAL 41  41  41  VAL VAL A . n 
A 1 42  ASP 42  42  42  ASP ASP A . n 
A 1 43  ASP 43  43  43  ASP ASP A . n 
A 1 44  VAL 44  44  44  VAL VAL A . n 
A 1 45  ALA 45  45  45  ALA ALA A . n 
A 1 46  SER 46  46  46  SER SER A . n 
A 1 47  LYS 47  47  47  LYS LYS A . n 
A 1 48  ASP 48  48  48  ASP ASP A . n 
A 1 49  VAL 49  49  49  VAL VAL A . n 
A 1 50  ILE 50  50  50  ILE ILE A . n 
A 1 51  LEU 51  51  51  LEU LEU A . n 
A 1 52  LEU 52  52  52  LEU LEU A . n 
A 1 53  GLY 53  53  53  GLY GLY A . n 
A 1 54  CYS 54  54  54  CYS CYS A . n 
A 1 55  PRO 55  55  55  PRO PRO A . n 
A 1 56  ALA 56  56  56  ALA ALA A . n 
A 1 57  MET 57  57  57  MET MET A . n 
A 1 58  GLY 58  58  58  GLY GLY A . n 
A 1 59  SER 59  59  59  SER SER A . n 
A 1 60  GLU 60  60  60  GLU GLU A . n 
A 1 61  GLU 61  61  61  GLU GLU A . n 
A 1 62  LEU 62  62  62  LEU LEU A . n 
A 1 63  GLU 63  63  63  GLU GLU A . n 
A 1 64  ASP 64  64  64  ASP ASP A . n 
A 1 65  SER 65  65  65  SER SER A . n 
A 1 66  VAL 66  66  66  VAL VAL A . n 
A 1 67  VAL 67  67  67  VAL VAL A . n 
A 1 68  GLU 68  68  68  GLU GLU A . n 
A 1 69  PRO 69  69  69  PRO PRO A . n 
A 1 70  PHE 70  70  70  PHE PHE A . n 
A 1 71  PHE 71  71  71  PHE PHE A . n 
A 1 72  THR 72  72  72  THR THR A . n 
A 1 73  ASP 73  73  73  ASP ASP A . n 
A 1 74  LEU 74  74  74  LEU LEU A . n 
A 1 75  ALA 75  75  75  ALA ALA A . n 
A 1 76  PRO 76  76  76  PRO PRO A . n 
A 1 77  LYS 77  77  77  LYS LYS A . n 
A 1 78  LEU 78  78  78  LEU LEU A . n 
A 1 79  LYS 79  79  79  LYS LYS A . n 
A 1 80  GLY 80  80  80  GLY GLY A . n 
A 1 81  LYS 81  81  81  LYS LYS A . n 
A 1 82  LYS 82  82  82  LYS LYS A . n 
A 1 83  VAL 83  83  83  VAL VAL A . n 
A 1 84  GLY 84  84  84  GLY GLY A . n 
A 1 85  LEU 85  85  85  LEU LEU A . n 
A 1 86  PHE 86  86  86  PHE PHE A . n 
A 1 87  GLY 87  87  87  GLY GLY A . n 
A 1 88  SER 88  88  88  SER SER A . n 
A 1 89  TYR 89  89  89  TYR TYR A . n 
A 1 90  GLY 90  90  90  GLY GLY A . n 
A 1 91  TRP 91  91  91  TRP TRP A . n 
A 1 92  GLY 92  92  92  GLY GLY A . n 
A 1 93  SER 93  93  93  SER SER A . n 
A 1 94  GLY 94  94  94  GLY GLY A . n 
A 1 95  GLU 95  95  95  GLU GLU A . n 
A 1 96  TRP 96  96  96  TRP TRP A . n 
A 1 97  MET 97  97  97  MET MET A . n 
A 1 98  ASP 98  98  98  ASP ASP A . n 
A 1 99  ALA 99  99  99  ALA ALA A . n 
A 1 100 TRP 100 100 100 TRP TRP A . n 
A 1 101 LYS 101 101 101 LYS LYS A . n 
A 1 102 GLN 102 102 102 GLN GLN A . n 
A 1 103 ARG 103 103 103 ARG ARG A . n 
A 1 104 THR 104 104 104 THR THR A . n 
A 1 105 GLU 105 105 105 GLU GLU A . n 
A 1 106 ASP 106 106 106 ASP ASP A . n 
A 1 107 THR 107 107 107 THR THR A . n 
A 1 108 GLY 108 108 108 GLY GLY A . n 
A 1 109 ALA 109 109 109 ALA ALA A . n 
A 1 110 THR 110 110 110 THR THR A . n 
A 1 111 VAL 111 111 111 VAL VAL A . n 
A 1 112 ILE 112 112 112 ILE ILE A . n 
A 1 113 GLY 113 113 113 GLY GLY A . n 
A 1 114 THR 114 114 114 THR THR A . n 
A 1 115 ALA 115 115 115 ALA ALA A . n 
A 1 116 ILE 116 116 116 ILE ILE A . n 
A 1 117 VAL 117 117 117 VAL VAL A . n 
A 1 118 ASN 118 118 118 ASN ASN A . n 
A 1 119 GLU 119 119 119 GLU GLU A . n 
A 1 120 MET 120 120 120 MET MET A . n 
A 1 121 PRO 121 121 121 PRO PRO A . n 
A 1 122 ASP 122 122 122 ASP ASP A . n 
A 1 123 ASN 123 123 123 ASN ASN A . n 
A 1 124 ALA 124 124 124 ALA ALA A . n 
A 1 125 PRO 125 125 125 PRO PRO A . n 
A 1 126 GLU 126 126 126 GLU GLU A . n 
A 1 127 CYS 127 127 127 CYS CYS A . n 
A 1 128 LYS 128 128 128 LYS LYS A . n 
A 1 129 GLU 129 129 129 GLU GLU A . n 
A 1 130 LEU 130 130 130 LEU LEU A . n 
A 1 131 GLY 131 131 131 GLY GLY A . n 
A 1 132 GLU 132 132 132 GLU GLU A . n 
A 1 133 ALA 133 133 133 ALA ALA A . n 
A 1 134 ALA 134 134 134 ALA ALA A . n 
A 1 135 ALA 135 135 135 ALA ALA A . n 
A 1 136 LYS 136 136 136 LYS LYS A . n 
A 1 137 ALA 137 137 137 ALA ALA A . n 
# 
_pdbx_nonpoly_scheme.asym_id         B 
_pdbx_nonpoly_scheme.entity_id       2 
_pdbx_nonpoly_scheme.mon_id          FNR 
_pdbx_nonpoly_scheme.ndb_seq_num     1 
_pdbx_nonpoly_scheme.pdb_seq_num     138 
_pdbx_nonpoly_scheme.auth_seq_num    138 
_pdbx_nonpoly_scheme.pdb_mon_id      FNR 
_pdbx_nonpoly_scheme.auth_mon_id     FNR 
_pdbx_nonpoly_scheme.pdb_strand_id   A 
_pdbx_nonpoly_scheme.pdb_ins_code    . 
# 
_cell.entry_id           2FZ5 
_cell.length_a           1.000 
_cell.length_b           1.000 
_cell.length_c           1.000 
_cell.angle_alpha        90.00 
_cell.angle_beta         90.00 
_cell.angle_gamma        90.00 
_cell.Z_PDB              1 
_cell.pdbx_unique_axis   ? 
# 
_symmetry.entry_id                         2FZ5 
_symmetry.space_group_name_H-M             'P 1' 
_symmetry.pdbx_full_space_group_name_H-M   ? 
_symmetry.cell_setting                     ? 
_symmetry.Int_Tables_number                1 
# 
_exptl.entry_id          2FZ5 
_exptl.method            'SOLUTION NMR' 
_exptl.crystals_number   ? 
# 
_exptl_crystal.id                    1 
_exptl_crystal.density_meas          ? 
_exptl_crystal.density_Matthews      ? 
_exptl_crystal.density_percent_sol   ? 
_exptl_crystal.description           ? 
# 
_diffrn.id                     1 
_diffrn.ambient_temp           ? 
_diffrn.ambient_temp_details   ? 
_diffrn.crystal_id             1 
# 
_diffrn_radiation.diffrn_id                        1 
_diffrn_radiation.wavelength_id                    1 
_diffrn_radiation.monochromator                    ? 
_diffrn_radiation.pdbx_monochromatic_or_laue_m_l   M 
_diffrn_radiation.pdbx_diffrn_protocol             'SINGLE WAVELENGTH' 
_diffrn_radiation.pdbx_scattering_type             ? 
# 
_diffrn_radiation_wavelength.id           1 
_diffrn_radiation_wavelength.wavelength   . 
_diffrn_radiation_wavelength.wt           1.0 
# 
_struct.entry_id                  2FZ5 
_struct.title                     'Solution structure of two-electron reduced Megasphaera elsdenii flavodoxin' 
_struct.pdbx_model_details        ? 
_struct.pdbx_CASP_flag            ? 
_struct.pdbx_model_type_details   ? 
# 
_struct_keywords.entry_id        2FZ5 
_struct_keywords.pdbx_keywords   'ELECTRON TRANSPORT' 
_struct_keywords.text            'alpha/beta doubly-wound topology, non-covalently bound FMN, ELECTRON TRANSPORT' 
# 
loop_
_struct_asym.id 
_struct_asym.pdbx_blank_PDB_chainid_flag 
_struct_asym.pdbx_modified 
_struct_asym.entity_id 
_struct_asym.details 
A N N 1 ? 
B N N 2 ? 
# 
_struct_ref.id                         1 
_struct_ref.db_name                    UNP 
_struct_ref.db_code                    FLAV_MEGEL 
_struct_ref.pdbx_db_accession          P00321 
_struct_ref.entity_id                  1 
_struct_ref.pdbx_seq_one_letter_code   
;MVEIVYWSGTGNTEAMANEIEAAVKAAGADVESVRFEDTNVDDVASKDVILLGCPAMGSEELEDSVVEPFFTDLAPKLKG
KKVGLFGSYGWGSGEWMDAWKQRTEDTGATVIGTAIVNEMPDNAPECKELGEAAAKA
;
_struct_ref.pdbx_align_begin           1 
_struct_ref.pdbx_db_isoform            ? 
# 
_struct_ref_seq.align_id                      1 
_struct_ref_seq.ref_id                        1 
_struct_ref_seq.pdbx_PDB_id_code              2FZ5 
_struct_ref_seq.pdbx_strand_id                A 
_struct_ref_seq.seq_align_beg                 1 
_struct_ref_seq.pdbx_seq_align_beg_ins_code   ? 
_struct_ref_seq.seq_align_end                 137 
_struct_ref_seq.pdbx_seq_align_end_ins_code   ? 
_struct_ref_seq.pdbx_db_accession             P00321 
_struct_ref_seq.db_align_beg                  1 
_struct_ref_seq.pdbx_db_align_beg_ins_code    ? 
_struct_ref_seq.db_align_end                  137 
_struct_ref_seq.pdbx_db_align_end_ins_code    ? 
_struct_ref_seq.pdbx_auth_seq_align_beg       1 
_struct_ref_seq.pdbx_auth_seq_align_end       137 
# 
_pdbx_struct_assembly.id                   1 
_pdbx_struct_assembly.details              author_defined_assembly 
_pdbx_struct_assembly.method_details       ? 
_pdbx_struct_assembly.oligomeric_details   monomeric 
_pdbx_struct_assembly.oligomeric_count     1 
# 
_pdbx_struct_assembly_gen.assembly_id       1 
_pdbx_struct_assembly_gen.oper_expression   1 
_pdbx_struct_assembly_gen.asym_id_list      A,B 
# 
_pdbx_struct_oper_list.id                   1 
_pdbx_struct_oper_list.type                 'identity operation' 
_pdbx_struct_oper_list.name                 1_555 
_pdbx_struct_oper_list.symmetry_operation   x,y,z 
_pdbx_struct_oper_list.matrix[1][1]         1.0000000000 
_pdbx_struct_oper_list.matrix[1][2]         0.0000000000 
_pdbx_struct_oper_list.matrix[1][3]         0.0000000000 
_pdbx_struct_oper_list.vector[1]            0.0000000000 
_pdbx_struct_oper_list.matrix[2][1]         0.0000000000 
_pdbx_struct_oper_list.matrix[2][2]         1.0000000000 
_pdbx_struct_oper_list.matrix[2][3]         0.0000000000 
_pdbx_struct_oper_list.vector[2]            0.0000000000 
_pdbx_struct_oper_list.matrix[3][1]         0.0000000000 
_pdbx_struct_oper_list.matrix[3][2]         0.0000000000 
_pdbx_struct_oper_list.matrix[3][3]         1.0000000000 
_pdbx_struct_oper_list.vector[3]            0.0000000000 
# 
_struct_biol.id   1 
# 
loop_
_struct_conf.conf_type_id 
_struct_conf.id 
_struct_conf.pdbx_PDB_helix_id 
_struct_conf.beg_label_comp_id 
_struct_conf.beg_label_asym_id 
_struct_conf.beg_label_seq_id 
_struct_conf.pdbx_beg_PDB_ins_code 
_struct_conf.end_label_comp_id 
_struct_conf.end_label_asym_id 
_struct_conf.end_label_seq_id 
_struct_conf.pdbx_end_PDB_ins_code 
_struct_conf.beg_auth_comp_id 
_struct_conf.beg_auth_asym_id 
_struct_conf.beg_auth_seq_id 
_struct_conf.end_auth_comp_id 
_struct_conf.end_auth_asym_id 
_struct_conf.end_auth_seq_id 
_struct_conf.pdbx_PDB_helix_class 
_struct_conf.details 
_struct_conf.pdbx_PDB_helix_length 
HELX_P HELX_P1 1 GLY A 11  ? ALA A 27  ? GLY A 11  ALA A 27  1 ? 17 
HELX_P HELX_P2 2 ASN A 40  ? SER A 46  ? ASN A 40  SER A 46  1 ? 7  
HELX_P HELX_P3 3 GLU A 63  ? ALA A 75  ? GLU A 63  ALA A 75  1 ? 13 
HELX_P HELX_P4 4 PRO A 76  ? LEU A 78  ? PRO A 76  LEU A 78  5 ? 3  
HELX_P HELX_P5 5 GLY A 94  ? THR A 107 ? GLY A 94  THR A 107 1 ? 14 
HELX_P HELX_P6 6 PRO A 125 ? LYS A 136 ? PRO A 125 LYS A 136 1 ? 12 
# 
_struct_conf_type.id          HELX_P 
_struct_conf_type.criteria    ? 
_struct_conf_type.reference   ? 
# 
_struct_sheet.id               A 
_struct_sheet.type             ? 
_struct_sheet.number_strands   5 
_struct_sheet.details          ? 
# 
loop_
_struct_sheet_order.sheet_id 
_struct_sheet_order.range_id_1 
_struct_sheet_order.range_id_2 
_struct_sheet_order.offset 
_struct_sheet_order.sense 
A 1 2 ? parallel 
A 2 3 ? parallel 
A 3 4 ? parallel 
A 4 5 ? parallel 
# 
loop_
_struct_sheet_range.sheet_id 
_struct_sheet_range.id 
_struct_sheet_range.beg_label_comp_id 
_struct_sheet_range.beg_label_asym_id 
_struct_sheet_range.beg_label_seq_id 
_struct_sheet_range.pdbx_beg_PDB_ins_code 
_struct_sheet_range.end_label_comp_id 
_struct_sheet_range.end_label_asym_id 
_struct_sheet_range.end_label_seq_id 
_struct_sheet_range.pdbx_end_PDB_ins_code 
_struct_sheet_range.beg_auth_comp_id 
_struct_sheet_range.beg_auth_asym_id 
_struct_sheet_range.beg_auth_seq_id 
_struct_sheet_range.end_auth_comp_id 
_struct_sheet_range.end_auth_asym_id 
_struct_sheet_range.end_auth_seq_id 
A 1 VAL A 31  ? ARG A 35  ? VAL A 31  ARG A 35  
A 2 VAL A 2   ? TYR A 6   ? VAL A 2   TYR A 6   
A 3 VAL A 49  ? GLY A 53  ? VAL A 49  GLY A 53  
A 4 LYS A 82  ? TYR A 89  ? LYS A 82  TYR A 89  
A 5 THR A 110 ? ASN A 118 ? THR A 110 ASN A 118 
# 
loop_
_pdbx_struct_sheet_hbond.sheet_id 
_pdbx_struct_sheet_hbond.range_id_1 
_pdbx_struct_sheet_hbond.range_id_2 
_pdbx_struct_sheet_hbond.range_1_label_atom_id 
_pdbx_struct_sheet_hbond.range_1_label_comp_id 
_pdbx_struct_sheet_hbond.range_1_label_asym_id 
_pdbx_struct_sheet_hbond.range_1_label_seq_id 
_pdbx_struct_sheet_hbond.range_1_PDB_ins_code 
_pdbx_struct_sheet_hbond.range_1_auth_atom_id 
_pdbx_struct_sheet_hbond.range_1_auth_comp_id 
_pdbx_struct_sheet_hbond.range_1_auth_asym_id 
_pdbx_struct_sheet_hbond.range_1_auth_seq_id 
_pdbx_struct_sheet_hbond.range_2_label_atom_id 
_pdbx_struct_sheet_hbond.range_2_label_comp_id 
_pdbx_struct_sheet_hbond.range_2_label_asym_id 
_pdbx_struct_sheet_hbond.range_2_label_seq_id 
_pdbx_struct_sheet_hbond.range_2_PDB_ins_code 
_pdbx_struct_sheet_hbond.range_2_auth_atom_id 
_pdbx_struct_sheet_hbond.range_2_auth_comp_id 
_pdbx_struct_sheet_hbond.range_2_auth_asym_id 
_pdbx_struct_sheet_hbond.range_2_auth_seq_id 
A 1 2 O GLU A 32 ? O GLU A 32 N VAL A 2   ? N VAL A 2   
A 2 3 N VAL A 5  ? N VAL A 5  O LEU A 51  ? O LEU A 51  
A 3 4 N ILE A 50 ? N ILE A 50 O LYS A 82  ? O LYS A 82  
A 4 5 N TYR A 89 ? N TYR A 89 O VAL A 117 ? O VAL A 117 
# 
_struct_site.id                   AC1 
_struct_site.pdbx_evidence_code   Software 
_struct_site.pdbx_auth_asym_id    A 
_struct_site.pdbx_auth_comp_id    FNR 
_struct_site.pdbx_auth_seq_id     138 
_struct_site.pdbx_auth_ins_code   ? 
_struct_site.pdbx_num_residues    15 
_struct_site.details              'BINDING SITE FOR RESIDUE FNR A 138' 
# 
loop_
_struct_site_gen.id 
_struct_site_gen.site_id 
_struct_site_gen.pdbx_num_res 
_struct_site_gen.label_comp_id 
_struct_site_gen.label_asym_id 
_struct_site_gen.label_seq_id 
_struct_site_gen.pdbx_auth_ins_code 
_struct_site_gen.auth_comp_id 
_struct_site_gen.auth_asym_id 
_struct_site_gen.auth_seq_id 
_struct_site_gen.label_atom_id 
_struct_site_gen.label_alt_id 
_struct_site_gen.symmetry 
_struct_site_gen.details 
1  AC1 15 TRP A 7   ? TRP A 7   . ? 1_555 ? 
2  AC1 15 GLY A 9   ? GLY A 9   . ? 1_555 ? 
3  AC1 15 THR A 10  ? THR A 10  . ? 1_555 ? 
4  AC1 15 ASN A 12  ? ASN A 12  . ? 1_555 ? 
5  AC1 15 PRO A 55  ? PRO A 55  . ? 1_555 ? 
6  AC1 15 ALA A 56  ? ALA A 56  . ? 1_555 ? 
7  AC1 15 MET A 57  ? MET A 57  . ? 1_555 ? 
8  AC1 15 GLY A 58  ? GLY A 58  . ? 1_555 ? 
9  AC1 15 GLU A 60  ? GLU A 60  . ? 1_555 ? 
10 AC1 15 SER A 88  ? SER A 88  . ? 1_555 ? 
11 AC1 15 TYR A 89  ? TYR A 89  . ? 1_555 ? 
12 AC1 15 GLY A 90  ? GLY A 90  . ? 1_555 ? 
13 AC1 15 TRP A 91  ? TRP A 91  . ? 1_555 ? 
14 AC1 15 GLY A 92  ? GLY A 92  . ? 1_555 ? 
15 AC1 15 GLU A 119 ? GLU A 119 . ? 1_555 ? 
# 
_pdbx_validate_close_contact.id               1 
_pdbx_validate_close_contact.PDB_model_num    1 
_pdbx_validate_close_contact.auth_atom_id_1   O 
_pdbx_validate_close_contact.auth_asym_id_1   A 
_pdbx_validate_close_contact.auth_comp_id_1   TRP 
_pdbx_validate_close_contact.auth_seq_id_1    7 
_pdbx_validate_close_contact.PDB_ins_code_1   ? 
_pdbx_validate_close_contact.label_alt_id_1   ? 
_pdbx_validate_close_contact.auth_atom_id_2   HG1 
_pdbx_validate_close_contact.auth_asym_id_2   A 
_pdbx_validate_close_contact.auth_comp_id_2   THR 
_pdbx_validate_close_contact.auth_seq_id_2    13 
_pdbx_validate_close_contact.PDB_ins_code_2   ? 
_pdbx_validate_close_contact.label_alt_id_2   ? 
_pdbx_validate_close_contact.dist             1.60 
# 
loop_
_pdbx_validate_rmsd_angle.id 
_pdbx_validate_rmsd_angle.PDB_model_num 
_pdbx_validate_rmsd_angle.auth_atom_id_1 
_pdbx_validate_rmsd_angle.auth_asym_id_1 
_pdbx_validate_rmsd_angle.auth_comp_id_1 
_pdbx_validate_rmsd_angle.auth_seq_id_1 
_pdbx_validate_rmsd_angle.PDB_ins_code_1 
_pdbx_validate_rmsd_angle.label_alt_id_1 
_pdbx_validate_rmsd_angle.auth_atom_id_2 
_pdbx_validate_rmsd_angle.auth_asym_id_2 
_pdbx_validate_rmsd_angle.auth_comp_id_2 
_pdbx_validate_rmsd_angle.auth_seq_id_2 
_pdbx_validate_rmsd_angle.PDB_ins_code_2 
_pdbx_validate_rmsd_angle.label_alt_id_2 
_pdbx_validate_rmsd_angle.auth_atom_id_3 
_pdbx_validate_rmsd_angle.auth_asym_id_3 
_pdbx_validate_rmsd_angle.auth_comp_id_3 
_pdbx_validate_rmsd_angle.auth_seq_id_3 
_pdbx_validate_rmsd_angle.PDB_ins_code_3 
_pdbx_validate_rmsd_angle.label_alt_id_3 
_pdbx_validate_rmsd_angle.angle_value 
_pdbx_validate_rmsd_angle.angle_target_value 
_pdbx_validate_rmsd_angle.angle_deviation 
_pdbx_validate_rmsd_angle.angle_standard_deviation 
_pdbx_validate_rmsd_angle.linker_flag 
1 1 OD1 A ASN 118 ? ? CG A ASN 118 ? ? ND2 A ASN 118 ? ? 96.91  121.90 -24.99 2.30 N 
2 1 CB  A ASN 118 ? ? CG A ASN 118 ? ? OD1 A ASN 118 ? ? 135.65 121.60 14.05  2.00 N 
3 1 CB  A ASN 118 ? ? CG A ASN 118 ? ? ND2 A ASN 118 ? ? 100.83 116.70 -15.87 2.40 N 
# 
loop_
_pdbx_validate_torsion.id 
_pdbx_validate_torsion.PDB_model_num 
_pdbx_validate_torsion.auth_comp_id 
_pdbx_validate_torsion.auth_asym_id 
_pdbx_validate_torsion.auth_seq_id 
_pdbx_validate_torsion.PDB_ins_code 
_pdbx_validate_torsion.label_alt_id 
_pdbx_validate_torsion.phi 
_pdbx_validate_torsion.psi 
1 1 VAL A 66  ? ? -122.38 -59.74  
2 1 LEU A 78  ? ? -107.44 59.95   
3 1 LYS A 81  ? ? -49.43  152.19  
4 1 ILE A 112 ? ? -90.64  53.61   
5 1 GLU A 119 ? ? 62.31   -73.62  
6 1 PRO A 121 ? ? -63.04  -177.13 
7 1 ASP A 122 ? ? 72.66   -37.11  
# 
loop_
_pdbx_validate_planes.id 
_pdbx_validate_planes.PDB_model_num 
_pdbx_validate_planes.auth_comp_id 
_pdbx_validate_planes.auth_asym_id 
_pdbx_validate_planes.auth_seq_id 
_pdbx_validate_planes.PDB_ins_code 
_pdbx_validate_planes.label_alt_id 
_pdbx_validate_planes.rmsd 
_pdbx_validate_planes.type 
1 1 ARG A 35  ? ? 0.107 'SIDE CHAIN' 
2 1 PHE A 70  ? ? 0.078 'SIDE CHAIN' 
3 1 PHE A 71  ? ? 0.077 'SIDE CHAIN' 
4 1 ASN A 118 ? ? 0.163 'SIDE CHAIN' 
# 
_pdbx_validate_main_chain_plane.id                       1 
_pdbx_validate_main_chain_plane.PDB_model_num            1 
_pdbx_validate_main_chain_plane.auth_comp_id             TRP 
_pdbx_validate_main_chain_plane.auth_asym_id             A 
_pdbx_validate_main_chain_plane.auth_seq_id              96 
_pdbx_validate_main_chain_plane.PDB_ins_code             ? 
_pdbx_validate_main_chain_plane.label_alt_id             ? 
_pdbx_validate_main_chain_plane.improper_torsion_angle   -10.76 
# 
_pdbx_nmr_ensemble.entry_id                                      2FZ5 
_pdbx_nmr_ensemble.conformers_calculated_total_number            3000 
_pdbx_nmr_ensemble.conformers_submitted_total_number             1 
_pdbx_nmr_ensemble.conformer_selection_criteria                  ? 
_pdbx_nmr_ensemble.average_constraints_per_residue               ? 
_pdbx_nmr_ensemble.average_constraint_violations_per_residue     ? 
_pdbx_nmr_ensemble.maximum_distance_constraint_violation         ? 
_pdbx_nmr_ensemble.average_distance_constraint_violation         ? 
_pdbx_nmr_ensemble.maximum_upper_distance_constraint_violation   ? 
_pdbx_nmr_ensemble.maximum_lower_distance_constraint_violation   ? 
_pdbx_nmr_ensemble.distance_constraint_violation_method          ? 
_pdbx_nmr_ensemble.maximum_torsion_angle_constraint_violation    ? 
_pdbx_nmr_ensemble.average_torsion_angle_constraint_violation    ? 
_pdbx_nmr_ensemble.torsion_angle_constraint_violation_method     ? 
# 
_pdbx_nmr_representative.entry_id             2FZ5 
_pdbx_nmr_representative.conformer_id         1 
_pdbx_nmr_representative.selection_criteria   'averaging the restrained molecular dynamics trajectory in the range 60-120 ps.' 
# 
loop_
_pdbx_nmr_sample_details.solution_id 
_pdbx_nmr_sample_details.contents 
_pdbx_nmr_sample_details.solvent_system 
1 '6-10 mM protein, potassium phosphate/potassium pyrophosphate 75-200 mM, pH 8.3, 90% H2O, 10% D2O' '90% H2O/10% D2O' 
2 '6-10 mM protein, potassium phosphate/potassium pyrophosphate 75-200 mM, pH 8.3, 99.9% D2O'        '99.9% D2O'       
# 
loop_
_pdbx_nmr_exptl_sample_conditions.conditions_id 
_pdbx_nmr_exptl_sample_conditions.temperature 
_pdbx_nmr_exptl_sample_conditions.pressure 
_pdbx_nmr_exptl_sample_conditions.pH 
_pdbx_nmr_exptl_sample_conditions.ionic_strength 
_pdbx_nmr_exptl_sample_conditions.pressure_units 
_pdbx_nmr_exptl_sample_conditions.temperature_units 
1 303 ? 8.3 ? . K 
2 306 ? 8.3 ? . K 
3 310 ? 8.3 ? . K 
4 314 ? 8.3 ? . K 
5 316 ? 8.3 ? . K 
# 
loop_
_pdbx_nmr_exptl.experiment_id 
_pdbx_nmr_exptl.conditions_id 
_pdbx_nmr_exptl.type 
_pdbx_nmr_exptl.solution_id 
1 1 COSY                                         1 
2 1 'double quantum filtered COSY'               1 
3 1 'NOESY (mixing 200ms)'                       1 
4 1 'NOESY (mixing 50, 100, 150 ms)'             4 
5 1 'Double Quantum spectra'                     1 
6 1 'Homonuclear Hartmann Hahn transfer spectra' 1 
# 
_pdbx_nmr_details.entry_id   2FZ5 
_pdbx_nmr_details.text       
;NOESY spectra had mixing times 50, 100, 150 and 200 ms. Double Quantum spectra had a delay of 32 ms. Homonuclear Hartmann Hahn transfer spectra (using MLEV-17 composite pulse cycling) had mixing times 10-160 ms
;
# 
_pdbx_nmr_refine.entry_id           2FZ5 
_pdbx_nmr_refine.method             'restrained molecular dynamics' 
_pdbx_nmr_refine.details            
;The Xray structure of the semiquinone state of Clostridium MP flavodoxin was used as a starting structure 
for restrained molecular dynamics (RMD) calculations in vacuo (van Mierlo et al. Eur. J. Biochem. 194, 185 - 198 (1990)). 
509 distance restraints, 293 medium, 216 long-range were used in refinement. One 
repulsive restraint, between N5H of FMN and NH of E60 was included. RMD run was of 120 ps. During the first 50 ps 
the force constant was gradually increased to a high value of 4000 kJmol-1nm-2. From 50 ps on, the force constant was kept 
constant. The time span of 60-120 ps, at a time resolution of 0.02 ps, was used for calculating 
the average structure. The time-averaged (not energy minimised) structure has a potential energy 
-2278 +/- 122 kJmol-1, time-averaged sum of all violations is 2.27 nm, largest 
occuring violation is 66 pm
;
_pdbx_nmr_refine.software_ordinal   1 
# 
loop_
_pdbx_nmr_software.classification 
_pdbx_nmr_software.name 
_pdbx_nmr_software.version 
_pdbx_nmr_software.authors 
_pdbx_nmr_software.ordinal 
collection           DISNMR ? Bruker                        1 
'structure solution' GROMOS ? 'van Gunsteren and Berendsen' 2 
refinement           GROMOS ? 'van Gunsteren and Berendsen' 3 
# 
loop_
_chem_comp_atom.comp_id 
_chem_comp_atom.atom_id 
_chem_comp_atom.type_symbol 
_chem_comp_atom.pdbx_aromatic_flag 
_chem_comp_atom.pdbx_stereo_config 
_chem_comp_atom.pdbx_ordinal 
ALA N      N N N 1   
ALA CA     C N S 2   
ALA C      C N N 3   
ALA O      O N N 4   
ALA CB     C N N 5   
ALA OXT    O N N 6   
ALA H      H N N 7   
ALA H2     H N N 8   
ALA HA     H N N 9   
ALA HB1    H N N 10  
ALA HB2    H N N 11  
ALA HB3    H N N 12  
ALA HXT    H N N 13  
ARG N      N N N 14  
ARG CA     C N S 15  
ARG C      C N N 16  
ARG O      O N N 17  
ARG CB     C N N 18  
ARG CG     C N N 19  
ARG CD     C N N 20  
ARG NE     N N N 21  
ARG CZ     C N N 22  
ARG NH1    N N N 23  
ARG NH2    N N N 24  
ARG OXT    O N N 25  
ARG H      H N N 26  
ARG H2     H N N 27  
ARG HA     H N N 28  
ARG HB2    H N N 29  
ARG HB3    H N N 30  
ARG HG2    H N N 31  
ARG HG3    H N N 32  
ARG HD2    H N N 33  
ARG HD3    H N N 34  
ARG HE     H N N 35  
ARG HH11   H N N 36  
ARG HH12   H N N 37  
ARG HH21   H N N 38  
ARG HH22   H N N 39  
ARG HXT    H N N 40  
ASN N      N N N 41  
ASN CA     C N S 42  
ASN C      C N N 43  
ASN O      O N N 44  
ASN CB     C N N 45  
ASN CG     C N N 46  
ASN OD1    O N N 47  
ASN ND2    N N N 48  
ASN OXT    O N N 49  
ASN H      H N N 50  
ASN H2     H N N 51  
ASN HA     H N N 52  
ASN HB2    H N N 53  
ASN HB3    H N N 54  
ASN HD21   H N N 55  
ASN HD22   H N N 56  
ASN HXT    H N N 57  
ASP N      N N N 58  
ASP CA     C N S 59  
ASP C      C N N 60  
ASP O      O N N 61  
ASP CB     C N N 62  
ASP CG     C N N 63  
ASP OD1    O N N 64  
ASP OD2    O N N 65  
ASP OXT    O N N 66  
ASP H      H N N 67  
ASP H2     H N N 68  
ASP HA     H N N 69  
ASP HB2    H N N 70  
ASP HB3    H N N 71  
ASP HD2    H N N 72  
ASP HXT    H N N 73  
CYS N      N N N 74  
CYS CA     C N R 75  
CYS C      C N N 76  
CYS O      O N N 77  
CYS CB     C N N 78  
CYS SG     S N N 79  
CYS OXT    O N N 80  
CYS H      H N N 81  
CYS H2     H N N 82  
CYS HA     H N N 83  
CYS HB2    H N N 84  
CYS HB3    H N N 85  
CYS HG     H N N 86  
CYS HXT    H N N 87  
FNR C9A    C Y N 88  
FNR N10    N N N 89  
FNR CAA    C N N 90  
FNR N1     N N N 91  
FNR C2     C N N 92  
FNR O2     O N N 93  
FNR N3     N N N 94  
FNR C4     C N N 95  
FNR O4     O N N 96  
FNR C4A    C N N 97  
FNR N5     N N N 98  
FNR C5A    C Y N 99  
FNR C6     C Y N 100 
FNR C7     C Y N 101 
FNR C7M    C N N 102 
FNR C8     C Y N 103 
FNR C8M    C N N 104 
FNR C9     C Y N 105 
FNR "C1'"  C N N 106 
FNR "C2'"  C N S 107 
FNR "O2'"  O N N 108 
FNR "C3'"  C N S 109 
FNR "O3'"  O N N 110 
FNR "C4'"  C N R 111 
FNR "O4'"  O N N 112 
FNR "C5'"  C N N 113 
FNR "O5'"  O N N 114 
FNR P      P N N 115 
FNR O1P    O N N 116 
FNR O2P    O N N 117 
FNR O3P    O N N 118 
FNR HN1    H N N 119 
FNR H3     H N N 120 
FNR H5     H N N 121 
FNR H7     H N N 122 
FNR H7M1   H N N 123 
FNR H7M2   H N N 124 
FNR H7M3   H N N 125 
FNR H8M1   H N N 126 
FNR H8M2   H N N 127 
FNR H8M3   H N N 128 
FNR H9     H N N 129 
FNR "H1'1" H N N 130 
FNR "H1'2" H N N 131 
FNR H6     H N N 132 
FNR "H2'"  H N N 133 
FNR H4     H N N 134 
FNR "H3'"  H N N 135 
FNR H2     H N N 136 
FNR "H4'"  H N N 137 
FNR "H5'1" H N N 138 
FNR "H5'2" H N N 139 
FNR H1     H N N 140 
FNR H3P    H N N 141 
GLN N      N N N 142 
GLN CA     C N S 143 
GLN C      C N N 144 
GLN O      O N N 145 
GLN CB     C N N 146 
GLN CG     C N N 147 
GLN CD     C N N 148 
GLN OE1    O N N 149 
GLN NE2    N N N 150 
GLN OXT    O N N 151 
GLN H      H N N 152 
GLN H2     H N N 153 
GLN HA     H N N 154 
GLN HB2    H N N 155 
GLN HB3    H N N 156 
GLN HG2    H N N 157 
GLN HG3    H N N 158 
GLN HE21   H N N 159 
GLN HE22   H N N 160 
GLN HXT    H N N 161 
GLU N      N N N 162 
GLU CA     C N S 163 
GLU C      C N N 164 
GLU O      O N N 165 
GLU CB     C N N 166 
GLU CG     C N N 167 
GLU CD     C N N 168 
GLU OE1    O N N 169 
GLU OE2    O N N 170 
GLU OXT    O N N 171 
GLU H      H N N 172 
GLU H2     H N N 173 
GLU HA     H N N 174 
GLU HB2    H N N 175 
GLU HB3    H N N 176 
GLU HG2    H N N 177 
GLU HG3    H N N 178 
GLU HE2    H N N 179 
GLU HXT    H N N 180 
GLY N      N N N 181 
GLY CA     C N N 182 
GLY C      C N N 183 
GLY O      O N N 184 
GLY OXT    O N N 185 
GLY H      H N N 186 
GLY H2     H N N 187 
GLY HA2    H N N 188 
GLY HA3    H N N 189 
GLY HXT    H N N 190 
ILE N      N N N 191 
ILE CA     C N S 192 
ILE C      C N N 193 
ILE O      O N N 194 
ILE CB     C N S 195 
ILE CG1    C N N 196 
ILE CG2    C N N 197 
ILE CD1    C N N 198 
ILE OXT    O N N 199 
ILE H      H N N 200 
ILE H2     H N N 201 
ILE HA     H N N 202 
ILE HB     H N N 203 
ILE HG12   H N N 204 
ILE HG13   H N N 205 
ILE HG21   H N N 206 
ILE HG22   H N N 207 
ILE HG23   H N N 208 
ILE HD11   H N N 209 
ILE HD12   H N N 210 
ILE HD13   H N N 211 
ILE HXT    H N N 212 
LEU N      N N N 213 
LEU CA     C N S 214 
LEU C      C N N 215 
LEU O      O N N 216 
LEU CB     C N N 217 
LEU CG     C N N 218 
LEU CD1    C N N 219 
LEU CD2    C N N 220 
LEU OXT    O N N 221 
LEU H      H N N 222 
LEU H2     H N N 223 
LEU HA     H N N 224 
LEU HB2    H N N 225 
LEU HB3    H N N 226 
LEU HG     H N N 227 
LEU HD11   H N N 228 
LEU HD12   H N N 229 
LEU HD13   H N N 230 
LEU HD21   H N N 231 
LEU HD22   H N N 232 
LEU HD23   H N N 233 
LEU HXT    H N N 234 
LYS N      N N N 235 
LYS CA     C N S 236 
LYS C      C N N 237 
LYS O      O N N 238 
LYS CB     C N N 239 
LYS CG     C N N 240 
LYS CD     C N N 241 
LYS CE     C N N 242 
LYS NZ     N N N 243 
LYS OXT    O N N 244 
LYS H      H N N 245 
LYS H2     H N N 246 
LYS HA     H N N 247 
LYS HB2    H N N 248 
LYS HB3    H N N 249 
LYS HG2    H N N 250 
LYS HG3    H N N 251 
LYS HD2    H N N 252 
LYS HD3    H N N 253 
LYS HE2    H N N 254 
LYS HE3    H N N 255 
LYS HZ1    H N N 256 
LYS HZ2    H N N 257 
LYS HZ3    H N N 258 
LYS HXT    H N N 259 
MET N      N N N 260 
MET CA     C N S 261 
MET C      C N N 262 
MET O      O N N 263 
MET CB     C N N 264 
MET CG     C N N 265 
MET SD     S N N 266 
MET CE     C N N 267 
MET OXT    O N N 268 
MET H      H N N 269 
MET H2     H N N 270 
MET HA     H N N 271 
MET HB2    H N N 272 
MET HB3    H N N 273 
MET HG2    H N N 274 
MET HG3    H N N 275 
MET HE1    H N N 276 
MET HE2    H N N 277 
MET HE3    H N N 278 
MET HXT    H N N 279 
PHE N      N N N 280 
PHE CA     C N S 281 
PHE C      C N N 282 
PHE O      O N N 283 
PHE CB     C N N 284 
PHE CG     C Y N 285 
PHE CD1    C Y N 286 
PHE CD2    C Y N 287 
PHE CE1    C Y N 288 
PHE CE2    C Y N 289 
PHE CZ     C Y N 290 
PHE OXT    O N N 291 
PHE H      H N N 292 
PHE H2     H N N 293 
PHE HA     H N N 294 
PHE HB2    H N N 295 
PHE HB3    H N N 296 
PHE HD1    H N N 297 
PHE HD2    H N N 298 
PHE HE1    H N N 299 
PHE HE2    H N N 300 
PHE HZ     H N N 301 
PHE HXT    H N N 302 
PRO N      N N N 303 
PRO CA     C N S 304 
PRO C      C N N 305 
PRO O      O N N 306 
PRO CB     C N N 307 
PRO CG     C N N 308 
PRO CD     C N N 309 
PRO OXT    O N N 310 
PRO H      H N N 311 
PRO HA     H N N 312 
PRO HB2    H N N 313 
PRO HB3    H N N 314 
PRO HG2    H N N 315 
PRO HG3    H N N 316 
PRO HD2    H N N 317 
PRO HD3    H N N 318 
PRO HXT    H N N 319 
SER N      N N N 320 
SER CA     C N S 321 
SER C      C N N 322 
SER O      O N N 323 
SER CB     C N N 324 
SER OG     O N N 325 
SER OXT    O N N 326 
SER H      H N N 327 
SER H2     H N N 328 
SER HA     H N N 329 
SER HB2    H N N 330 
SER HB3    H N N 331 
SER HG     H N N 332 
SER HXT    H N N 333 
THR N      N N N 334 
THR CA     C N S 335 
THR C      C N N 336 
THR O      O N N 337 
THR CB     C N R 338 
THR OG1    O N N 339 
THR CG2    C N N 340 
THR OXT    O N N 341 
THR H      H N N 342 
THR H2     H N N 343 
THR HA     H N N 344 
THR HB     H N N 345 
THR HG1    H N N 346 
THR HG21   H N N 347 
THR HG22   H N N 348 
THR HG23   H N N 349 
THR HXT    H N N 350 
TRP N      N N N 351 
TRP CA     C N S 352 
TRP C      C N N 353 
TRP O      O N N 354 
TRP CB     C N N 355 
TRP CG     C Y N 356 
TRP CD1    C Y N 357 
TRP CD2    C Y N 358 
TRP NE1    N Y N 359 
TRP CE2    C Y N 360 
TRP CE3    C Y N 361 
TRP CZ2    C Y N 362 
TRP CZ3    C Y N 363 
TRP CH2    C Y N 364 
TRP OXT    O N N 365 
TRP H      H N N 366 
TRP H2     H N N 367 
TRP HA     H N N 368 
TRP HB2    H N N 369 
TRP HB3    H N N 370 
TRP HD1    H N N 371 
TRP HE1    H N N 372 
TRP HE3    H N N 373 
TRP HZ2    H N N 374 
TRP HZ3    H N N 375 
TRP HH2    H N N 376 
TRP HXT    H N N 377 
TYR N      N N N 378 
TYR CA     C N S 379 
TYR C      C N N 380 
TYR O      O N N 381 
TYR CB     C N N 382 
TYR CG     C Y N 383 
TYR CD1    C Y N 384 
TYR CD2    C Y N 385 
TYR CE1    C Y N 386 
TYR CE2    C Y N 387 
TYR CZ     C Y N 388 
TYR OH     O N N 389 
TYR OXT    O N N 390 
TYR H      H N N 391 
TYR H2     H N N 392 
TYR HA     H N N 393 
TYR HB2    H N N 394 
TYR HB3    H N N 395 
TYR HD1    H N N 396 
TYR HD2    H N N 397 
TYR HE1    H N N 398 
TYR HE2    H N N 399 
TYR HH     H N N 400 
TYR HXT    H N N 401 
VAL N      N N N 402 
VAL CA     C N S 403 
VAL C      C N N 404 
VAL O      O N N 405 
VAL CB     C N N 406 
VAL CG1    C N N 407 
VAL CG2    C N N 408 
VAL OXT    O N N 409 
VAL H      H N N 410 
VAL H2     H N N 411 
VAL HA     H N N 412 
VAL HB     H N N 413 
VAL HG11   H N N 414 
VAL HG12   H N N 415 
VAL HG13   H N N 416 
VAL HG21   H N N 417 
VAL HG22   H N N 418 
VAL HG23   H N N 419 
VAL HXT    H N N 420 
# 
loop_
_chem_comp_bond.comp_id 
_chem_comp_bond.atom_id_1 
_chem_comp_bond.atom_id_2 
_chem_comp_bond.value_order 
_chem_comp_bond.pdbx_aromatic_flag 
_chem_comp_bond.pdbx_stereo_config 
_chem_comp_bond.pdbx_ordinal 
ALA N     CA     sing N N 1   
ALA N     H      sing N N 2   
ALA N     H2     sing N N 3   
ALA CA    C      sing N N 4   
ALA CA    CB     sing N N 5   
ALA CA    HA     sing N N 6   
ALA C     O      doub N N 7   
ALA C     OXT    sing N N 8   
ALA CB    HB1    sing N N 9   
ALA CB    HB2    sing N N 10  
ALA CB    HB3    sing N N 11  
ALA OXT   HXT    sing N N 12  
ARG N     CA     sing N N 13  
ARG N     H      sing N N 14  
ARG N     H2     sing N N 15  
ARG CA    C      sing N N 16  
ARG CA    CB     sing N N 17  
ARG CA    HA     sing N N 18  
ARG C     O      doub N N 19  
ARG C     OXT    sing N N 20  
ARG CB    CG     sing N N 21  
ARG CB    HB2    sing N N 22  
ARG CB    HB3    sing N N 23  
ARG CG    CD     sing N N 24  
ARG CG    HG2    sing N N 25  
ARG CG    HG3    sing N N 26  
ARG CD    NE     sing N N 27  
ARG CD    HD2    sing N N 28  
ARG CD    HD3    sing N N 29  
ARG NE    CZ     sing N N 30  
ARG NE    HE     sing N N 31  
ARG CZ    NH1    sing N N 32  
ARG CZ    NH2    doub N N 33  
ARG NH1   HH11   sing N N 34  
ARG NH1   HH12   sing N N 35  
ARG NH2   HH21   sing N N 36  
ARG NH2   HH22   sing N N 37  
ARG OXT   HXT    sing N N 38  
ASN N     CA     sing N N 39  
ASN N     H      sing N N 40  
ASN N     H2     sing N N 41  
ASN CA    C      sing N N 42  
ASN CA    CB     sing N N 43  
ASN CA    HA     sing N N 44  
ASN C     O      doub N N 45  
ASN C     OXT    sing N N 46  
ASN CB    CG     sing N N 47  
ASN CB    HB2    sing N N 48  
ASN CB    HB3    sing N N 49  
ASN CG    OD1    doub N N 50  
ASN CG    ND2    sing N N 51  
ASN ND2   HD21   sing N N 52  
ASN ND2   HD22   sing N N 53  
ASN OXT   HXT    sing N N 54  
ASP N     CA     sing N N 55  
ASP N     H      sing N N 56  
ASP N     H2     sing N N 57  
ASP CA    C      sing N N 58  
ASP CA    CB     sing N N 59  
ASP CA    HA     sing N N 60  
ASP C     O      doub N N 61  
ASP C     OXT    sing N N 62  
ASP CB    CG     sing N N 63  
ASP CB    HB2    sing N N 64  
ASP CB    HB3    sing N N 65  
ASP CG    OD1    doub N N 66  
ASP CG    OD2    sing N N 67  
ASP OD2   HD2    sing N N 68  
ASP OXT   HXT    sing N N 69  
CYS N     CA     sing N N 70  
CYS N     H      sing N N 71  
CYS N     H2     sing N N 72  
CYS CA    C      sing N N 73  
CYS CA    CB     sing N N 74  
CYS CA    HA     sing N N 75  
CYS C     O      doub N N 76  
CYS C     OXT    sing N N 77  
CYS CB    SG     sing N N 78  
CYS CB    HB2    sing N N 79  
CYS CB    HB3    sing N N 80  
CYS SG    HG     sing N N 81  
CYS OXT   HXT    sing N N 82  
FNR C9A   N10    sing N N 83  
FNR C9A   C5A    doub Y N 84  
FNR C9A   C9     sing Y N 85  
FNR N10   CAA    sing N N 86  
FNR N10   "C1'"  sing N N 87  
FNR CAA   N1     sing N N 88  
FNR CAA   C4A    doub N N 89  
FNR N1    C2     sing N N 90  
FNR N1    HN1    sing N N 91  
FNR C2    O2     doub N N 92  
FNR C2    N3     sing N N 93  
FNR N3    C4     sing N N 94  
FNR N3    H3     sing N N 95  
FNR C4    O4     doub N N 96  
FNR C4    C4A    sing N N 97  
FNR C4A   N5     sing N N 98  
FNR N5    C5A    sing N N 99  
FNR N5    H5     sing N N 100 
FNR C5A   C6     sing Y N 101 
FNR C6    C7     doub Y N 102 
FNR C6    H7     sing N N 103 
FNR C7    C7M    sing N N 104 
FNR C7    C8     sing Y N 105 
FNR C7M   H7M1   sing N N 106 
FNR C7M   H7M2   sing N N 107 
FNR C7M   H7M3   sing N N 108 
FNR C8    C8M    sing N N 109 
FNR C8    C9     doub Y N 110 
FNR C8M   H8M1   sing N N 111 
FNR C8M   H8M2   sing N N 112 
FNR C8M   H8M3   sing N N 113 
FNR C9    H9     sing N N 114 
FNR "C1'" "C2'"  sing N N 115 
FNR "C1'" "H1'1" sing N N 116 
FNR "C1'" "H1'2" sing N N 117 
FNR "C2'" "O2'"  sing N N 118 
FNR "C2'" "C3'"  sing N N 119 
FNR "C2'" H6     sing N N 120 
FNR "O2'" "H2'"  sing N N 121 
FNR "C3'" "O3'"  sing N N 122 
FNR "C3'" "C4'"  sing N N 123 
FNR "C3'" H4     sing N N 124 
FNR "O3'" "H3'"  sing N N 125 
FNR "C4'" "O4'"  sing N N 126 
FNR "C4'" "C5'"  sing N N 127 
FNR "C4'" H2     sing N N 128 
FNR "O4'" "H4'"  sing N N 129 
FNR "C5'" "O5'"  sing N N 130 
FNR "C5'" "H5'1" sing N N 131 
FNR "C5'" "H5'2" sing N N 132 
FNR "O5'" P      sing N N 133 
FNR P     O1P    sing N N 134 
FNR P     O2P    doub N N 135 
FNR P     O3P    sing N N 136 
FNR O1P   H1     sing N N 137 
FNR O3P   H3P    sing N N 138 
GLN N     CA     sing N N 139 
GLN N     H      sing N N 140 
GLN N     H2     sing N N 141 
GLN CA    C      sing N N 142 
GLN CA    CB     sing N N 143 
GLN CA    HA     sing N N 144 
GLN C     O      doub N N 145 
GLN C     OXT    sing N N 146 
GLN CB    CG     sing N N 147 
GLN CB    HB2    sing N N 148 
GLN CB    HB3    sing N N 149 
GLN CG    CD     sing N N 150 
GLN CG    HG2    sing N N 151 
GLN CG    HG3    sing N N 152 
GLN CD    OE1    doub N N 153 
GLN CD    NE2    sing N N 154 
GLN NE2   HE21   sing N N 155 
GLN NE2   HE22   sing N N 156 
GLN OXT   HXT    sing N N 157 
GLU N     CA     sing N N 158 
GLU N     H      sing N N 159 
GLU N     H2     sing N N 160 
GLU CA    C      sing N N 161 
GLU CA    CB     sing N N 162 
GLU CA    HA     sing N N 163 
GLU C     O      doub N N 164 
GLU C     OXT    sing N N 165 
GLU CB    CG     sing N N 166 
GLU CB    HB2    sing N N 167 
GLU CB    HB3    sing N N 168 
GLU CG    CD     sing N N 169 
GLU CG    HG2    sing N N 170 
GLU CG    HG3    sing N N 171 
GLU CD    OE1    doub N N 172 
GLU CD    OE2    sing N N 173 
GLU OE2   HE2    sing N N 174 
GLU OXT   HXT    sing N N 175 
GLY N     CA     sing N N 176 
GLY N     H      sing N N 177 
GLY N     H2     sing N N 178 
GLY CA    C      sing N N 179 
GLY CA    HA2    sing N N 180 
GLY CA    HA3    sing N N 181 
GLY C     O      doub N N 182 
GLY C     OXT    sing N N 183 
GLY OXT   HXT    sing N N 184 
ILE N     CA     sing N N 185 
ILE N     H      sing N N 186 
ILE N     H2     sing N N 187 
ILE CA    C      sing N N 188 
ILE CA    CB     sing N N 189 
ILE CA    HA     sing N N 190 
ILE C     O      doub N N 191 
ILE C     OXT    sing N N 192 
ILE CB    CG1    sing N N 193 
ILE CB    CG2    sing N N 194 
ILE CB    HB     sing N N 195 
ILE CG1   CD1    sing N N 196 
ILE CG1   HG12   sing N N 197 
ILE CG1   HG13   sing N N 198 
ILE CG2   HG21   sing N N 199 
ILE CG2   HG22   sing N N 200 
ILE CG2   HG23   sing N N 201 
ILE CD1   HD11   sing N N 202 
ILE CD1   HD12   sing N N 203 
ILE CD1   HD13   sing N N 204 
ILE OXT   HXT    sing N N 205 
LEU N     CA     sing N N 206 
LEU N     H      sing N N 207 
LEU N     H2     sing N N 208 
LEU CA    C      sing N N 209 
LEU CA    CB     sing N N 210 
LEU CA    HA     sing N N 211 
LEU C     O      doub N N 212 
LEU C     OXT    sing N N 213 
LEU CB    CG     sing N N 214 
LEU CB    HB2    sing N N 215 
LEU CB    HB3    sing N N 216 
LEU CG    CD1    sing N N 217 
LEU CG    CD2    sing N N 218 
LEU CG    HG     sing N N 219 
LEU CD1   HD11   sing N N 220 
LEU CD1   HD12   sing N N 221 
LEU CD1   HD13   sing N N 222 
LEU CD2   HD21   sing N N 223 
LEU CD2   HD22   sing N N 224 
LEU CD2   HD23   sing N N 225 
LEU OXT   HXT    sing N N 226 
LYS N     CA     sing N N 227 
LYS N     H      sing N N 228 
LYS N     H2     sing N N 229 
LYS CA    C      sing N N 230 
LYS CA    CB     sing N N 231 
LYS CA    HA     sing N N 232 
LYS C     O      doub N N 233 
LYS C     OXT    sing N N 234 
LYS CB    CG     sing N N 235 
LYS CB    HB2    sing N N 236 
LYS CB    HB3    sing N N 237 
LYS CG    CD     sing N N 238 
LYS CG    HG2    sing N N 239 
LYS CG    HG3    sing N N 240 
LYS CD    CE     sing N N 241 
LYS CD    HD2    sing N N 242 
LYS CD    HD3    sing N N 243 
LYS CE    NZ     sing N N 244 
LYS CE    HE2    sing N N 245 
LYS CE    HE3    sing N N 246 
LYS NZ    HZ1    sing N N 247 
LYS NZ    HZ2    sing N N 248 
LYS NZ    HZ3    sing N N 249 
LYS OXT   HXT    sing N N 250 
MET N     CA     sing N N 251 
MET N     H      sing N N 252 
MET N     H2     sing N N 253 
MET CA    C      sing N N 254 
MET CA    CB     sing N N 255 
MET CA    HA     sing N N 256 
MET C     O      doub N N 257 
MET C     OXT    sing N N 258 
MET CB    CG     sing N N 259 
MET CB    HB2    sing N N 260 
MET CB    HB3    sing N N 261 
MET CG    SD     sing N N 262 
MET CG    HG2    sing N N 263 
MET CG    HG3    sing N N 264 
MET SD    CE     sing N N 265 
MET CE    HE1    sing N N 266 
MET CE    HE2    sing N N 267 
MET CE    HE3    sing N N 268 
MET OXT   HXT    sing N N 269 
PHE N     CA     sing N N 270 
PHE N     H      sing N N 271 
PHE N     H2     sing N N 272 
PHE CA    C      sing N N 273 
PHE CA    CB     sing N N 274 
PHE CA    HA     sing N N 275 
PHE C     O      doub N N 276 
PHE C     OXT    sing N N 277 
PHE CB    CG     sing N N 278 
PHE CB    HB2    sing N N 279 
PHE CB    HB3    sing N N 280 
PHE CG    CD1    doub Y N 281 
PHE CG    CD2    sing Y N 282 
PHE CD1   CE1    sing Y N 283 
PHE CD1   HD1    sing N N 284 
PHE CD2   CE2    doub Y N 285 
PHE CD2   HD2    sing N N 286 
PHE CE1   CZ     doub Y N 287 
PHE CE1   HE1    sing N N 288 
PHE CE2   CZ     sing Y N 289 
PHE CE2   HE2    sing N N 290 
PHE CZ    HZ     sing N N 291 
PHE OXT   HXT    sing N N 292 
PRO N     CA     sing N N 293 
PRO N     CD     sing N N 294 
PRO N     H      sing N N 295 
PRO CA    C      sing N N 296 
PRO CA    CB     sing N N 297 
PRO CA    HA     sing N N 298 
PRO C     O      doub N N 299 
PRO C     OXT    sing N N 300 
PRO CB    CG     sing N N 301 
PRO CB    HB2    sing N N 302 
PRO CB    HB3    sing N N 303 
PRO CG    CD     sing N N 304 
PRO CG    HG2    sing N N 305 
PRO CG    HG3    sing N N 306 
PRO CD    HD2    sing N N 307 
PRO CD    HD3    sing N N 308 
PRO OXT   HXT    sing N N 309 
SER N     CA     sing N N 310 
SER N     H      sing N N 311 
SER N     H2     sing N N 312 
SER CA    C      sing N N 313 
SER CA    CB     sing N N 314 
SER CA    HA     sing N N 315 
SER C     O      doub N N 316 
SER C     OXT    sing N N 317 
SER CB    OG     sing N N 318 
SER CB    HB2    sing N N 319 
SER CB    HB3    sing N N 320 
SER OG    HG     sing N N 321 
SER OXT   HXT    sing N N 322 
THR N     CA     sing N N 323 
THR N     H      sing N N 324 
THR N     H2     sing N N 325 
THR CA    C      sing N N 326 
THR CA    CB     sing N N 327 
THR CA    HA     sing N N 328 
THR C     O      doub N N 329 
THR C     OXT    sing N N 330 
THR CB    OG1    sing N N 331 
THR CB    CG2    sing N N 332 
THR CB    HB     sing N N 333 
THR OG1   HG1    sing N N 334 
THR CG2   HG21   sing N N 335 
THR CG2   HG22   sing N N 336 
THR CG2   HG23   sing N N 337 
THR OXT   HXT    sing N N 338 
TRP N     CA     sing N N 339 
TRP N     H      sing N N 340 
TRP N     H2     sing N N 341 
TRP CA    C      sing N N 342 
TRP CA    CB     sing N N 343 
TRP CA    HA     sing N N 344 
TRP C     O      doub N N 345 
TRP C     OXT    sing N N 346 
TRP CB    CG     sing N N 347 
TRP CB    HB2    sing N N 348 
TRP CB    HB3    sing N N 349 
TRP CG    CD1    doub Y N 350 
TRP CG    CD2    sing Y N 351 
TRP CD1   NE1    sing Y N 352 
TRP CD1   HD1    sing N N 353 
TRP CD2   CE2    doub Y N 354 
TRP CD2   CE3    sing Y N 355 
TRP NE1   CE2    sing Y N 356 
TRP NE1   HE1    sing N N 357 
TRP CE2   CZ2    sing Y N 358 
TRP CE3   CZ3    doub Y N 359 
TRP CE3   HE3    sing N N 360 
TRP CZ2   CH2    doub Y N 361 
TRP CZ2   HZ2    sing N N 362 
TRP CZ3   CH2    sing Y N 363 
TRP CZ3   HZ3    sing N N 364 
TRP CH2   HH2    sing N N 365 
TRP OXT   HXT    sing N N 366 
TYR N     CA     sing N N 367 
TYR N     H      sing N N 368 
TYR N     H2     sing N N 369 
TYR CA    C      sing N N 370 
TYR CA    CB     sing N N 371 
TYR CA    HA     sing N N 372 
TYR C     O      doub N N 373 
TYR C     OXT    sing N N 374 
TYR CB    CG     sing N N 375 
TYR CB    HB2    sing N N 376 
TYR CB    HB3    sing N N 377 
TYR CG    CD1    doub Y N 378 
TYR CG    CD2    sing Y N 379 
TYR CD1   CE1    sing Y N 380 
TYR CD1   HD1    sing N N 381 
TYR CD2   CE2    doub Y N 382 
TYR CD2   HD2    sing N N 383 
TYR CE1   CZ     doub Y N 384 
TYR CE1   HE1    sing N N 385 
TYR CE2   CZ     sing Y N 386 
TYR CE2   HE2    sing N N 387 
TYR CZ    OH     sing N N 388 
TYR OH    HH     sing N N 389 
TYR OXT   HXT    sing N N 390 
VAL N     CA     sing N N 391 
VAL N     H      sing N N 392 
VAL N     H2     sing N N 393 
VAL CA    C      sing N N 394 
VAL CA    CB     sing N N 395 
VAL CA    HA     sing N N 396 
VAL C     O      doub N N 397 
VAL C     OXT    sing N N 398 
VAL CB    CG1    sing N N 399 
VAL CB    CG2    sing N N 400 
VAL CB    HB     sing N N 401 
VAL CG1   HG11   sing N N 402 
VAL CG1   HG12   sing N N 403 
VAL CG1   HG13   sing N N 404 
VAL CG2   HG21   sing N N 405 
VAL CG2   HG22   sing N N 406 
VAL CG2   HG23   sing N N 407 
VAL OXT   HXT    sing N N 408 
# 
loop_
_pdbx_nmr_spectrometer.spectrometer_id 
_pdbx_nmr_spectrometer.model 
_pdbx_nmr_spectrometer.manufacturer 
_pdbx_nmr_spectrometer.field_strength 
_pdbx_nmr_spectrometer.type 
1 WM Bruker 500 ? 
2 AM Bruker 500 ? 
3 AM Bruker 600 ? 
# 
_atom_sites.entry_id                    2FZ5 
_atom_sites.fract_transf_matrix[1][1]   1.000000 
_atom_sites.fract_transf_matrix[1][2]   0.000000 
_atom_sites.fract_transf_matrix[1][3]   0.000000 
_atom_sites.fract_transf_matrix[2][1]   0.000000 
_atom_sites.fract_transf_matrix[2][2]   1.000000 
_atom_sites.fract_transf_matrix[2][3]   0.000000 
_atom_sites.fract_transf_matrix[3][1]   0.000000 
_atom_sites.fract_transf_matrix[3][2]   0.000000 
_atom_sites.fract_transf_matrix[3][3]   1.000000 
_atom_sites.fract_transf_vector[1]      0.00000 
_atom_sites.fract_transf_vector[2]      0.00000 
_atom_sites.fract_transf_vector[3]      0.00000 
# 
loop_
_atom_type.symbol 
C 
H 
N 
O 
P 
S 
# 
loop_
_atom_site.group_PDB 
_atom_site.id 
_atom_site.type_symbol 
_atom_site.label_atom_id 
_atom_site.label_alt_id 
_atom_site.label_comp_id 
_atom_site.label_asym_id 
_atom_site.label_entity_id 
_atom_site.label_seq_id 
_atom_site.pdbx_PDB_ins_code 
_atom_site.Cartn_x 
_atom_site.Cartn_y 
_atom_site.Cartn_z 
_atom_site.occupancy 
_atom_site.B_iso_or_equiv 
_atom_site.pdbx_formal_charge 
_atom_site.auth_seq_id 
_atom_site.auth_comp_id 
_atom_site.auth_asym_id 
_atom_site.auth_atom_id 
_atom_site.pdbx_PDB_model_num 
ATOM   1    N N     . MET A 1 1   ? -5.107  -13.130 4.780   1.00 0.00 ? 1   MET A N     1 
ATOM   2    C CA    . MET A 1 1   ? -4.083  -13.152 3.719   1.00 0.00 ? 1   MET A CA    1 
ATOM   3    C C     . MET A 1 1   ? -3.914  -11.804 2.978   1.00 0.00 ? 1   MET A C     1 
ATOM   4    O O     . MET A 1 1   ? -4.803  -11.336 2.267   1.00 0.00 ? 1   MET A O     1 
ATOM   5    C CB    . MET A 1 1   ? -4.482  -14.248 2.753   1.00 0.00 ? 1   MET A CB    1 
ATOM   6    C CG    . MET A 1 1   ? -3.281  -14.838 2.023   1.00 0.00 ? 1   MET A CG    1 
ATOM   7    S SD    . MET A 1 1   ? -3.933  -16.134 0.910   1.00 0.00 ? 1   MET A SD    1 
ATOM   8    C CE    . MET A 1 1   ? -2.478  -17.134 0.748   1.00 0.00 ? 1   MET A CE    1 
ATOM   9    H H1    . MET A 1 1   ? -5.645  -13.968 4.711   1.00 0.00 ? 1   MET A H1    1 
ATOM   10   H H2    . MET A 1 1   ? -4.674  -13.083 5.678   1.00 0.00 ? 1   MET A H2    1 
ATOM   11   H H3    . MET A 1 1   ? -5.724  -12.345 4.637   1.00 0.00 ? 1   MET A H3    1 
ATOM   12   N N     . VAL A 1 2   ? -2.735  -11.250 3.209   1.00 0.00 ? 2   VAL A N     1 
ATOM   13   C CA    . VAL A 1 2   ? -2.407  -9.894  2.744   1.00 0.00 ? 2   VAL A CA    1 
ATOM   14   C C     . VAL A 1 2   ? -1.214  -9.841  1.779   1.00 0.00 ? 2   VAL A C     1 
ATOM   15   O O     . VAL A 1 2   ? -0.091  -10.209 2.112   1.00 0.00 ? 2   VAL A O     1 
ATOM   16   C CB    . VAL A 1 2   ? -2.298  -8.917  3.927   1.00 0.00 ? 2   VAL A CB    1 
ATOM   17   C CG1   . VAL A 1 2   ? -1.224  -9.286  4.948   1.00 0.00 ? 2   VAL A CG1   1 
ATOM   18   C CG2   . VAL A 1 2   ? -2.140  -7.460  3.460   1.00 0.00 ? 2   VAL A CG2   1 
ATOM   19   H H     . VAL A 1 2   ? -2.007  -11.729 3.699   1.00 0.00 ? 2   VAL A H     1 
ATOM   20   N N     . GLU A 1 3   ? -1.510  -9.276  0.614   1.00 0.00 ? 3   GLU A N     1 
ATOM   21   C CA    . GLU A 1 3   ? -0.465  -8.984  -0.376  1.00 0.00 ? 3   GLU A CA    1 
ATOM   22   C C     . GLU A 1 3   ? -0.023  -7.522  -0.280  1.00 0.00 ? 3   GLU A C     1 
ATOM   23   O O     . GLU A 1 3   ? -0.753  -6.585  -0.615  1.00 0.00 ? 3   GLU A O     1 
ATOM   24   C CB    . GLU A 1 3   ? -0.937  -9.321  -1.796  1.00 0.00 ? 3   GLU A CB    1 
ATOM   25   C CG    . GLU A 1 3   ? 0.276   -9.489  -2.718  1.00 0.00 ? 3   GLU A CG    1 
ATOM   26   C CD    . GLU A 1 3   ? -0.075  -9.755  -4.188  1.00 0.00 ? 3   GLU A CD    1 
ATOM   27   O OE1   . GLU A 1 3   ? -1.276  -9.742  -4.534  1.00 0.00 ? 3   GLU A OE1   1 
ATOM   28   O OE2   . GLU A 1 3   ? 0.875   -9.948  -4.980  1.00 0.00 ? 3   GLU A OE2   1 
ATOM   29   H H     . GLU A 1 3   ? -2.458  -9.037  0.365   1.00 0.00 ? 3   GLU A H     1 
ATOM   30   N N     . ILE A 1 4   ? 1.167   -7.360  0.278   1.00 0.00 ? 4   ILE A N     1 
ATOM   31   C CA    . ILE A 1 4   ? 1.833   -6.059  0.433   1.00 0.00 ? 4   ILE A CA    1 
ATOM   32   C C     . ILE A 1 4   ? 2.740   -5.838  -0.779  1.00 0.00 ? 4   ILE A C     1 
ATOM   33   O O     . ILE A 1 4   ? 3.787   -6.455  -0.947  1.00 0.00 ? 4   ILE A O     1 
ATOM   34   C CB    . ILE A 1 4   ? 2.544   -6.002  1.799   1.00 0.00 ? 4   ILE A CB    1 
ATOM   35   C CG1   . ILE A 1 4   ? 1.498   -6.084  2.926   1.00 0.00 ? 4   ILE A CG1   1 
ATOM   36   C CG2   . ILE A 1 4   ? 3.400   -4.728  1.932   1.00 0.00 ? 4   ILE A CG2   1 
ATOM   37   C CD1   . ILE A 1 4   ? 2.065   -6.315  4.324   1.00 0.00 ? 4   ILE A CD1   1 
ATOM   38   H H     . ILE A 1 4   ? 1.728   -8.168  0.506   1.00 0.00 ? 4   ILE A H     1 
ATOM   39   N N     . VAL A 1 5   ? 2.238   -4.980  -1.668  1.00 0.00 ? 5   VAL A N     1 
ATOM   40   C CA    . VAL A 1 5   ? 2.910   -4.634  -2.926  1.00 0.00 ? 5   VAL A CA    1 
ATOM   41   C C     . VAL A 1 5   ? 3.465   -3.216  -2.837  1.00 0.00 ? 5   VAL A C     1 
ATOM   42   O O     . VAL A 1 5   ? 2.721   -2.240  -2.784  1.00 0.00 ? 5   VAL A O     1 
ATOM   43   C CB    . VAL A 1 5   ? 2.014   -4.732  -4.179  1.00 0.00 ? 5   VAL A CB    1 
ATOM   44   C CG1   . VAL A 1 5   ? 2.711   -5.681  -5.147  1.00 0.00 ? 5   VAL A CG1   1 
ATOM   45   C CG2   . VAL A 1 5   ? 0.569   -5.196  -3.977  1.00 0.00 ? 5   VAL A CG2   1 
ATOM   46   H H     . VAL A 1 5   ? 1.402   -4.453  -1.468  1.00 0.00 ? 5   VAL A H     1 
ATOM   47   N N     . TYR A 1 6   ? 4.782   -3.143  -2.782  1.00 0.00 ? 6   TYR A N     1 
ATOM   48   C CA    . TYR A 1 6   ? 5.491   -1.875  -2.566  1.00 0.00 ? 6   TYR A CA    1 
ATOM   49   C C     . TYR A 1 6   ? 6.468   -1.497  -3.679  1.00 0.00 ? 6   TYR A C     1 
ATOM   50   O O     . TYR A 1 6   ? 6.891   -2.334  -4.475  1.00 0.00 ? 6   TYR A O     1 
ATOM   51   C CB    . TYR A 1 6   ? 6.199   -1.860  -1.196  1.00 0.00 ? 6   TYR A CB    1 
ATOM   52   C CG    . TYR A 1 6   ? 7.106   -3.070  -0.974  1.00 0.00 ? 6   TYR A CG    1 
ATOM   53   C CD1   . TYR A 1 6   ? 8.412   -3.080  -1.493  1.00 0.00 ? 6   TYR A CD1   1 
ATOM   54   C CD2   . TYR A 1 6   ? 6.554   -4.183  -0.301  1.00 0.00 ? 6   TYR A CD2   1 
ATOM   55   C CE1   . TYR A 1 6   ? 9.187   -4.246  -1.375  1.00 0.00 ? 6   TYR A CE1   1 
ATOM   56   C CE2   . TYR A 1 6   ? 7.332   -5.347  -0.174  1.00 0.00 ? 6   TYR A CE2   1 
ATOM   57   C CZ    . TYR A 1 6   ? 8.627   -5.374  -0.717  1.00 0.00 ? 6   TYR A CZ    1 
ATOM   58   O OH    . TYR A 1 6   ? 9.280   -6.569  -0.687  1.00 0.00 ? 6   TYR A OH    1 
ATOM   59   H H     . TYR A 1 6   ? 5.352   -3.963  -2.906  1.00 0.00 ? 6   TYR A H     1 
ATOM   60   H HH    . TYR A 1 6   ? 10.259  -6.433  -0.847  1.00 0.00 ? 6   TYR A HH    1 
ATOM   61   N N     . TRP A 1 7   ? 6.572   -0.192  -3.865  1.00 0.00 ? 7   TRP A N     1 
ATOM   62   C CA    . TRP A 1 7   ? 7.589   0.432   -4.735  1.00 0.00 ? 7   TRP A CA    1 
ATOM   63   C C     . TRP A 1 7   ? 8.540   1.241   -3.849  1.00 0.00 ? 7   TRP A C     1 
ATOM   64   O O     . TRP A 1 7   ? 8.120   2.173   -3.154  1.00 0.00 ? 7   TRP A O     1 
ATOM   65   C CB    . TRP A 1 7   ? 6.906   1.355   -5.742  1.00 0.00 ? 7   TRP A CB    1 
ATOM   66   C CG    . TRP A 1 7   ? 7.878   1.780   -6.846  1.00 0.00 ? 7   TRP A CG    1 
ATOM   67   C CD1   . TRP A 1 7   ? 8.096   1.108   -7.963  1.00 0.00 ? 7   TRP A CD1   1 
ATOM   68   C CD2   . TRP A 1 7   ? 8.730   2.883   -6.836  1.00 0.00 ? 7   TRP A CD2   1 
ATOM   69   N NE1   . TRP A 1 7   ? 9.038   1.717   -8.680  1.00 0.00 ? 7   TRP A NE1   1 
ATOM   70   C CE2   . TRP A 1 7   ? 9.470   2.792   -8.037  1.00 0.00 ? 7   TRP A CE2   1 
ATOM   71   C CE3   . TRP A 1 7   ? 8.965   3.931   -5.919  1.00 0.00 ? 7   TRP A CE3   1 
ATOM   72   C CZ2   . TRP A 1 7   ? 10.452  3.751   -8.345  1.00 0.00 ? 7   TRP A CZ2   1 
ATOM   73   C CZ3   . TRP A 1 7   ? 9.949   4.898   -6.231  1.00 0.00 ? 7   TRP A CZ3   1 
ATOM   74   C CH2   . TRP A 1 7   ? 10.680  4.810   -7.430  1.00 0.00 ? 7   TRP A CH2   1 
ATOM   75   H H     . TRP A 1 7   ? 5.854   0.432   -3.542  1.00 0.00 ? 7   TRP A H     1 
ATOM   76   H HE1   . TRP A 1 7   ? 9.344   1.419   -9.591  1.00 0.00 ? 7   TRP A HE1   1 
ATOM   77   N N     . SER A 1 8   ? 9.793   0.826   -3.837  1.00 0.00 ? 8   SER A N     1 
ATOM   78   C CA    . SER A 1 8   ? 10.814  1.428   -2.958  1.00 0.00 ? 8   SER A CA    1 
ATOM   79   C C     . SER A 1 8   ? 12.028  1.947   -3.723  1.00 0.00 ? 8   SER A C     1 
ATOM   80   O O     . SER A 1 8   ? 12.734  1.172   -4.367  1.00 0.00 ? 8   SER A O     1 
ATOM   81   C CB    . SER A 1 8   ? 11.274  0.420   -1.900  1.00 0.00 ? 8   SER A CB    1 
ATOM   82   O OG    . SER A 1 8   ? 11.758  1.182   -0.791  1.00 0.00 ? 8   SER A OG    1 
ATOM   83   H H     . SER A 1 8   ? 10.126  0.093   -4.435  1.00 0.00 ? 8   SER A H     1 
ATOM   84   H HG    . SER A 1 8   ? 11.033  1.837   -0.570  1.00 0.00 ? 8   SER A HG    1 
ATOM   85   N N     . GLY A 1 9   ? 12.172  3.266   -3.711  1.00 0.00 ? 9   GLY A N     1 
ATOM   86   C CA    . GLY A 1 9   ? 13.337  3.959   -4.296  1.00 0.00 ? 9   GLY A CA    1 
ATOM   87   C C     . GLY A 1 9   ? 14.528  3.934   -3.324  1.00 0.00 ? 9   GLY A C     1 
ATOM   88   O O     . GLY A 1 9   ? 15.504  3.223   -3.533  1.00 0.00 ? 9   GLY A O     1 
ATOM   89   H H     . GLY A 1 9   ? 11.452  3.874   -3.372  1.00 0.00 ? 9   GLY A H     1 
ATOM   90   N N     . THR A 1 10  ? 14.329  4.586   -2.185  1.00 0.00 ? 10  THR A N     1 
ATOM   91   C CA    . THR A 1 10  ? 15.406  4.786   -1.189  1.00 0.00 ? 10  THR A CA    1 
ATOM   92   C C     . THR A 1 10  ? 15.158  4.042   0.136   1.00 0.00 ? 10  THR A C     1 
ATOM   93   O O     . THR A 1 10  ? 15.155  4.650   1.204   1.00 0.00 ? 10  THR A O     1 
ATOM   94   C CB    . THR A 1 10  ? 15.629  6.290   -0.960  1.00 0.00 ? 10  THR A CB    1 
ATOM   95   O OG1   . THR A 1 10  ? 14.369  6.941   -0.734  1.00 0.00 ? 10  THR A OG1   1 
ATOM   96   C CG2   . THR A 1 10  ? 16.424  6.937   -2.097  1.00 0.00 ? 10  THR A CG2   1 
ATOM   97   H H     . THR A 1 10  ? 13.450  4.997   -1.942  1.00 0.00 ? 10  THR A H     1 
ATOM   98   H HG1   . THR A 1 10  ? 14.150  6.830   0.232   1.00 0.00 ? 10  THR A HG1   1 
ATOM   99   N N     . GLY A 1 11  ? 14.813  2.760   0.008   1.00 0.00 ? 11  GLY A N     1 
ATOM   100  C CA    . GLY A 1 11  ? 14.580  1.815   1.139   1.00 0.00 ? 11  GLY A CA    1 
ATOM   101  C C     . GLY A 1 11  ? 13.287  2.022   1.954   1.00 0.00 ? 11  GLY A C     1 
ATOM   102  O O     . GLY A 1 11  ? 12.679  1.067   2.439   1.00 0.00 ? 11  GLY A O     1 
ATOM   103  H H     . GLY A 1 11  ? 14.746  2.337   -0.897  1.00 0.00 ? 11  GLY A H     1 
ATOM   104  N N     . ASN A 1 12  ? 12.859  3.272   2.009   1.00 0.00 ? 12  ASN A N     1 
ATOM   105  C CA    . ASN A 1 12  ? 11.715  3.820   2.789   1.00 0.00 ? 12  ASN A CA    1 
ATOM   106  C C     . ASN A 1 12  ? 10.470  2.925   2.882   1.00 0.00 ? 12  ASN A C     1 
ATOM   107  O O     . ASN A 1 12  ? 10.156  2.380   3.938   1.00 0.00 ? 12  ASN A O     1 
ATOM   108  C CB    . ASN A 1 12  ? 11.424  5.226   2.231   1.00 0.00 ? 12  ASN A CB    1 
ATOM   109  C CG    . ASN A 1 12  ? 11.102  5.249   0.738   1.00 0.00 ? 12  ASN A CG    1 
ATOM   110  O OD1   . ASN A 1 12  ? 11.946  5.011   -0.142  1.00 0.00 ? 12  ASN A OD1   1 
ATOM   111  N ND2   . ASN A 1 12  ? 9.857   5.410   0.406   1.00 0.00 ? 12  ASN A ND2   1 
ATOM   112  H H     . ASN A 1 12  ? 13.356  3.975   1.494   1.00 0.00 ? 12  ASN A H     1 
ATOM   113  H HD21  . ASN A 1 12  ? 9.176   5.646   1.124   1.00 0.00 ? 12  ASN A HD21  1 
ATOM   114  H HD22  . ASN A 1 12  ? 9.611   5.409   -0.554  1.00 0.00 ? 12  ASN A HD22  1 
ATOM   115  N N     . THR A 1 13  ? 9.799   2.706   1.741   1.00 0.00 ? 13  THR A N     1 
ATOM   116  C CA    . THR A 1 13  ? 8.584   1.879   1.638   1.00 0.00 ? 13  THR A CA    1 
ATOM   117  C C     . THR A 1 13  ? 8.775   0.382   1.916   1.00 0.00 ? 13  THR A C     1 
ATOM   118  O O     . THR A 1 13  ? 7.843   -0.259  2.391   1.00 0.00 ? 13  THR A O     1 
ATOM   119  C CB    . THR A 1 13  ? 7.877   2.047   0.294   1.00 0.00 ? 13  THR A CB    1 
ATOM   120  O OG1   . THR A 1 13  ? 8.820   2.503   -0.681  1.00 0.00 ? 13  THR A OG1   1 
ATOM   121  C CG2   . THR A 1 13  ? 6.674   2.986   0.416   1.00 0.00 ? 13  THR A CG2   1 
ATOM   122  H H     . THR A 1 13  ? 10.045  3.188   0.892   1.00 0.00 ? 13  THR A H     1 
ATOM   123  H HG1   . THR A 1 13  ? 8.374   2.429   -1.601  1.00 0.00 ? 13  THR A HG1   1 
ATOM   124  N N     . GLU A 1 14  ? 9.969   -0.131  1.660   1.00 0.00 ? 14  GLU A N     1 
ATOM   125  C CA    . GLU A 1 14  ? 10.357  -1.493  2.073   1.00 0.00 ? 14  GLU A CA    1 
ATOM   126  C C     . GLU A 1 14  ? 10.306  -1.622  3.597   1.00 0.00 ? 14  GLU A C     1 
ATOM   127  O O     . GLU A 1 14  ? 9.567   -2.450  4.126   1.00 0.00 ? 14  GLU A O     1 
ATOM   128  C CB    . GLU A 1 14  ? 11.767  -1.775  1.514   1.00 0.00 ? 14  GLU A CB    1 
ATOM   129  C CG    . GLU A 1 14  ? 12.341  -3.093  2.048   1.00 0.00 ? 14  GLU A CG    1 
ATOM   130  C CD    . GLU A 1 14  ? 12.313  -4.179  0.990   1.00 0.00 ? 14  GLU A CD    1 
ATOM   131  O OE1   . GLU A 1 14  ? 11.250  -4.803  0.812   1.00 0.00 ? 14  GLU A OE1   1 
ATOM   132  O OE2   . GLU A 1 14  ? 13.371  -4.352  0.346   1.00 0.00 ? 14  GLU A OE2   1 
ATOM   133  H H     . GLU A 1 14  ? 10.700  0.383   1.196   1.00 0.00 ? 14  GLU A H     1 
ATOM   134  N N     . ALA A 1 15  ? 11.026  -0.730  4.287   1.00 0.00 ? 15  ALA A N     1 
ATOM   135  C CA    . ALA A 1 15  ? 11.068  -0.684  5.761   1.00 0.00 ? 15  ALA A CA    1 
ATOM   136  C C     . ALA A 1 15  ? 9.677   -0.447  6.391   1.00 0.00 ? 15  ALA A C     1 
ATOM   137  O O     . ALA A 1 15  ? 9.314   -1.093  7.369   1.00 0.00 ? 15  ALA A O     1 
ATOM   138  C CB    . ALA A 1 15  ? 12.077  0.384   6.176   1.00 0.00 ? 15  ALA A CB    1 
ATOM   139  H H     . ALA A 1 15  ? 11.629  -0.086  3.813   1.00 0.00 ? 15  ALA A H     1 
ATOM   140  N N     . MET A 1 16  ? 8.890   0.394   5.733   1.00 0.00 ? 16  MET A N     1 
ATOM   141  C CA    . MET A 1 16  ? 7.457   0.610   6.048   1.00 0.00 ? 16  MET A CA    1 
ATOM   142  C C     . MET A 1 16  ? 6.631   -0.685  5.945   1.00 0.00 ? 16  MET A C     1 
ATOM   143  O O     . MET A 1 16  ? 6.004   -1.096  6.919   1.00 0.00 ? 16  MET A O     1 
ATOM   144  C CB    . MET A 1 16  ? 6.964   1.629   5.028   1.00 0.00 ? 16  MET A CB    1 
ATOM   145  C CG    . MET A 1 16  ? 6.228   2.800   5.658   1.00 0.00 ? 16  MET A CG    1 
ATOM   146  S SD    . MET A 1 16  ? 5.729   4.003   4.376   1.00 0.00 ? 16  MET A SD    1 
ATOM   147  C CE    . MET A 1 16  ? 4.236   4.554   5.172   1.00 0.00 ? 16  MET A CE    1 
ATOM   148  H H     . MET A 1 16  ? 9.262   1.014   5.038   1.00 0.00 ? 16  MET A H     1 
ATOM   149  N N     . ALA A 1 17  ? 6.769   -1.364  4.808   1.00 0.00 ? 17  ALA A N     1 
ATOM   150  C CA    . ALA A 1 17  ? 6.172   -2.695  4.557   1.00 0.00 ? 17  ALA A CA    1 
ATOM   151  C C     . ALA A 1 17  ? 6.596   -3.741  5.603   1.00 0.00 ? 17  ALA A C     1 
ATOM   152  O O     . ALA A 1 17  ? 5.746   -4.453  6.129   1.00 0.00 ? 17  ALA A O     1 
ATOM   153  C CB    . ALA A 1 17  ? 6.568   -3.171  3.167   1.00 0.00 ? 17  ALA A CB    1 
ATOM   154  H H     . ALA A 1 17  ? 7.221   -0.964  4.011   1.00 0.00 ? 17  ALA A H     1 
ATOM   155  N N     . ASN A 1 18  ? 7.871   -3.736  5.966   1.00 0.00 ? 18  ASN A N     1 
ATOM   156  C CA    . ASN A 1 18  ? 8.428   -4.609  7.016   1.00 0.00 ? 18  ASN A CA    1 
ATOM   157  C C     . ASN A 1 18  ? 7.800   -4.409  8.403   1.00 0.00 ? 18  ASN A C     1 
ATOM   158  O O     . ASN A 1 18  ? 7.425   -5.369  9.062   1.00 0.00 ? 18  ASN A O     1 
ATOM   159  C CB    . ASN A 1 18  ? 9.964   -4.469  7.090   1.00 0.00 ? 18  ASN A CB    1 
ATOM   160  C CG    . ASN A 1 18  ? 10.670  -4.905  5.809   1.00 0.00 ? 18  ASN A CG    1 
ATOM   161  O OD1   . ASN A 1 18  ? 11.536  -4.236  5.268   1.00 0.00 ? 18  ASN A OD1   1 
ATOM   162  N ND2   . ASN A 1 18  ? 10.298  -6.049  5.266   1.00 0.00 ? 18  ASN A ND2   1 
ATOM   163  H H     . ASN A 1 18  ? 8.543   -3.205  5.439   1.00 0.00 ? 18  ASN A H     1 
ATOM   164  H HD21  . ASN A 1 18  ? 9.546   -6.584  5.654   1.00 0.00 ? 18  ASN A HD21  1 
ATOM   165  H HD22  . ASN A 1 18  ? 10.762  -6.329  4.436   1.00 0.00 ? 18  ASN A HD22  1 
ATOM   166  N N     . GLU A 1 19  ? 7.553   -3.149  8.728   1.00 0.00 ? 19  GLU A N     1 
ATOM   167  C CA    . GLU A 1 19  ? 6.856   -2.753  9.963   1.00 0.00 ? 19  GLU A CA    1 
ATOM   168  C C     . GLU A 1 19  ? 5.407   -3.271  9.999   1.00 0.00 ? 19  GLU A C     1 
ATOM   169  O O     . GLU A 1 19  ? 4.970   -3.903  10.960  1.00 0.00 ? 19  GLU A O     1 
ATOM   170  C CB    . GLU A 1 19  ? 6.925   -1.228  10.004  1.00 0.00 ? 19  GLU A CB    1 
ATOM   171  C CG    . GLU A 1 19  ? 6.879   -0.716  11.429  1.00 0.00 ? 19  GLU A CG    1 
ATOM   172  C CD    . GLU A 1 19  ? 7.056   0.806   11.484  1.00 0.00 ? 19  GLU A CD    1 
ATOM   173  O OE1   . GLU A 1 19  ? 6.790   1.505   10.479  1.00 0.00 ? 19  GLU A OE1   1 
ATOM   174  O OE2   . GLU A 1 19  ? 7.460   1.291   12.550  1.00 0.00 ? 19  GLU A OE2   1 
ATOM   175  H H     . GLU A 1 19  ? 7.904   -2.383  8.181   1.00 0.00 ? 19  GLU A H     1 
ATOM   176  N N     . ILE A 1 20  ? 4.697   -3.044  8.887   1.00 0.00 ? 20  ILE A N     1 
ATOM   177  C CA    . ILE A 1 20  ? 3.350   -3.582  8.633   1.00 0.00 ? 20  ILE A CA    1 
ATOM   178  C C     . ILE A 1 20  ? 3.315   -5.117  8.747   1.00 0.00 ? 20  ILE A C     1 
ATOM   179  O O     . ILE A 1 20  ? 2.585   -5.661  9.571   1.00 0.00 ? 20  ILE A O     1 
ATOM   180  C CB    . ILE A 1 20  ? 2.854   -3.080  7.251   1.00 0.00 ? 20  ILE A CB    1 
ATOM   181  C CG1   . ILE A 1 20  ? 2.795   -1.540  7.268   1.00 0.00 ? 20  ILE A CG1   1 
ATOM   182  C CG2   . ILE A 1 20  ? 1.497   -3.672  6.865   1.00 0.00 ? 20  ILE A CG2   1 
ATOM   183  C CD1   . ILE A 1 20  ? 2.697   -0.875  5.884   1.00 0.00 ? 20  ILE A CD1   1 
ATOM   184  H H     . ILE A 1 20  ? 5.044   -2.405  8.194   1.00 0.00 ? 20  ILE A H     1 
ATOM   185  N N     . GLU A 1 21  ? 4.251   -5.755  8.048   1.00 0.00 ? 21  GLU A N     1 
ATOM   186  C CA    . GLU A 1 21  ? 4.460   -7.229  8.091   1.00 0.00 ? 21  GLU A CA    1 
ATOM   187  C C     . GLU A 1 21  ? 4.569   -7.811  9.502   1.00 0.00 ? 21  GLU A C     1 
ATOM   188  O O     . GLU A 1 21  ? 3.868   -8.766  9.819   1.00 0.00 ? 21  GLU A O     1 
ATOM   189  C CB    . GLU A 1 21  ? 5.741   -7.606  7.346   1.00 0.00 ? 21  GLU A CB    1 
ATOM   190  C CG    . GLU A 1 21  ? 5.469   -7.855  5.860   1.00 0.00 ? 21  GLU A CG    1 
ATOM   191  C CD    . GLU A 1 21  ? 6.808   -7.904  5.129   1.00 0.00 ? 21  GLU A CD    1 
ATOM   192  O OE1   . GLU A 1 21  ? 7.429   -8.984  5.116   1.00 0.00 ? 21  GLU A OE1   1 
ATOM   193  O OE2   . GLU A 1 21  ? 7.253   -6.810  4.725   1.00 0.00 ? 21  GLU A OE2   1 
ATOM   194  H H     . GLU A 1 21  ? 4.817   -5.249  7.396   1.00 0.00 ? 21  GLU A H     1 
ATOM   195  N N     . ALA A 1 22  ? 5.384   -7.160  10.328  1.00 0.00 ? 22  ALA A N     1 
ATOM   196  C CA    . ALA A 1 22  ? 5.572   -7.536  11.738  1.00 0.00 ? 22  ALA A CA    1 
ATOM   197  C C     . ALA A 1 22  ? 4.275   -7.468  12.559  1.00 0.00 ? 22  ALA A C     1 
ATOM   198  O O     . ALA A 1 22  ? 3.929   -8.443  13.226  1.00 0.00 ? 22  ALA A O     1 
ATOM   199  C CB    . ALA A 1 22  ? 6.657   -6.630  12.347  1.00 0.00 ? 22  ALA A CB    1 
ATOM   200  H H     . ALA A 1 22  ? 5.932   -6.398  9.996   1.00 0.00 ? 22  ALA A H     1 
ATOM   201  N N     . ALA A 1 23  ? 3.486   -6.414  12.326  1.00 0.00 ? 23  ALA A N     1 
ATOM   202  C CA    . ALA A 1 23  ? 2.160   -6.263  12.951  1.00 0.00 ? 23  ALA A CA    1 
ATOM   203  C C     . ALA A 1 23  ? 1.119   -7.287  12.446  1.00 0.00 ? 23  ALA A C     1 
ATOM   204  O O     . ALA A 1 23  ? 0.295   -7.766  13.225  1.00 0.00 ? 23  ALA A O     1 
ATOM   205  C CB    . ALA A 1 23  ? 1.671   -4.823  12.778  1.00 0.00 ? 23  ALA A CB    1 
ATOM   206  H H     . ALA A 1 23  ? 3.753   -5.672  11.711  1.00 0.00 ? 23  ALA A H     1 
ATOM   207  N N     . VAL A 1 24  ? 1.237   -7.660  11.167  1.00 0.00 ? 24  VAL A N     1 
ATOM   208  C CA    . VAL A 1 24  ? 0.444   -8.747  10.550  1.00 0.00 ? 24  VAL A CA    1 
ATOM   209  C C     . VAL A 1 24  ? 0.820   -10.104 11.190  1.00 0.00 ? 24  VAL A C     1 
ATOM   210  O O     . VAL A 1 24  ? -0.031  -10.816 11.718  1.00 0.00 ? 24  VAL A O     1 
ATOM   211  C CB    . VAL A 1 24  ? 0.622   -8.768  9.010   1.00 0.00 ? 24  VAL A CB    1 
ATOM   212  C CG1   . VAL A 1 24  ? -0.182  -9.898  8.354   1.00 0.00 ? 24  VAL A CG1   1 
ATOM   213  C CG2   . VAL A 1 24  ? 0.189   -7.452  8.365   1.00 0.00 ? 24  VAL A CG2   1 
ATOM   214  H H     . VAL A 1 24  ? 1.846   -7.169  10.540  1.00 0.00 ? 24  VAL A H     1 
ATOM   215  N N     . LYS A 1 25  ? 2.128   -10.371 11.233  1.00 0.00 ? 25  LYS A N     1 
ATOM   216  C CA    . LYS A 1 25  ? 2.673   -11.616 11.829  1.00 0.00 ? 25  LYS A CA    1 
ATOM   217  C C     . LYS A 1 25  ? 2.341   -11.800 13.316  1.00 0.00 ? 25  LYS A C     1 
ATOM   218  O O     . LYS A 1 25  ? 2.003   -12.906 13.737  1.00 0.00 ? 25  LYS A O     1 
ATOM   219  C CB    . LYS A 1 25  ? 4.189   -11.669 11.673  1.00 0.00 ? 25  LYS A CB    1 
ATOM   220  C CG    . LYS A 1 25  ? 4.572   -11.890 10.218  1.00 0.00 ? 25  LYS A CG    1 
ATOM   221  C CD    . LYS A 1 25  ? 6.086   -11.857 10.124  1.00 0.00 ? 25  LYS A CD    1 
ATOM   222  C CE    . LYS A 1 25  ? 6.520   -11.889 8.657   1.00 0.00 ? 25  LYS A CE    1 
ATOM   223  N NZ    . LYS A 1 25  ? 7.978   -11.862 8.624   1.00 0.00 ? 25  LYS A NZ    1 
ATOM   224  H H     . LYS A 1 25  ? 2.814   -9.761  10.820  1.00 0.00 ? 25  LYS A H     1 
ATOM   225  H HZ1   . LYS A 1 25  ? 8.273   -11.878 7.671   1.00 0.00 ? 25  LYS A HZ1   1 
ATOM   226  H HZ2   . LYS A 1 25  ? 8.314   -11.027 9.067   1.00 0.00 ? 25  LYS A HZ2   1 
ATOM   227  H HZ3   . LYS A 1 25  ? 8.336   -12.671 9.099   1.00 0.00 ? 25  LYS A HZ3   1 
ATOM   228  N N     . ALA A 1 26  ? 2.373   -10.692 14.058  1.00 0.00 ? 26  ALA A N     1 
ATOM   229  C CA    . ALA A 1 26  ? 1.997   -10.656 15.486  1.00 0.00 ? 26  ALA A CA    1 
ATOM   230  C C     . ALA A 1 26  ? 0.585   -11.196 15.774  1.00 0.00 ? 26  ALA A C     1 
ATOM   231  O O     . ALA A 1 26  ? 0.370   -11.863 16.782  1.00 0.00 ? 26  ALA A O     1 
ATOM   232  C CB    . ALA A 1 26  ? 2.123   -9.213  16.004  1.00 0.00 ? 26  ALA A CB    1 
ATOM   233  H H     . ALA A 1 26  ? 2.765   -9.840  13.700  1.00 0.00 ? 26  ALA A H     1 
ATOM   234  N N     . ALA A 1 27  ? -0.324  -10.980 14.825  1.00 0.00 ? 27  ALA A N     1 
ATOM   235  C CA    . ALA A 1 27  ? -1.704  -11.495 14.896  1.00 0.00 ? 27  ALA A CA    1 
ATOM   236  C C     . ALA A 1 27  ? -1.928  -12.766 14.036  1.00 0.00 ? 27  ALA A C     1 
ATOM   237  O O     . ALA A 1 27  ? -3.054  -13.068 13.628  1.00 0.00 ? 27  ALA A O     1 
ATOM   238  C CB    . ALA A 1 27  ? -2.651  -10.353 14.509  1.00 0.00 ? 27  ALA A CB    1 
ATOM   239  H H     . ALA A 1 27  ? -0.110  -10.447 14.003  1.00 0.00 ? 27  ALA A H     1 
ATOM   240  N N     . GLY A 1 28  ? -0.847  -13.495 13.794  1.00 0.00 ? 28  GLY A N     1 
ATOM   241  C CA    . GLY A 1 28  ? -0.817  -14.800 13.100  1.00 0.00 ? 28  GLY A CA    1 
ATOM   242  C C     . GLY A 1 28  ? -1.414  -14.838 11.687  1.00 0.00 ? 28  GLY A C     1 
ATOM   243  O O     . GLY A 1 28  ? -1.886  -15.888 11.241  1.00 0.00 ? 28  GLY A O     1 
ATOM   244  H H     . GLY A 1 28  ? 0.058   -13.202 14.125  1.00 0.00 ? 28  GLY A H     1 
ATOM   245  N N     . ALA A 1 29  ? -1.250  -13.755 10.933  1.00 0.00 ? 29  ALA A N     1 
ATOM   246  C CA    . ALA A 1 29  ? -1.804  -13.667 9.571   1.00 0.00 ? 29  ALA A CA    1 
ATOM   247  C C     . ALA A 1 29  ? -0.737  -13.766 8.477   1.00 0.00 ? 29  ALA A C     1 
ATOM   248  O O     . ALA A 1 29  ? 0.353   -13.204 8.568   1.00 0.00 ? 29  ALA A O     1 
ATOM   249  C CB    . ALA A 1 29  ? -2.632  -12.381 9.413   1.00 0.00 ? 29  ALA A CB    1 
ATOM   250  H H     . ALA A 1 29  ? -0.760  -12.940 11.246  1.00 0.00 ? 29  ALA A H     1 
ATOM   251  N N     . ASP A 1 30  ? -1.119  -14.525 7.458   1.00 0.00 ? 30  ASP A N     1 
ATOM   252  C CA    . ASP A 1 30  ? -0.279  -14.809 6.282   1.00 0.00 ? 30  ASP A CA    1 
ATOM   253  C C     . ASP A 1 30  ? -0.085  -13.569 5.403   1.00 0.00 ? 30  ASP A C     1 
ATOM   254  O O     . ASP A 1 30  ? -1.039  -12.945 4.934   1.00 0.00 ? 30  ASP A O     1 
ATOM   255  C CB    . ASP A 1 30  ? -0.948  -15.951 5.507   1.00 0.00 ? 30  ASP A CB    1 
ATOM   256  C CG    . ASP A 1 30  ? -0.034  -16.587 4.449   1.00 0.00 ? 30  ASP A CG    1 
ATOM   257  O OD1   . ASP A 1 30  ? 1.197   -16.613 4.683   1.00 0.00 ? 30  ASP A OD1   1 
ATOM   258  O OD2   . ASP A 1 30  ? -0.606  -17.105 3.470   1.00 0.00 ? 30  ASP A OD2   1 
ATOM   259  H H     . ASP A 1 30  ? -2.021  -14.948 7.449   1.00 0.00 ? 30  ASP A H     1 
ATOM   260  N N     . VAL A 1 31  ? 1.178   -13.279 5.157   1.00 0.00 ? 31  VAL A N     1 
ATOM   261  C CA    . VAL A 1 31  ? 1.601   -12.071 4.429   1.00 0.00 ? 31  VAL A CA    1 
ATOM   262  C C     . VAL A 1 31  ? 2.475   -12.423 3.209   1.00 0.00 ? 31  VAL A C     1 
ATOM   263  O O     . VAL A 1 31  ? 3.314   -13.327 3.250   1.00 0.00 ? 31  VAL A O     1 
ATOM   264  C CB    . VAL A 1 31  ? 2.294   -11.096 5.404   1.00 0.00 ? 31  VAL A CB    1 
ATOM   265  C CG1   . VAL A 1 31  ? 3.550   -11.658 6.074   1.00 0.00 ? 31  VAL A CG1   1 
ATOM   266  C CG2   . VAL A 1 31  ? 2.588   -9.760  4.728   1.00 0.00 ? 31  VAL A CG2   1 
ATOM   267  H H     . VAL A 1 31  ? 1.930   -13.872 5.458   1.00 0.00 ? 31  VAL A H     1 
ATOM   268  N N     . GLU A 1 32  ? 2.185   -11.749 2.110   1.00 0.00 ? 32  GLU A N     1 
ATOM   269  C CA    . GLU A 1 32  ? 2.916   -11.893 0.841   1.00 0.00 ? 32  GLU A CA    1 
ATOM   270  C C     . GLU A 1 32  ? 3.417   -10.513 0.398   1.00 0.00 ? 32  GLU A C     1 
ATOM   271  O O     . GLU A 1 32  ? 2.639   -9.670  -0.028  1.00 0.00 ? 32  GLU A O     1 
ATOM   272  C CB    . GLU A 1 32  ? 2.036   -12.493 -0.271  1.00 0.00 ? 32  GLU A CB    1 
ATOM   273  C CG    . GLU A 1 32  ? 1.494   -13.898 0.040   1.00 0.00 ? 32  GLU A CG    1 
ATOM   274  C CD    . GLU A 1 32  ? 0.357   -13.886 1.080   1.00 0.00 ? 32  GLU A CD    1 
ATOM   275  O OE1   . GLU A 1 32  ? -0.547  -13.037 0.954   1.00 0.00 ? 32  GLU A OE1   1 
ATOM   276  O OE2   . GLU A 1 32  ? 0.444   -14.700 2.025   1.00 0.00 ? 32  GLU A OE2   1 
ATOM   277  H H     . GLU A 1 32  ? 1.403   -11.098 2.080   1.00 0.00 ? 32  GLU A H     1 
ATOM   278  N N     . SER A 1 33  ? 4.672   -10.241 0.694   1.00 0.00 ? 33  SER A N     1 
ATOM   279  C CA    . SER A 1 33  ? 5.251   -8.934  0.346   1.00 0.00 ? 33  SER A CA    1 
ATOM   280  C C     . SER A 1 33  ? 6.224   -8.989  -0.819  1.00 0.00 ? 33  SER A C     1 
ATOM   281  O O     . SER A 1 33  ? 7.182   -9.753  -0.849  1.00 0.00 ? 33  SER A O     1 
ATOM   282  C CB    . SER A 1 33  ? 5.820   -8.240  1.580   1.00 0.00 ? 33  SER A CB    1 
ATOM   283  O OG    . SER A 1 33  ? 6.657   -9.192  2.244   1.00 0.00 ? 33  SER A OG    1 
ATOM   284  H H     . SER A 1 33  ? 5.278   -10.868 1.193   1.00 0.00 ? 33  SER A H     1 
ATOM   285  H HG    . SER A 1 33  ? 7.364   -9.446  1.588   1.00 0.00 ? 33  SER A HG    1 
ATOM   286  N N     . VAL A 1 34  ? 5.787   -8.229  -1.817  1.00 0.00 ? 34  VAL A N     1 
ATOM   287  C CA    . VAL A 1 34  ? 6.397   -8.190  -3.157  1.00 0.00 ? 34  VAL A CA    1 
ATOM   288  C C     . VAL A 1 34  ? 6.468   -6.752  -3.650  1.00 0.00 ? 34  VAL A C     1 
ATOM   289  O O     . VAL A 1 34  ? 5.884   -5.808  -3.118  1.00 0.00 ? 34  VAL A O     1 
ATOM   290  C CB    . VAL A 1 34  ? 5.661   -9.074  -4.187  1.00 0.00 ? 34  VAL A CB    1 
ATOM   291  C CG1   . VAL A 1 34  ? 6.111   -10.528 -4.087  1.00 0.00 ? 34  VAL A CG1   1 
ATOM   292  C CG2   . VAL A 1 34  ? 4.127   -8.934  -4.177  1.00 0.00 ? 34  VAL A CG2   1 
ATOM   293  H H     . VAL A 1 34  ? 5.110   -7.496  -1.652  1.00 0.00 ? 34  VAL A H     1 
ATOM   294  N N     . ARG A 1 35  ? 7.252   -6.630  -4.706  1.00 0.00 ? 35  ARG A N     1 
ATOM   295  C CA    . ARG A 1 35  ? 7.402   -5.348  -5.371  1.00 0.00 ? 35  ARG A CA    1 
ATOM   296  C C     . ARG A 1 35  ? 6.447   -5.243  -6.556  1.00 0.00 ? 35  ARG A C     1 
ATOM   297  O O     . ARG A 1 35  ? 6.262   -6.200  -7.297  1.00 0.00 ? 35  ARG A O     1 
ATOM   298  C CB    . ARG A 1 35  ? 8.843   -5.314  -5.809  1.00 0.00 ? 35  ARG A CB    1 
ATOM   299  C CG    . ARG A 1 35  ? 9.137   -3.974  -6.442  1.00 0.00 ? 35  ARG A CG    1 
ATOM   300  C CD    . ARG A 1 35  ? 10.628  -3.928  -6.618  1.00 0.00 ? 35  ARG A CD    1 
ATOM   301  N NE    . ARG A 1 35  ? 11.071  -3.576  -5.270  1.00 0.00 ? 35  ARG A NE    1 
ATOM   302  C CZ    . ARG A 1 35  ? 11.927  -2.607  -5.045  1.00 0.00 ? 35  ARG A CZ    1 
ATOM   303  N NH1   . ARG A 1 35  ? 11.903  -1.534  -5.820  1.00 0.00 ? 35  ARG A NH1   1 
ATOM   304  N NH2   . ARG A 1 35  ? 12.500  -2.513  -3.865  1.00 0.00 ? 35  ARG A NH2   1 
ATOM   305  H H     . ARG A 1 35  ? 7.773   -7.394  -5.089  1.00 0.00 ? 35  ARG A H     1 
ATOM   306  H HE    . ARG A 1 35  ? 10.369  -3.679  -4.572  1.00 0.00 ? 35  ARG A HE    1 
ATOM   307  H HH11  . ARG A 1 35  ? 11.388  -1.598  -6.670  1.00 0.00 ? 35  ARG A HH11  1 
ATOM   308  H HH12  . ARG A 1 35  ? 12.479  -0.763  -5.594  1.00 0.00 ? 35  ARG A HH12  1 
ATOM   309  H HH21  . ARG A 1 35  ? 12.517  -3.319  -3.277  1.00 0.00 ? 35  ARG A HH21  1 
ATOM   310  H HH22  . ARG A 1 35  ? 13.077  -1.721  -3.677  1.00 0.00 ? 35  ARG A HH22  1 
ATOM   311  N N     . PHE A 1 36  ? 5.945   -4.015  -6.753  1.00 0.00 ? 36  PHE A N     1 
ATOM   312  C CA    . PHE A 1 36  ? 5.115   -3.641  -7.915  1.00 0.00 ? 36  PHE A CA    1 
ATOM   313  C C     . PHE A 1 36  ? 5.557   -4.186  -9.277  1.00 0.00 ? 36  PHE A C     1 
ATOM   314  O O     . PHE A 1 36  ? 4.739   -4.608  -10.078 1.00 0.00 ? 36  PHE A O     1 
ATOM   315  C CB    . PHE A 1 36  ? 4.986   -2.121  -8.013  1.00 0.00 ? 36  PHE A CB    1 
ATOM   316  C CG    . PHE A 1 36  ? 3.810   -1.596  -7.197  1.00 0.00 ? 36  PHE A CG    1 
ATOM   317  C CD1   . PHE A 1 36  ? 2.503   -1.712  -7.714  1.00 0.00 ? 36  PHE A CD1   1 
ATOM   318  C CD2   . PHE A 1 36  ? 4.058   -0.882  -6.002  1.00 0.00 ? 36  PHE A CD2   1 
ATOM   319  C CE1   . PHE A 1 36  ? 1.428   -1.103  -7.023  1.00 0.00 ? 36  PHE A CE1   1 
ATOM   320  C CE2   . PHE A 1 36  ? 2.995   -0.269  -5.315  1.00 0.00 ? 36  PHE A CE2   1 
ATOM   321  C CZ    . PHE A 1 36  ? 1.688   -0.384  -5.833  1.00 0.00 ? 36  PHE A CZ    1 
ATOM   322  H H     . PHE A 1 36  ? 6.049   -3.318  -6.037  1.00 0.00 ? 36  PHE A H     1 
ATOM   323  N N     . GLU A 1 37  ? 6.882   -4.205  -9.488  1.00 0.00 ? 37  GLU A N     1 
ATOM   324  C CA    . GLU A 1 37  ? 7.508   -4.791  -10.696 1.00 0.00 ? 37  GLU A CA    1 
ATOM   325  C C     . GLU A 1 37  ? 7.285   -6.294  -10.926 1.00 0.00 ? 37  GLU A C     1 
ATOM   326  O O     . GLU A 1 37  ? 7.469   -6.782  -12.042 1.00 0.00 ? 37  GLU A O     1 
ATOM   327  C CB    . GLU A 1 37  ? 9.008   -4.552  -10.713 1.00 0.00 ? 37  GLU A CB    1 
ATOM   328  C CG    . GLU A 1 37  ? 9.301   -3.205  -11.358 1.00 0.00 ? 37  GLU A CG    1 
ATOM   329  C CD    . GLU A 1 37  ? 9.806   -2.167  -10.351 1.00 0.00 ? 37  GLU A CD    1 
ATOM   330  O OE1   . GLU A 1 37  ? 9.309   -2.151  -9.205  1.00 0.00 ? 37  GLU A OE1   1 
ATOM   331  O OE2   . GLU A 1 37  ? 10.645  -1.345  -10.787 1.00 0.00 ? 37  GLU A OE2   1 
ATOM   332  H H     . GLU A 1 37  ? 7.494   -3.778  -8.837  1.00 0.00 ? 37  GLU A H     1 
ATOM   333  N N     . ASP A 1 38  ? 7.054   -7.018  -9.844  1.00 0.00 ? 38  ASP A N     1 
ATOM   334  C CA    . ASP A 1 38  ? 6.905   -8.479  -9.860  1.00 0.00 ? 38  ASP A CA    1 
ATOM   335  C C     . ASP A 1 38  ? 5.643   -8.938  -9.119  1.00 0.00 ? 38  ASP A C     1 
ATOM   336  O O     . ASP A 1 38  ? 5.685   -9.413  -7.986  1.00 0.00 ? 38  ASP A O     1 
ATOM   337  C CB    . ASP A 1 38  ? 8.182   -9.180  -9.360  1.00 0.00 ? 38  ASP A CB    1 
ATOM   338  C CG    . ASP A 1 38  ? 8.687   -8.646  -8.003  1.00 0.00 ? 38  ASP A CG    1 
ATOM   339  O OD1   . ASP A 1 38  ? 9.439   -7.653  -8.044  1.00 0.00 ? 38  ASP A OD1   1 
ATOM   340  O OD2   . ASP A 1 38  ? 8.304   -9.221  -6.964  1.00 0.00 ? 38  ASP A OD2   1 
ATOM   341  H H     . ASP A 1 38  ? 6.813   -6.575  -8.969  1.00 0.00 ? 38  ASP A H     1 
ATOM   342  N N     . THR A 1 39  ? 4.527   -8.630  -9.780  1.00 0.00 ? 39  THR A N     1 
ATOM   343  C CA    . THR A 1 39  ? 3.166   -8.995  -9.349  1.00 0.00 ? 39  THR A CA    1 
ATOM   344  C C     . THR A 1 39  ? 2.214   -8.931  -10.556 1.00 0.00 ? 39  THR A C     1 
ATOM   345  O O     . THR A 1 39  ? 2.585   -8.464  -11.637 1.00 0.00 ? 39  THR A O     1 
ATOM   346  C CB    . THR A 1 39  ? 2.679   -8.146  -8.154  1.00 0.00 ? 39  THR A CB    1 
ATOM   347  O OG1   . THR A 1 39  ? 1.387   -8.593  -7.719  1.00 0.00 ? 39  THR A OG1   1 
ATOM   348  C CG2   . THR A 1 39  ? 2.665   -6.645  -8.470  1.00 0.00 ? 39  THR A CG2   1 
ATOM   349  H H     . THR A 1 39  ? 4.567   -8.143  -10.650 1.00 0.00 ? 39  THR A H     1 
ATOM   350  H HG1   . THR A 1 39  ? 1.313   -8.482  -6.723  1.00 0.00 ? 39  THR A HG1   1 
ATOM   351  N N     . ASN A 1 40  ? 0.969   -9.274  -10.290 1.00 0.00 ? 40  ASN A N     1 
ATOM   352  C CA    . ASN A 1 40  ? -0.102  -9.480  -11.296 1.00 0.00 ? 40  ASN A CA    1 
ATOM   353  C C     . ASN A 1 40  ? -1.460  -9.534  -10.596 1.00 0.00 ? 40  ASN A C     1 
ATOM   354  O O     . ASN A 1 40  ? -1.601  -10.091 -9.499  1.00 0.00 ? 40  ASN A O     1 
ATOM   355  C CB    . ASN A 1 40  ? 0.172   -10.793 -12.042 1.00 0.00 ? 40  ASN A CB    1 
ATOM   356  C CG    . ASN A 1 40  ? -0.794  -10.977 -13.220 1.00 0.00 ? 40  ASN A CG    1 
ATOM   357  O OD1   . ASN A 1 40  ? -1.944  -11.363 -13.065 1.00 0.00 ? 40  ASN A OD1   1 
ATOM   358  N ND2   . ASN A 1 40  ? -0.372  -10.566 -14.386 1.00 0.00 ? 40  ASN A ND2   1 
ATOM   359  H H     . ASN A 1 40  ? 0.669   -9.205  -9.341  1.00 0.00 ? 40  ASN A H     1 
ATOM   360  H HD21  . ASN A 1 40  ? 0.544   -10.198 -14.495 1.00 0.00 ? 40  ASN A HD21  1 
ATOM   361  H HD22  . ASN A 1 40  ? -0.997  -10.688 -15.148 1.00 0.00 ? 40  ASN A HD22  1 
ATOM   362  N N     . VAL A 1 41  ? -2.459  -9.012  -11.304 1.00 0.00 ? 41  VAL A N     1 
ATOM   363  C CA    . VAL A 1 41  ? -3.874  -9.025  -10.878 1.00 0.00 ? 41  VAL A CA    1 
ATOM   364  C C     . VAL A 1 41  ? -4.411  -10.412 -10.445 1.00 0.00 ? 41  VAL A C     1 
ATOM   365  O O     . VAL A 1 41  ? -5.032  -10.525 -9.393  1.00 0.00 ? 41  VAL A O     1 
ATOM   366  C CB    . VAL A 1 41  ? -4.714  -8.332  -11.975 1.00 0.00 ? 41  VAL A CB    1 
ATOM   367  C CG1   . VAL A 1 41  ? -4.792  -9.113  -13.294 1.00 0.00 ? 41  VAL A CG1   1 
ATOM   368  C CG2   . VAL A 1 41  ? -6.111  -7.990  -11.457 1.00 0.00 ? 41  VAL A CG2   1 
ATOM   369  H H     . VAL A 1 41  ? -2.287  -8.522  -12.156 1.00 0.00 ? 41  VAL A H     1 
ATOM   370  N N     . ASP A 1 42  ? -3.968  -11.462 -11.148 1.00 0.00 ? 42  ASP A N     1 
ATOM   371  C CA    . ASP A 1 42  ? -4.281  -12.867 -10.813 1.00 0.00 ? 42  ASP A CA    1 
ATOM   372  C C     . ASP A 1 42  ? -3.811  -13.290 -9.412  1.00 0.00 ? 42  ASP A C     1 
ATOM   373  O O     . ASP A 1 42  ? -4.531  -13.971 -8.693  1.00 0.00 ? 42  ASP A O     1 
ATOM   374  C CB    . ASP A 1 42  ? -3.710  -13.838 -11.849 1.00 0.00 ? 42  ASP A CB    1 
ATOM   375  C CG    . ASP A 1 42  ? -4.415  -13.719 -13.211 1.00 0.00 ? 42  ASP A CG    1 
ATOM   376  O OD1   . ASP A 1 42  ? -5.659  -13.664 -13.214 1.00 0.00 ? 42  ASP A OD1   1 
ATOM   377  O OD2   . ASP A 1 42  ? -3.678  -13.574 -14.207 1.00 0.00 ? 42  ASP A OD2   1 
ATOM   378  H H     . ASP A 1 42  ? -3.391  -11.320 -11.961 1.00 0.00 ? 42  ASP A H     1 
ATOM   379  N N     . ASP A 1 43  ? -2.648  -12.780 -9.005  1.00 0.00 ? 43  ASP A N     1 
ATOM   380  C CA    . ASP A 1 43  ? -2.059  -13.039 -7.670  1.00 0.00 ? 43  ASP A CA    1 
ATOM   381  C C     . ASP A 1 43  ? -2.885  -12.351 -6.575  1.00 0.00 ? 43  ASP A C     1 
ATOM   382  O O     . ASP A 1 43  ? -3.367  -13.004 -5.649  1.00 0.00 ? 43  ASP A O     1 
ATOM   383  C CB    . ASP A 1 43  ? -0.618  -12.551 -7.579  1.00 0.00 ? 43  ASP A CB    1 
ATOM   384  C CG    . ASP A 1 43  ? 0.303   -13.318 -8.538  1.00 0.00 ? 43  ASP A CG    1 
ATOM   385  O OD1   . ASP A 1 43  ? 0.348   -12.907 -9.721  1.00 0.00 ? 43  ASP A OD1   1 
ATOM   386  O OD2   . ASP A 1 43  ? 0.927   -14.289 -8.069  1.00 0.00 ? 43  ASP A OD2   1 
ATOM   387  H H     . ASP A 1 43  ? -2.177  -12.079 -9.546  1.00 0.00 ? 43  ASP A H     1 
ATOM   388  N N     . VAL A 1 44  ? -3.207  -11.090 -6.851  1.00 0.00 ? 44  VAL A N     1 
ATOM   389  C CA    . VAL A 1 44  ? -4.009  -10.211 -5.975  1.00 0.00 ? 44  VAL A CA    1 
ATOM   390  C C     . VAL A 1 44  ? -5.388  -10.826 -5.653  1.00 0.00 ? 44  VAL A C     1 
ATOM   391  O O     . VAL A 1 44  ? -5.781  -10.864 -4.489  1.00 0.00 ? 44  VAL A O     1 
ATOM   392  C CB    . VAL A 1 44  ? -4.104  -8.823  -6.656  1.00 0.00 ? 44  VAL A CB    1 
ATOM   393  C CG1   . VAL A 1 44  ? -5.104  -7.897  -5.963  1.00 0.00 ? 44  VAL A CG1   1 
ATOM   394  C CG2   . VAL A 1 44  ? -2.743  -8.131  -6.737  1.00 0.00 ? 44  VAL A CG2   1 
ATOM   395  H H     . VAL A 1 44  ? -2.899  -10.646 -7.696  1.00 0.00 ? 44  VAL A H     1 
ATOM   396  N N     . ALA A 1 45  ? -6.008  -11.401 -6.680  1.00 0.00 ? 45  ALA A N     1 
ATOM   397  C CA    . ALA A 1 45  ? -7.312  -12.086 -6.595  1.00 0.00 ? 45  ALA A CA    1 
ATOM   398  C C     . ALA A 1 45  ? -7.437  -13.124 -5.458  1.00 0.00 ? 45  ALA A C     1 
ATOM   399  O O     . ALA A 1 45  ? -8.504  -13.273 -4.863  1.00 0.00 ? 45  ALA A O     1 
ATOM   400  C CB    . ALA A 1 45  ? -7.607  -12.762 -7.939  1.00 0.00 ? 45  ALA A CB    1 
ATOM   401  H H     . ALA A 1 45  ? -5.643  -11.319 -7.613  1.00 0.00 ? 45  ALA A H     1 
ATOM   402  N N     . SER A 1 46  ? -6.329  -13.807 -5.163  1.00 0.00 ? 46  SER A N     1 
ATOM   403  C CA    . SER A 1 46  ? -6.260  -14.811 -4.088  1.00 0.00 ? 46  SER A CA    1 
ATOM   404  C C     . SER A 1 46  ? -6.208  -14.227 -2.664  1.00 0.00 ? 46  SER A C     1 
ATOM   405  O O     . SER A 1 46  ? -6.361  -14.977 -1.694  1.00 0.00 ? 46  SER A O     1 
ATOM   406  C CB    . SER A 1 46  ? -5.042  -15.715 -4.318  1.00 0.00 ? 46  SER A CB    1 
ATOM   407  O OG    . SER A 1 46  ? -5.027  -16.760 -3.345  1.00 0.00 ? 46  SER A OG    1 
ATOM   408  H H     . SER A 1 46  ? -5.471  -13.638 -5.643  1.00 0.00 ? 46  SER A H     1 
ATOM   409  H HG    . SER A 1 46  ? -5.488  -16.405 -2.515  1.00 0.00 ? 46  SER A HG    1 
ATOM   410  N N     . LYS A 1 47  ? -5.946  -12.928 -2.550  1.00 0.00 ? 47  LYS A N     1 
ATOM   411  C CA    . LYS A 1 47  ? -5.774  -12.238 -1.263  1.00 0.00 ? 47  LYS A CA    1 
ATOM   412  C C     . LYS A 1 47  ? -6.922  -11.260 -1.017  1.00 0.00 ? 47  LYS A C     1 
ATOM   413  O O     . LYS A 1 47  ? -7.139  -10.317 -1.780  1.00 0.00 ? 47  LYS A O     1 
ATOM   414  C CB    . LYS A 1 47  ? -4.476  -11.431 -1.187  1.00 0.00 ? 47  LYS A CB    1 
ATOM   415  C CG    . LYS A 1 47  ? -3.250  -12.317 -1.105  1.00 0.00 ? 47  LYS A CG    1 
ATOM   416  C CD    . LYS A 1 47  ? -2.774  -12.794 -2.463  1.00 0.00 ? 47  LYS A CD    1 
ATOM   417  C CE    . LYS A 1 47  ? -1.633  -13.746 -2.136  1.00 0.00 ? 47  LYS A CE    1 
ATOM   418  N NZ    . LYS A 1 47  ? -1.146  -14.440 -3.322  1.00 0.00 ? 47  LYS A NZ    1 
ATOM   419  H H     . LYS A 1 47  ? -5.937  -12.319 -3.348  1.00 0.00 ? 47  LYS A H     1 
ATOM   420  H HZ1   . LYS A 1 47  ? -1.033  -13.800 -4.070  1.00 0.00 ? 47  LYS A HZ1   1 
ATOM   421  H HZ2   . LYS A 1 47  ? -0.262  -14.837 -3.077  1.00 0.00 ? 47  LYS A HZ2   1 
ATOM   422  H HZ3   . LYS A 1 47  ? -1.794  -15.157 -3.575  1.00 0.00 ? 47  LYS A HZ3   1 
ATOM   423  N N     . ASP A 1 48  ? -7.602  -11.514 0.090   1.00 0.00 ? 48  ASP A N     1 
ATOM   424  C CA    . ASP A 1 48  ? -8.743  -10.688 0.537   1.00 0.00 ? 48  ASP A CA    1 
ATOM   425  C C     . ASP A 1 48  ? -8.367  -9.239  0.890   1.00 0.00 ? 48  ASP A C     1 
ATOM   426  O O     . ASP A 1 48  ? -9.192  -8.327  0.790   1.00 0.00 ? 48  ASP A O     1 
ATOM   427  C CB    . ASP A 1 48  ? -9.482  -11.375 1.701   1.00 0.00 ? 48  ASP A CB    1 
ATOM   428  C CG    . ASP A 1 48  ? -8.621  -11.632 2.942   1.00 0.00 ? 48  ASP A CG    1 
ATOM   429  O OD1   . ASP A 1 48  ? -7.870  -12.627 2.902   1.00 0.00 ? 48  ASP A OD1   1 
ATOM   430  O OD2   . ASP A 1 48  ? -8.701  -10.800 3.873   1.00 0.00 ? 48  ASP A OD2   1 
ATOM   431  H H     . ASP A 1 48  ? -7.381  -12.326 0.636   1.00 0.00 ? 48  ASP A H     1 
ATOM   432  N N     . VAL A 1 49  ? -7.135  -9.072  1.371   1.00 0.00 ? 49  VAL A N     1 
ATOM   433  C CA    . VAL A 1 49  ? -6.575  -7.755  1.742   1.00 0.00 ? 49  VAL A CA    1 
ATOM   434  C C     . VAL A 1 49  ? -5.237  -7.527  1.023   1.00 0.00 ? 49  VAL A C     1 
ATOM   435  O O     . VAL A 1 49  ? -4.429  -8.434  0.837   1.00 0.00 ? 49  VAL A O     1 
ATOM   436  C CB    . VAL A 1 49  ? -6.569  -7.559  3.272   1.00 0.00 ? 49  VAL A CB    1 
ATOM   437  C CG1   . VAL A 1 49  ? -5.982  -8.723  4.070   1.00 0.00 ? 49  VAL A CG1   1 
ATOM   438  C CG2   . VAL A 1 49  ? -5.961  -6.224  3.700   1.00 0.00 ? 49  VAL A CG2   1 
ATOM   439  H H     . VAL A 1 49  ? -6.474  -9.819  1.438   1.00 0.00 ? 49  VAL A H     1 
ATOM   440  N N     . ILE A 1 50  ? -5.160  -6.344  0.426   1.00 0.00 ? 50  ILE A N     1 
ATOM   441  C CA    . ILE A 1 50  ? -4.004  -5.885  -0.371  1.00 0.00 ? 50  ILE A CA    1 
ATOM   442  C C     . ILE A 1 50  ? -3.537  -4.536  0.209   1.00 0.00 ? 50  ILE A C     1 
ATOM   443  O O     . ILE A 1 50  ? -4.326  -3.764  0.747   1.00 0.00 ? 50  ILE A O     1 
ATOM   444  C CB    . ILE A 1 50  ? -4.375  -5.719  -1.868  1.00 0.00 ? 50  ILE A CB    1 
ATOM   445  C CG1   . ILE A 1 50  ? -5.026  -6.974  -2.447  1.00 0.00 ? 50  ILE A CG1   1 
ATOM   446  C CG2   . ILE A 1 50  ? -3.157  -5.381  -2.746  1.00 0.00 ? 50  ILE A CG2   1 
ATOM   447  C CD1   . ILE A 1 50  ? -6.544  -6.823  -2.487  1.00 0.00 ? 50  ILE A CD1   1 
ATOM   448  H H     . ILE A 1 50  ? -5.896  -5.658  0.534   1.00 0.00 ? 50  ILE A H     1 
ATOM   449  N N     . LEU A 1 51  ? -2.222  -4.349  0.212   1.00 0.00 ? 51  LEU A N     1 
ATOM   450  C CA    . LEU A 1 51  ? -1.629  -3.055  0.571   1.00 0.00 ? 51  LEU A CA    1 
ATOM   451  C C     . LEU A 1 51  ? -0.692  -2.545  -0.535  1.00 0.00 ? 51  LEU A C     1 
ATOM   452  O O     . LEU A 1 51  ? 0.118   -3.303  -1.050  1.00 0.00 ? 51  LEU A O     1 
ATOM   453  C CB    . LEU A 1 51  ? -0.834  -3.137  1.889   1.00 0.00 ? 51  LEU A CB    1 
ATOM   454  C CG    . LEU A 1 51  ? -1.678  -2.728  3.107   1.00 0.00 ? 51  LEU A CG    1 
ATOM   455  C CD1   . LEU A 1 51  ? -2.601  -3.853  3.582   1.00 0.00 ? 51  LEU A CD1   1 
ATOM   456  C CD2   . LEU A 1 51  ? -0.747  -2.339  4.249   1.00 0.00 ? 51  LEU A CD2   1 
ATOM   457  H H     . LEU A 1 51  ? -1.581  -5.066  -0.065  1.00 0.00 ? 51  LEU A H     1 
ATOM   458  N N     . LEU A 1 52  ? -0.831  -1.259  -0.845  1.00 0.00 ? 52  LEU A N     1 
ATOM   459  C CA    . LEU A 1 52  ? -0.061  -0.619  -1.930  1.00 0.00 ? 52  LEU A CA    1 
ATOM   460  C C     . LEU A 1 52  ? 0.921   0.412   -1.359  1.00 0.00 ? 52  LEU A C     1 
ATOM   461  O O     . LEU A 1 52  ? 0.521   1.248   -0.546  1.00 0.00 ? 52  LEU A O     1 
ATOM   462  C CB    . LEU A 1 52  ? -0.990  0.102   -2.924  1.00 0.00 ? 52  LEU A CB    1 
ATOM   463  C CG    . LEU A 1 52  ? -2.091  -0.789  -3.534  1.00 0.00 ? 52  LEU A CG    1 
ATOM   464  C CD1   . LEU A 1 52  ? -3.040  0.094   -4.330  1.00 0.00 ? 52  LEU A CD1   1 
ATOM   465  C CD2   . LEU A 1 52  ? -1.531  -1.908  -4.408  1.00 0.00 ? 52  LEU A CD2   1 
ATOM   466  H H     . LEU A 1 52  ? -1.416  -0.635  -0.322  1.00 0.00 ? 52  LEU A H     1 
ATOM   467  N N     . GLY A 1 53  ? 2.170   0.324   -1.798  1.00 0.00 ? 53  GLY A N     1 
ATOM   468  C CA    . GLY A 1 53  ? 3.258   1.162   -1.289  1.00 0.00 ? 53  GLY A CA    1 
ATOM   469  C C     . GLY A 1 53  ? 3.880   2.055   -2.360  1.00 0.00 ? 53  GLY A C     1 
ATOM   470  O O     . GLY A 1 53  ? 4.652   1.578   -3.198  1.00 0.00 ? 53  GLY A O     1 
ATOM   471  H H     . GLY A 1 53  ? 2.459   -0.398  -2.430  1.00 0.00 ? 53  GLY A H     1 
ATOM   472  N N     . CYS A 1 54  ? 3.590   3.345   -2.267  1.00 0.00 ? 54  CYS A N     1 
ATOM   473  C CA    . CYS A 1 54  ? 4.095   4.341   -3.227  1.00 0.00 ? 54  CYS A CA    1 
ATOM   474  C C     . CYS A 1 54  ? 4.427   5.675   -2.543  1.00 0.00 ? 54  CYS A C     1 
ATOM   475  O O     . CYS A 1 54  ? 3.543   6.283   -1.924  1.00 0.00 ? 54  CYS A O     1 
ATOM   476  C CB    . CYS A 1 54  ? 3.073   4.539   -4.355  1.00 0.00 ? 54  CYS A CB    1 
ATOM   477  S SG    . CYS A 1 54  ? 3.666   5.664   -5.663  1.00 0.00 ? 54  CYS A SG    1 
ATOM   478  H H     . CYS A 1 54  ? 3.039   3.692   -1.506  1.00 0.00 ? 54  CYS A H     1 
ATOM   479  H HG    . CYS A 1 54  ? 3.653   6.764   -4.919  1.00 0.00 ? 54  CYS A HG    1 
ATOM   480  N N     . PRO A 1 55  ? 5.692   6.103   -2.612  1.00 0.00 ? 55  PRO A N     1 
ATOM   481  C CA    . PRO A 1 55  ? 6.103   7.424   -2.126  1.00 0.00 ? 55  PRO A CA    1 
ATOM   482  C C     . PRO A 1 55  ? 5.655   8.561   -3.052  1.00 0.00 ? 55  PRO A C     1 
ATOM   483  O O     . PRO A 1 55  ? 5.166   8.326   -4.162  1.00 0.00 ? 55  PRO A O     1 
ATOM   484  C CB    . PRO A 1 55  ? 7.631   7.374   -1.977  1.00 0.00 ? 55  PRO A CB    1 
ATOM   485  C CG    . PRO A 1 55  ? 8.099   6.143   -2.743  1.00 0.00 ? 55  PRO A CG    1 
ATOM   486  C CD    . PRO A 1 55  ? 6.858   5.283   -2.991  1.00 0.00 ? 55  PRO A CD    1 
ATOM   487  N N     . ALA A 1 56  ? 5.721   9.771   -2.498  1.00 0.00 ? 56  ALA A N     1 
ATOM   488  C CA    . ALA A 1 56  ? 5.360   11.016  -3.197  1.00 0.00 ? 56  ALA A CA    1 
ATOM   489  C C     . ALA A 1 56  ? 6.448   11.431  -4.178  1.00 0.00 ? 56  ALA A C     1 
ATOM   490  O O     . ALA A 1 56  ? 7.634   11.616  -3.807  1.00 0.00 ? 56  ALA A O     1 
ATOM   491  C CB    . ALA A 1 56  ? 5.110   12.130  -2.189  1.00 0.00 ? 56  ALA A CB    1 
ATOM   492  H H     . ALA A 1 56  ? 6.055   9.892   -1.560  1.00 0.00 ? 56  ALA A H     1 
ATOM   493  N N     . MET A 1 57  ? 6.025   11.552  -5.403  1.00 0.00 ? 57  MET A N     1 
ATOM   494  C CA    . MET A 1 57  ? 6.875   11.888  -6.546  1.00 0.00 ? 57  MET A CA    1 
ATOM   495  C C     . MET A 1 57  ? 6.460   13.155  -7.289  1.00 0.00 ? 57  MET A C     1 
ATOM   496  O O     . MET A 1 57  ? 5.313   13.609  -7.201  1.00 0.00 ? 57  MET A O     1 
ATOM   497  C CB    . MET A 1 57  ? 6.782   10.700  -7.473  1.00 0.00 ? 57  MET A CB    1 
ATOM   498  C CG    . MET A 1 57  ? 8.217   10.342  -7.815  1.00 0.00 ? 57  MET A CG    1 
ATOM   499  S SD    . MET A 1 57  ? 8.189   9.108   -9.143  1.00 0.00 ? 57  MET A SD    1 
ATOM   500  C CE    . MET A 1 57  ? 9.767   9.523   -9.827  1.00 0.00 ? 57  MET A CE    1 
ATOM   501  H H     . MET A 1 57  ? 5.087   11.258  -5.672  1.00 0.00 ? 57  MET A H     1 
ATOM   502  N N     . GLY A 1 58  ? 7.422   13.675  -8.031  1.00 0.00 ? 58  GLY A N     1 
ATOM   503  C CA    . GLY A 1 58  ? 7.312   14.880  -8.872  1.00 0.00 ? 58  GLY A CA    1 
ATOM   504  C C     . GLY A 1 58  ? 6.830   16.063  -8.035  1.00 0.00 ? 58  GLY A C     1 
ATOM   505  O O     . GLY A 1 58  ? 7.516   16.500  -7.106  1.00 0.00 ? 58  GLY A O     1 
ATOM   506  H H     . GLY A 1 58  ? 8.326   13.236  -8.080  1.00 0.00 ? 58  GLY A H     1 
ATOM   507  N N     . SER A 1 59  ? 5.614   16.488  -8.338  1.00 0.00 ? 59  SER A N     1 
ATOM   508  C CA    . SER A 1 59  ? 4.931   17.486  -7.504  1.00 0.00 ? 59  SER A CA    1 
ATOM   509  C C     . SER A 1 59  ? 3.593   16.958  -6.992  1.00 0.00 ? 59  SER A C     1 
ATOM   510  O O     . SER A 1 59  ? 2.555   16.931  -7.670  1.00 0.00 ? 59  SER A O     1 
ATOM   511  C CB    . SER A 1 59  ? 4.831   18.824  -8.233  1.00 0.00 ? 59  SER A CB    1 
ATOM   512  O OG    . SER A 1 59  ? 4.098   18.612  -9.435  1.00 0.00 ? 59  SER A OG    1 
ATOM   513  H H     . SER A 1 59  ? 5.139   16.218  -9.185  1.00 0.00 ? 59  SER A H     1 
ATOM   514  H HG    . SER A 1 59  ? 3.165   18.354  -9.147  1.00 0.00 ? 59  SER A HG    1 
ATOM   515  N N     . GLU A 1 60  ? 3.810   16.302  -5.867  1.00 0.00 ? 60  GLU A N     1 
ATOM   516  C CA    . GLU A 1 60  ? 2.823   15.592  -5.026  1.00 0.00 ? 60  GLU A CA    1 
ATOM   517  C C     . GLU A 1 60  ? 1.921   14.609  -5.781  1.00 0.00 ? 60  GLU A C     1 
ATOM   518  O O     . GLU A 1 60  ? 0.679   14.664  -5.720  1.00 0.00 ? 60  GLU A O     1 
ATOM   519  C CB    . GLU A 1 60  ? 2.036   16.591  -4.176  1.00 0.00 ? 60  GLU A CB    1 
ATOM   520  C CG    . GLU A 1 60  ? 2.641   16.730  -2.780  1.00 0.00 ? 60  GLU A CG    1 
ATOM   521  C CD    . GLU A 1 60  ? 2.366   15.491  -1.933  1.00 0.00 ? 60  GLU A CD    1 
ATOM   522  O OE1   . GLU A 1 60  ? 1.224   15.344  -1.460  1.00 0.00 ? 60  GLU A OE1   1 
ATOM   523  O OE2   . GLU A 1 60  ? 3.313   14.682  -1.819  1.00 0.00 ? 60  GLU A OE2   1 
ATOM   524  H H     . GLU A 1 60  ? 4.747   16.302  -5.530  1.00 0.00 ? 60  GLU A H     1 
ATOM   525  N N     . GLU A 1 61  ? 2.582   13.629  -6.357  1.00 0.00 ? 61  GLU A N     1 
ATOM   526  C CA    . GLU A 1 61  ? 1.950   12.564  -7.131  1.00 0.00 ? 61  GLU A CA    1 
ATOM   527  C C     . GLU A 1 61  ? 2.439   11.155  -6.838  1.00 0.00 ? 61  GLU A C     1 
ATOM   528  O O     . GLU A 1 61  ? 3.519   10.959  -6.294  1.00 0.00 ? 61  GLU A O     1 
ATOM   529  C CB    . GLU A 1 61  ? 2.251   12.828  -8.577  1.00 0.00 ? 61  GLU A CB    1 
ATOM   530  C CG    . GLU A 1 61  ? 1.088   13.667  -9.058  1.00 0.00 ? 61  GLU A CG    1 
ATOM   531  C CD    . GLU A 1 61  ? 1.526   14.214  -10.394 1.00 0.00 ? 61  GLU A CD    1 
ATOM   532  O OE1   . GLU A 1 61  ? 1.651   13.383  -11.316 1.00 0.00 ? 61  GLU A OE1   1 
ATOM   533  O OE2   . GLU A 1 61  ? 1.803   15.432  -10.411 1.00 0.00 ? 61  GLU A OE2   1 
ATOM   534  H H     . GLU A 1 61  ? 3.589   13.670  -6.488  1.00 0.00 ? 61  GLU A H     1 
ATOM   535  N N     . LEU A 1 62  ? 1.675   10.222  -7.397  1.00 0.00 ? 62  LEU A N     1 
ATOM   536  C CA    . LEU A 1 62  ? 2.078   8.817   -7.479  1.00 0.00 ? 62  LEU A CA    1 
ATOM   537  C C     . LEU A 1 62  ? 3.197   8.584   -8.508  1.00 0.00 ? 62  LEU A C     1 
ATOM   538  O O     . LEU A 1 62  ? 3.435   9.371   -9.427  1.00 0.00 ? 62  LEU A O     1 
ATOM   539  C CB    . LEU A 1 62  ? 0.841   7.989   -7.823  1.00 0.00 ? 62  LEU A CB    1 
ATOM   540  C CG    . LEU A 1 62  ? -0.087  7.862   -6.610  1.00 0.00 ? 62  LEU A CG    1 
ATOM   541  C CD1   . LEU A 1 62  ? -1.520  7.633   -7.083  1.00 0.00 ? 62  LEU A CD1   1 
ATOM   542  C CD2   . LEU A 1 62  ? 0.374   6.714   -5.706  1.00 0.00 ? 62  LEU A CD2   1 
ATOM   543  H H     . LEU A 1 62  ? 0.798   10.441  -7.810  1.00 0.00 ? 62  LEU A H     1 
ATOM   544  N N     . GLU A 1 63  ? 3.852   7.442   -8.323  1.00 0.00 ? 63  GLU A N     1 
ATOM   545  C CA    . GLU A 1 63  ? 4.984   7.018   -9.163  1.00 0.00 ? 63  GLU A CA    1 
ATOM   546  C C     . GLU A 1 63  ? 4.459   6.436   -10.482 1.00 0.00 ? 63  GLU A C     1 
ATOM   547  O O     . GLU A 1 63  ? 4.200   5.232   -10.633 1.00 0.00 ? 63  GLU A O     1 
ATOM   548  C CB    . GLU A 1 63  ? 5.855   6.056   -8.346  1.00 0.00 ? 63  GLU A CB    1 
ATOM   549  C CG    . GLU A 1 63  ? 7.246   5.857   -8.932  1.00 0.00 ? 63  GLU A CG    1 
ATOM   550  C CD    . GLU A 1 63  ? 7.231   4.921   -10.141 1.00 0.00 ? 63  GLU A CD    1 
ATOM   551  O OE1   . GLU A 1 63  ? 6.946   3.730   -9.925  1.00 0.00 ? 63  GLU A OE1   1 
ATOM   552  O OE2   . GLU A 1 63  ? 7.341   5.459   -11.257 1.00 0.00 ? 63  GLU A OE2   1 
ATOM   553  H H     . GLU A 1 63  ? 3.574   6.803   -7.605  1.00 0.00 ? 63  GLU A H     1 
ATOM   554  N N     . ASP A 1 64  ? 4.476   7.328   -11.465 1.00 0.00 ? 64  ASP A N     1 
ATOM   555  C CA    . ASP A 1 64  ? 3.833   7.129   -12.780 1.00 0.00 ? 64  ASP A CA    1 
ATOM   556  C C     . ASP A 1 64  ? 4.175   5.843   -13.550 1.00 0.00 ? 64  ASP A C     1 
ATOM   557  O O     . ASP A 1 64  ? 3.296   5.005   -13.668 1.00 0.00 ? 64  ASP A O     1 
ATOM   558  C CB    . ASP A 1 64  ? 3.924   8.383   -13.667 1.00 0.00 ? 64  ASP A CB    1 
ATOM   559  C CG    . ASP A 1 64  ? 5.360   8.890   -13.879 1.00 0.00 ? 64  ASP A CG    1 
ATOM   560  O OD1   . ASP A 1 64  ? 5.996   8.428   -14.844 1.00 0.00 ? 64  ASP A OD1   1 
ATOM   561  O OD2   . ASP A 1 64  ? 5.839   9.616   -12.972 1.00 0.00 ? 64  ASP A OD2   1 
ATOM   562  H H     . ASP A 1 64  ? 4.818   8.251   -11.271 1.00 0.00 ? 64  ASP A H     1 
ATOM   563  N N     . SER A 1 65  ? 5.452   5.585   -13.760 1.00 0.00 ? 65  SER A N     1 
ATOM   564  C CA    . SER A 1 65  ? 5.914   4.512   -14.674 1.00 0.00 ? 65  SER A CA    1 
ATOM   565  C C     . SER A 1 65  ? 5.742   3.054   -14.224 1.00 0.00 ? 65  SER A C     1 
ATOM   566  O O     . SER A 1 65  ? 5.902   2.147   -15.049 1.00 0.00 ? 65  SER A O     1 
ATOM   567  C CB    . SER A 1 65  ? 7.363   4.773   -15.079 1.00 0.00 ? 65  SER A CB    1 
ATOM   568  O OG    . SER A 1 65  ? 8.114   5.082   -13.898 1.00 0.00 ? 65  SER A OG    1 
ATOM   569  H H     . SER A 1 65  ? 6.206   6.055   -13.286 1.00 0.00 ? 65  SER A H     1 
ATOM   570  H HG    . SER A 1 65  ? 9.039   4.707   -14.002 1.00 0.00 ? 65  SER A HG    1 
ATOM   571  N N     . VAL A 1 66  ? 5.453   2.827   -12.951 1.00 0.00 ? 66  VAL A N     1 
ATOM   572  C CA    . VAL A 1 66  ? 5.217   1.457   -12.421 1.00 0.00 ? 66  VAL A CA    1 
ATOM   573  C C     . VAL A 1 66  ? 3.832   1.348   -11.775 1.00 0.00 ? 66  VAL A C     1 
ATOM   574  O O     . VAL A 1 66  ? 2.975   0.609   -12.255 1.00 0.00 ? 66  VAL A O     1 
ATOM   575  C CB    . VAL A 1 66  ? 6.341   1.010   -11.458 1.00 0.00 ? 66  VAL A CB    1 
ATOM   576  C CG1   . VAL A 1 66  ? 6.142   -0.424  -10.963 1.00 0.00 ? 66  VAL A CG1   1 
ATOM   577  C CG2   . VAL A 1 66  ? 7.734   1.074   -12.104 1.00 0.00 ? 66  VAL A CG2   1 
ATOM   578  H H     . VAL A 1 66  ? 5.296   3.588   -12.322 1.00 0.00 ? 66  VAL A H     1 
ATOM   579  N N     . VAL A 1 67  ? 3.594   2.170   -10.745 1.00 0.00 ? 67  VAL A N     1 
ATOM   580  C CA    . VAL A 1 67  ? 2.339   2.159   -9.967  1.00 0.00 ? 67  VAL A CA    1 
ATOM   581  C C     . VAL A 1 67  ? 1.094   2.405   -10.813 1.00 0.00 ? 67  VAL A C     1 
ATOM   582  O O     . VAL A 1 67  ? 0.185   1.572   -10.751 1.00 0.00 ? 67  VAL A O     1 
ATOM   583  C CB    . VAL A 1 67  ? 2.464   3.100   -8.746  1.00 0.00 ? 67  VAL A CB    1 
ATOM   584  C CG1   . VAL A 1 67  ? 1.182   3.164   -7.896  1.00 0.00 ? 67  VAL A CG1   1 
ATOM   585  C CG2   . VAL A 1 67  ? 3.625   2.668   -7.839  1.00 0.00 ? 67  VAL A CG2   1 
ATOM   586  H H     . VAL A 1 67  ? 4.304   2.794   -10.397 1.00 0.00 ? 67  VAL A H     1 
ATOM   587  N N     . GLU A 1 68  ? 1.134   3.366   -11.736 1.00 0.00 ? 68  GLU A N     1 
ATOM   588  C CA    . GLU A 1 68  ? -0.021  3.615   -12.628 1.00 0.00 ? 68  GLU A CA    1 
ATOM   589  C C     . GLU A 1 68  ? -0.305  2.518   -13.667 1.00 0.00 ? 68  GLU A C     1 
ATOM   590  O O     . GLU A 1 68  ? -1.477  2.158   -13.802 1.00 0.00 ? 68  GLU A O     1 
ATOM   591  C CB    . GLU A 1 68  ? -0.042  5.028   -13.239 1.00 0.00 ? 68  GLU A CB    1 
ATOM   592  C CG    . GLU A 1 68  ? -0.710  6.067   -12.335 1.00 0.00 ? 68  GLU A CG    1 
ATOM   593  C CD    . GLU A 1 68  ? 0.186   6.581   -11.205 1.00 0.00 ? 68  GLU A CD    1 
ATOM   594  O OE1   . GLU A 1 68  ? 0.955   7.521   -11.483 1.00 0.00 ? 68  GLU A OE1   1 
ATOM   595  O OE2   . GLU A 1 68  ? 0.068   6.047   -10.088 1.00 0.00 ? 68  GLU A OE2   1 
ATOM   596  H H     . GLU A 1 68  ? 1.974   3.868   -11.925 1.00 0.00 ? 68  GLU A H     1 
ATOM   597  N N     . PRO A 1 69  ? 0.704   1.932   -14.347 1.00 0.00 ? 69  PRO A N     1 
ATOM   598  C CA    . PRO A 1 69  ? 0.525   0.702   -15.144 1.00 0.00 ? 69  PRO A CA    1 
ATOM   599  C C     . PRO A 1 69  ? 0.013   -0.494  -14.330 1.00 0.00 ? 69  PRO A C     1 
ATOM   600  O O     . PRO A 1 69  ? -0.818  -1.245  -14.824 1.00 0.00 ? 69  PRO A O     1 
ATOM   601  C CB    . PRO A 1 69  ? 1.892   0.415   -15.753 1.00 0.00 ? 69  PRO A CB    1 
ATOM   602  C CG    . PRO A 1 69  ? 2.443   1.806   -15.999 1.00 0.00 ? 69  PRO A CG    1 
ATOM   603  C CD    . PRO A 1 69  ? 1.969   2.578   -14.764 1.00 0.00 ? 69  PRO A CD    1 
ATOM   604  N N     . PHE A 1 70  ? 0.510   -0.681  -13.108 1.00 0.00 ? 70  PHE A N     1 
ATOM   605  C CA    . PHE A 1 70  ? 0.004   -1.799  -12.285 1.00 0.00 ? 70  PHE A CA    1 
ATOM   606  C C     . PHE A 1 70  ? -1.424  -1.574  -11.781 1.00 0.00 ? 70  PHE A C     1 
ATOM   607  O O     . PHE A 1 70  ? -2.258  -2.450  -11.877 1.00 0.00 ? 70  PHE A O     1 
ATOM   608  C CB    . PHE A 1 70  ? 0.958   -2.205  -11.147 1.00 0.00 ? 70  PHE A CB    1 
ATOM   609  C CG    . PHE A 1 70  ? 0.535   -3.559  -10.561 1.00 0.00 ? 70  PHE A CG    1 
ATOM   610  C CD1   . PHE A 1 70  ? 0.600   -4.713  -11.390 1.00 0.00 ? 70  PHE A CD1   1 
ATOM   611  C CD2   . PHE A 1 70  ? -0.161  -3.603  -9.336  1.00 0.00 ? 70  PHE A CD2   1 
ATOM   612  C CE1   . PHE A 1 70  ? -0.056  -5.893  -10.993 1.00 0.00 ? 70  PHE A CE1   1 
ATOM   613  C CE2   . PHE A 1 70  ? -0.814  -4.781  -8.928  1.00 0.00 ? 70  PHE A CE2   1 
ATOM   614  C CZ    . PHE A 1 70  ? -0.758  -5.925  -9.769  1.00 0.00 ? 70  PHE A CZ    1 
ATOM   615  H H     . PHE A 1 70  ? 1.279   -0.156  -12.717 1.00 0.00 ? 70  PHE A H     1 
ATOM   616  N N     . PHE A 1 71  ? -1.693  -0.331  -11.360 1.00 0.00 ? 71  PHE A N     1 
ATOM   617  C CA    . PHE A 1 71  ? -3.036  0.110   -10.959 1.00 0.00 ? 71  PHE A CA    1 
ATOM   618  C C     . PHE A 1 71  ? -4.141  -0.144  -12.006 1.00 0.00 ? 71  PHE A C     1 
ATOM   619  O O     . PHE A 1 71  ? -5.180  -0.677  -11.680 1.00 0.00 ? 71  PHE A O     1 
ATOM   620  C CB    . PHE A 1 71  ? -2.941  1.586   -10.559 1.00 0.00 ? 71  PHE A CB    1 
ATOM   621  C CG    . PHE A 1 71  ? -4.241  2.075   -9.947  1.00 0.00 ? 71  PHE A CG    1 
ATOM   622  C CD1   . PHE A 1 71  ? -4.648  1.568   -8.696  1.00 0.00 ? 71  PHE A CD1   1 
ATOM   623  C CD2   . PHE A 1 71  ? -5.126  2.835   -10.760 1.00 0.00 ? 71  PHE A CD2   1 
ATOM   624  C CE1   . PHE A 1 71  ? -5.976  1.776   -8.257  1.00 0.00 ? 71  PHE A CE1   1 
ATOM   625  C CE2   . PHE A 1 71  ? -6.442  3.050   -10.326 1.00 0.00 ? 71  PHE A CE2   1 
ATOM   626  C CZ    . PHE A 1 71  ? -6.861  2.510   -9.083  1.00 0.00 ? 71  PHE A CZ    1 
ATOM   627  H H     . PHE A 1 71  ? -0.950  0.306   -11.143 1.00 0.00 ? 71  PHE A H     1 
ATOM   628  N N     . THR A 1 72  ? -3.841  0.179   -13.276 1.00 0.00 ? 72  THR A N     1 
ATOM   629  C CA    . THR A 1 72  ? -4.799  -0.081  -14.382 1.00 0.00 ? 72  THR A CA    1 
ATOM   630  C C     . THR A 1 72  ? -5.080  -1.574  -14.599 1.00 0.00 ? 72  THR A C     1 
ATOM   631  O O     . THR A 1 72  ? -6.226  -1.972  -14.762 1.00 0.00 ? 72  THR A O     1 
ATOM   632  C CB    . THR A 1 72  ? -4.301  0.536   -15.689 1.00 0.00 ? 72  THR A CB    1 
ATOM   633  O OG1   . THR A 1 72  ? -2.923  0.195   -15.838 1.00 0.00 ? 72  THR A OG1   1 
ATOM   634  C CG2   . THR A 1 72  ? -4.517  2.055   -15.730 1.00 0.00 ? 72  THR A CG2   1 
ATOM   635  H H     . THR A 1 72  ? -2.976  0.579   -13.551 1.00 0.00 ? 72  THR A H     1 
ATOM   636  H HG1   . THR A 1 72  ? -2.627  0.361   -16.774 1.00 0.00 ? 72  THR A HG1   1 
ATOM   637  N N     . ASP A 1 73  ? -4.022  -2.378  -14.538 1.00 0.00 ? 73  ASP A N     1 
ATOM   638  C CA    . ASP A 1 73  ? -4.090  -3.856  -14.538 1.00 0.00 ? 73  ASP A CA    1 
ATOM   639  C C     . ASP A 1 73  ? -4.894  -4.404  -13.340 1.00 0.00 ? 73  ASP A C     1 
ATOM   640  O O     . ASP A 1 73  ? -5.603  -5.395  -13.481 1.00 0.00 ? 73  ASP A O     1 
ATOM   641  C CB    . ASP A 1 73  ? -2.657  -4.401  -14.539 1.00 0.00 ? 73  ASP A CB    1 
ATOM   642  C CG    . ASP A 1 73  ? -2.576  -5.931  -14.575 1.00 0.00 ? 73  ASP A CG    1 
ATOM   643  O OD1   . ASP A 1 73  ? -2.736  -6.488  -15.688 1.00 0.00 ? 73  ASP A OD1   1 
ATOM   644  O OD2   . ASP A 1 73  ? -2.263  -6.516  -13.517 1.00 0.00 ? 73  ASP A OD2   1 
ATOM   645  H H     . ASP A 1 73  ? -3.098  -1.984  -14.592 1.00 0.00 ? 73  ASP A H     1 
ATOM   646  N N     . LEU A 1 74  ? -4.690  -3.809  -12.175 1.00 0.00 ? 74  LEU A N     1 
ATOM   647  C CA    . LEU A 1 74  ? -5.342  -4.164  -10.898 1.00 0.00 ? 74  LEU A CA    1 
ATOM   648  C C     . LEU A 1 74  ? -6.852  -3.883  -10.837 1.00 0.00 ? 74  LEU A C     1 
ATOM   649  O O     . LEU A 1 74  ? -7.633  -4.727  -10.453 1.00 0.00 ? 74  LEU A O     1 
ATOM   650  C CB    . LEU A 1 74  ? -4.573  -3.401  -9.813  1.00 0.00 ? 74  LEU A CB    1 
ATOM   651  C CG    . LEU A 1 74  ? -5.052  -3.674  -8.381  1.00 0.00 ? 74  LEU A CG    1 
ATOM   652  C CD1   . LEU A 1 74  ? -4.786  -5.132  -7.994  1.00 0.00 ? 74  LEU A CD1   1 
ATOM   653  C CD2   . LEU A 1 74  ? -4.313  -2.748  -7.416  1.00 0.00 ? 74  LEU A CD2   1 
ATOM   654  H H     . LEU A 1 74  ? -3.962  -3.122  -12.074 1.00 0.00 ? 74  LEU A H     1 
ATOM   655  N N     . ALA A 1 75  ? -7.228  -2.702  -11.387 1.00 0.00 ? 75  ALA A N     1 
ATOM   656  C CA    . ALA A 1 75  ? -8.594  -2.165  -11.358 1.00 0.00 ? 75  ALA A CA    1 
ATOM   657  C C     . ALA A 1 75  ? -9.775  -3.152  -11.578 1.00 0.00 ? 75  ALA A C     1 
ATOM   658  O O     . ALA A 1 75  ? -10.632 -3.167  -10.713 1.00 0.00 ? 75  ALA A O     1 
ATOM   659  C CB    . ALA A 1 75  ? -8.693  -0.942  -12.293 1.00 0.00 ? 75  ALA A CB    1 
ATOM   660  H H     . ALA A 1 75  ? -6.539  -2.097  -11.778 1.00 0.00 ? 75  ALA A H     1 
ATOM   661  N N     . PRO A 1 76  ? -9.754  -4.046  -12.605 1.00 0.00 ? 76  PRO A N     1 
ATOM   662  C CA    . PRO A 1 76  ? -10.853 -5.029  -12.783 1.00 0.00 ? 76  PRO A CA    1 
ATOM   663  C C     . PRO A 1 76  ? -11.122 -5.930  -11.580 1.00 0.00 ? 76  PRO A C     1 
ATOM   664  O O     . PRO A 1 76  ? -12.284 -6.207  -11.279 1.00 0.00 ? 76  PRO A O     1 
ATOM   665  C CB    . PRO A 1 76  ? -10.505 -5.849  -14.035 1.00 0.00 ? 76  PRO A CB    1 
ATOM   666  C CG    . PRO A 1 76  ? -9.065  -5.487  -14.380 1.00 0.00 ? 76  PRO A CG    1 
ATOM   667  C CD    . PRO A 1 76  ? -8.825  -4.119  -13.733 1.00 0.00 ? 76  PRO A CD    1 
ATOM   668  N N     . LYS A 1 77  ? -10.076 -6.273  -10.825 1.00 0.00 ? 77  LYS A N     1 
ATOM   669  C CA    . LYS A 1 77  ? -10.229 -7.116  -9.616  1.00 0.00 ? 77  LYS A CA    1 
ATOM   670  C C     . LYS A 1 77  ? -10.043 -6.397  -8.298  1.00 0.00 ? 77  LYS A C     1 
ATOM   671  O O     . LYS A 1 77  ? -9.875  -7.030  -7.241  1.00 0.00 ? 77  LYS A O     1 
ATOM   672  C CB    . LYS A 1 77  ? -9.279  -8.284  -9.652  1.00 0.00 ? 77  LYS A CB    1 
ATOM   673  C CG    . LYS A 1 77  ? -9.798  -9.133  -10.792 1.00 0.00 ? 77  LYS A CG    1 
ATOM   674  C CD    . LYS A 1 77  ? -9.239  -10.514 -10.644 1.00 0.00 ? 77  LYS A CD    1 
ATOM   675  C CE    . LYS A 1 77  ? -9.687  -11.131 -11.940 1.00 0.00 ? 77  LYS A CE    1 
ATOM   676  N NZ    . LYS A 1 77  ? -9.291  -12.509 -11.760 1.00 0.00 ? 77  LYS A NZ    1 
ATOM   677  H H     . LYS A 1 77  ? -9.131  -6.043  -11.056 1.00 0.00 ? 77  LYS A H     1 
ATOM   678  H HZ1   . LYS A 1 77  ? -10.116 -13.047 -11.597 1.00 0.00 ? 77  LYS A HZ1   1 
ATOM   679  H HZ2   . LYS A 1 77  ? -8.814  -12.815 -12.586 1.00 0.00 ? 77  LYS A HZ2   1 
ATOM   680  H HZ3   . LYS A 1 77  ? -8.693  -12.551 -10.957 1.00 0.00 ? 77  LYS A HZ3   1 
ATOM   681  N N     . LEU A 1 78  ? -10.214 -5.103  -8.323  1.00 0.00 ? 78  LEU A N     1 
ATOM   682  C CA    . LEU A 1 78  ? -10.122 -4.300  -7.088  1.00 0.00 ? 78  LEU A CA    1 
ATOM   683  C C     . LEU A 1 78  ? -11.524 -3.845  -6.686  1.00 0.00 ? 78  LEU A C     1 
ATOM   684  O O     . LEU A 1 78  ? -11.865 -2.654  -6.702  1.00 0.00 ? 78  LEU A O     1 
ATOM   685  C CB    . LEU A 1 78  ? -9.107  -3.187  -7.329  1.00 0.00 ? 78  LEU A CB    1 
ATOM   686  C CG    . LEU A 1 78  ? -8.634  -2.568  -6.008  1.00 0.00 ? 78  LEU A CG    1 
ATOM   687  C CD1   . LEU A 1 78  ? -7.764  -3.533  -5.199  1.00 0.00 ? 78  LEU A CD1   1 
ATOM   688  C CD2   . LEU A 1 78  ? -7.883  -1.283  -6.309  1.00 0.00 ? 78  LEU A CD2   1 
ATOM   689  H H     . LEU A 1 78  ? -10.420 -4.603  -9.162  1.00 0.00 ? 78  LEU A H     1 
ATOM   690  N N     . LYS A 1 79  ? -12.347 -4.863  -6.458  1.00 0.00 ? 79  LYS A N     1 
ATOM   691  C CA    . LYS A 1 79  ? -13.767 -4.731  -6.091  1.00 0.00 ? 79  LYS A CA    1 
ATOM   692  C C     . LYS A 1 79  ? -14.061 -5.522  -4.814  1.00 0.00 ? 79  LYS A C     1 
ATOM   693  O O     . LYS A 1 79  ? -13.599 -6.646  -4.667  1.00 0.00 ? 79  LYS A O     1 
ATOM   694  C CB    . LYS A 1 79  ? -14.640 -5.272  -7.220  1.00 0.00 ? 79  LYS A CB    1 
ATOM   695  C CG    . LYS A 1 79  ? -14.640 -4.363  -8.449  1.00 0.00 ? 79  LYS A CG    1 
ATOM   696  C CD    . LYS A 1 79  ? -15.437 -5.070  -9.554  1.00 0.00 ? 79  LYS A CD    1 
ATOM   697  C CE    . LYS A 1 79  ? -15.903 -4.120  -10.658 1.00 0.00 ? 79  LYS A CE    1 
ATOM   698  N NZ    . LYS A 1 79  ? -14.699 -3.664  -11.361 1.00 0.00 ? 79  LYS A NZ    1 
ATOM   699  H H     . LYS A 1 79  ? -12.041 -5.812  -6.562  1.00 0.00 ? 79  LYS A H     1 
ATOM   700  H HZ1   . LYS A 1 79  ? -14.214 -3.051  -10.748 1.00 0.00 ? 79  LYS A HZ1   1 
ATOM   701  H HZ2   . LYS A 1 79  ? -14.149 -4.478  -11.546 1.00 0.00 ? 79  LYS A HZ2   1 
ATOM   702  H HZ3   . LYS A 1 79  ? -14.946 -3.187  -12.205 1.00 0.00 ? 79  LYS A HZ3   1 
ATOM   703  N N     . GLY A 1 80  ? -14.686 -4.822  -3.873  1.00 0.00 ? 80  GLY A N     1 
ATOM   704  C CA    . GLY A 1 80  ? -15.047 -5.333  -2.536  1.00 0.00 ? 80  GLY A CA    1 
ATOM   705  C C     . GLY A 1 80  ? -13.859 -5.367  -1.562  1.00 0.00 ? 80  GLY A C     1 
ATOM   706  O O     . GLY A 1 80  ? -13.938 -4.885  -0.440  1.00 0.00 ? 80  GLY A O     1 
ATOM   707  H H     . GLY A 1 80  ? -14.947 -3.861  -4.020  1.00 0.00 ? 80  GLY A H     1 
ATOM   708  N N     . LYS A 1 81  ? -12.755 -5.881  -2.083  1.00 0.00 ? 81  LYS A N     1 
ATOM   709  C CA    . LYS A 1 81  ? -11.489 -6.072  -1.343  1.00 0.00 ? 81  LYS A CA    1 
ATOM   710  C C     . LYS A 1 81  ? -10.963 -4.885  -0.553  1.00 0.00 ? 81  LYS A C     1 
ATOM   711  O O     . LYS A 1 81  ? -11.046 -3.722  -0.984  1.00 0.00 ? 81  LYS A O     1 
ATOM   712  C CB    . LYS A 1 81  ? -10.404 -6.464  -2.320  1.00 0.00 ? 81  LYS A CB    1 
ATOM   713  C CG    . LYS A 1 81  ? -10.648 -7.890  -2.757  1.00 0.00 ? 81  LYS A CG    1 
ATOM   714  C CD    . LYS A 1 81  ? -9.530  -8.150  -3.736  1.00 0.00 ? 81  LYS A CD    1 
ATOM   715  C CE    . LYS A 1 81  ? -10.190 -8.823  -4.918  1.00 0.00 ? 81  LYS A CE    1 
ATOM   716  N NZ    . LYS A 1 81  ? -9.731  -10.209 -4.902  1.00 0.00 ? 81  LYS A NZ    1 
ATOM   717  H H     . LYS A 1 81  ? -12.758 -6.217  -3.029  1.00 0.00 ? 81  LYS A H     1 
ATOM   718  H HZ1   . LYS A 1 81  ? -9.548  -10.434 -5.853  1.00 0.00 ? 81  LYS A HZ1   1 
ATOM   719  H HZ2   . LYS A 1 81  ? -8.908  -10.310 -4.346  1.00 0.00 ? 81  LYS A HZ2   1 
ATOM   720  H HZ3   . LYS A 1 81  ? -10.470 -10.782 -4.549  1.00 0.00 ? 81  LYS A HZ3   1 
ATOM   721  N N     . LYS A 1 82  ? -10.245 -5.265  0.470   1.00 0.00 ? 82  LYS A N     1 
ATOM   722  C CA    . LYS A 1 82  ? -9.644  -4.340  1.450   1.00 0.00 ? 82  LYS A CA    1 
ATOM   723  C C     . LYS A 1 82  ? -8.248  -3.937  0.967   1.00 0.00 ? 82  LYS A C     1 
ATOM   724  O O     . LYS A 1 82  ? -7.346  -4.766  0.864   1.00 0.00 ? 82  LYS A O     1 
ATOM   725  C CB    . LYS A 1 82  ? -9.505  -5.053  2.793   1.00 0.00 ? 82  LYS A CB    1 
ATOM   726  C CG    . LYS A 1 82  ? -10.832 -5.564  3.330   1.00 0.00 ? 82  LYS A CG    1 
ATOM   727  C CD    . LYS A 1 82  ? -11.481 -4.459  4.157   1.00 0.00 ? 82  LYS A CD    1 
ATOM   728  C CE    . LYS A 1 82  ? -12.895 -4.899  4.484   1.00 0.00 ? 82  LYS A CE    1 
ATOM   729  N NZ    . LYS A 1 82  ? -12.922 -5.553  5.802   1.00 0.00 ? 82  LYS A NZ    1 
ATOM   730  H H     . LYS A 1 82  ? -10.076 -6.238  0.666   1.00 0.00 ? 82  LYS A H     1 
ATOM   731  H HZ1   . LYS A 1 82  ? -13.765 -6.082  5.849   1.00 0.00 ? 82  LYS A HZ1   1 
ATOM   732  H HZ2   . LYS A 1 82  ? -12.124 -6.142  5.929   1.00 0.00 ? 82  LYS A HZ2   1 
ATOM   733  H HZ3   . LYS A 1 82  ? -12.937 -4.849  6.504   1.00 0.00 ? 82  LYS A HZ3   1 
ATOM   734  N N     . VAL A 1 83  ? -8.133  -2.670  0.615   1.00 0.00 ? 83  VAL A N     1 
ATOM   735  C CA    . VAL A 1 83  ? -6.870  -2.109  0.104   1.00 0.00 ? 83  VAL A CA    1 
ATOM   736  C C     . VAL A 1 83  ? -6.362  -0.963  0.985   1.00 0.00 ? 83  VAL A C     1 
ATOM   737  O O     . VAL A 1 83  ? -7.055  0.006   1.220   1.00 0.00 ? 83  VAL A O     1 
ATOM   738  C CB    . VAL A 1 83  ? -7.040  -1.790  -1.391  1.00 0.00 ? 83  VAL A CB    1 
ATOM   739  C CG1   . VAL A 1 83  ? -8.084  -0.699  -1.684  1.00 0.00 ? 83  VAL A CG1   1 
ATOM   740  C CG2   . VAL A 1 83  ? -5.703  -1.449  -2.034  1.00 0.00 ? 83  VAL A CG2   1 
ATOM   741  H H     . VAL A 1 83  ? -8.928  -2.054  0.631   1.00 0.00 ? 83  VAL A H     1 
ATOM   742  N N     . GLY A 1 84  ? -5.226  -1.230  1.620   1.00 0.00 ? 84  GLY A N     1 
ATOM   743  C CA    . GLY A 1 84  ? -4.531  -0.243  2.472   1.00 0.00 ? 84  GLY A CA    1 
ATOM   744  C C     . GLY A 1 84  ? -3.437  0.456   1.659   1.00 0.00 ? 84  GLY A C     1 
ATOM   745  O O     . GLY A 1 84  ? -2.813  -0.118  0.770   1.00 0.00 ? 84  GLY A O     1 
ATOM   746  H H     . GLY A 1 84  ? -4.753  -2.106  1.484   1.00 0.00 ? 84  GLY A H     1 
ATOM   747  N N     . LEU A 1 85  ? -3.267  1.740   1.941   1.00 0.00 ? 85  LEU A N     1 
ATOM   748  C CA    . LEU A 1 85  ? -2.373  2.617   1.165   1.00 0.00 ? 85  LEU A CA    1 
ATOM   749  C C     . LEU A 1 85  ? -1.256  3.146   2.071   1.00 0.00 ? 85  LEU A C     1 
ATOM   750  O O     . LEU A 1 85  ? -1.526  3.686   3.142   1.00 0.00 ? 85  LEU A O     1 
ATOM   751  C CB    . LEU A 1 85  ? -3.182  3.785   0.617   1.00 0.00 ? 85  LEU A CB    1 
ATOM   752  C CG    . LEU A 1 85  ? -3.995  3.503   -0.662  1.00 0.00 ? 85  LEU A CG    1 
ATOM   753  C CD1   . LEU A 1 85  ? -5.073  2.420   -0.541  1.00 0.00 ? 85  LEU A CD1   1 
ATOM   754  C CD2   . LEU A 1 85  ? -4.686  4.806   -1.043  1.00 0.00 ? 85  LEU A CD2   1 
ATOM   755  H H     . LEU A 1 85  ? -3.743  2.178   2.710   1.00 0.00 ? 85  LEU A H     1 
ATOM   756  N N     . PHE A 1 86  ? -0.022  2.890   1.670   1.00 0.00 ? 86  PHE A N     1 
ATOM   757  C CA    . PHE A 1 86  ? 1.141   3.369   2.438   1.00 0.00 ? 86  PHE A CA    1 
ATOM   758  C C     . PHE A 1 86  ? 2.204   4.062   1.581   1.00 0.00 ? 86  PHE A C     1 
ATOM   759  O O     . PHE A 1 86  ? 2.603   3.579   0.523   1.00 0.00 ? 86  PHE A O     1 
ATOM   760  C CB    . PHE A 1 86  ? 1.744   2.267   3.334   1.00 0.00 ? 86  PHE A CB    1 
ATOM   761  C CG    . PHE A 1 86  ? 2.414   1.105   2.612   1.00 0.00 ? 86  PHE A CG    1 
ATOM   762  C CD1   . PHE A 1 86  ? 1.645   -0.010  2.188   1.00 0.00 ? 86  PHE A CD1   1 
ATOM   763  C CD2   . PHE A 1 86  ? 3.827   1.092   2.525   1.00 0.00 ? 86  PHE A CD2   1 
ATOM   764  C CE1   . PHE A 1 86  ? 2.308   -1.150  1.687   1.00 0.00 ? 86  PHE A CE1   1 
ATOM   765  C CE2   . PHE A 1 86  ? 4.488   -0.056  2.027   1.00 0.00 ? 86  PHE A CE2   1 
ATOM   766  C CZ    . PHE A 1 86  ? 3.712   -1.165  1.615   1.00 0.00 ? 86  PHE A CZ    1 
ATOM   767  H H     . PHE A 1 86  ? 0.171   2.389   0.812   1.00 0.00 ? 86  PHE A H     1 
ATOM   768  N N     . GLY A 1 87  ? 2.586   5.236   2.060   1.00 0.00 ? 87  GLY A N     1 
ATOM   769  C CA    . GLY A 1 87  ? 3.548   6.113   1.373   1.00 0.00 ? 87  GLY A CA    1 
ATOM   770  C C     . GLY A 1 87  ? 4.398   6.989   2.278   1.00 0.00 ? 87  GLY A C     1 
ATOM   771  O O     . GLY A 1 87  ? 3.959   7.476   3.345   1.00 0.00 ? 87  GLY A O     1 
ATOM   772  H H     . GLY A 1 87  ? 2.178   5.615   2.902   1.00 0.00 ? 87  GLY A H     1 
ATOM   773  N N     . SER A 1 88  ? 5.578   7.237   1.777   1.00 0.00 ? 88  SER A N     1 
ATOM   774  C CA    . SER A 1 88  ? 6.576   8.149   2.366   1.00 0.00 ? 88  SER A CA    1 
ATOM   775  C C     . SER A 1 88  ? 6.562   9.472   1.595   1.00 0.00 ? 88  SER A C     1 
ATOM   776  O O     . SER A 1 88  ? 6.460   9.503   0.362   1.00 0.00 ? 88  SER A O     1 
ATOM   777  C CB    . SER A 1 88  ? 7.995   7.618   2.203   1.00 0.00 ? 88  SER A CB    1 
ATOM   778  O OG    . SER A 1 88  ? 8.119   6.277   2.661   1.00 0.00 ? 88  SER A OG    1 
ATOM   779  H H     . SER A 1 88  ? 5.912   6.746   0.964   1.00 0.00 ? 88  SER A H     1 
ATOM   780  H HG    . SER A 1 88  ? 8.494   6.322   3.597   1.00 0.00 ? 88  SER A HG    1 
ATOM   781  N N     . TYR A 1 89  ? 6.658   10.538  2.361   1.00 0.00 ? 89  TYR A N     1 
ATOM   782  C CA    . TYR A 1 89  ? 6.861   11.886  1.805   1.00 0.00 ? 89  TYR A CA    1 
ATOM   783  C C     . TYR A 1 89  ? 8.056   12.589  2.450   1.00 0.00 ? 89  TYR A C     1 
ATOM   784  O O     . TYR A 1 89  ? 8.530   12.194  3.521   1.00 0.00 ? 89  TYR A O     1 
ATOM   785  C CB    . TYR A 1 89  ? 5.584   12.723  1.888   1.00 0.00 ? 89  TYR A CB    1 
ATOM   786  C CG    . TYR A 1 89  ? 5.094   12.957  3.326   1.00 0.00 ? 89  TYR A CG    1 
ATOM   787  C CD1   . TYR A 1 89  ? 5.564   14.073  4.055   1.00 0.00 ? 89  TYR A CD1   1 
ATOM   788  C CD2   . TYR A 1 89  ? 4.176   12.032  3.876   1.00 0.00 ? 89  TYR A CD2   1 
ATOM   789  C CE1   . TYR A 1 89  ? 5.112   14.263  5.365   1.00 0.00 ? 89  TYR A CE1   1 
ATOM   790  C CE2   . TYR A 1 89  ? 3.709   12.239  5.186   1.00 0.00 ? 89  TYR A CE2   1 
ATOM   791  C CZ    . TYR A 1 89  ? 4.176   13.352  5.905   1.00 0.00 ? 89  TYR A CZ    1 
ATOM   792  O OH    . TYR A 1 89  ? 3.583   13.636  7.089   1.00 0.00 ? 89  TYR A OH    1 
ATOM   793  H H     . TYR A 1 89  ? 6.574   10.483  3.373   1.00 0.00 ? 89  TYR A H     1 
ATOM   794  H HH    . TYR A 1 89  ? 4.331   13.785  7.768   1.00 0.00 ? 89  TYR A HH    1 
ATOM   795  N N     . GLY A 1 90  ? 8.535   13.601  1.738   1.00 0.00 ? 90  GLY A N     1 
ATOM   796  C CA    . GLY A 1 90  ? 9.608   14.484  2.207   1.00 0.00 ? 90  GLY A CA    1 
ATOM   797  C C     . GLY A 1 90  ? 9.010   15.802  2.739   1.00 0.00 ? 90  GLY A C     1 
ATOM   798  O O     . GLY A 1 90  ? 8.821   15.979  3.929   1.00 0.00 ? 90  GLY A O     1 
ATOM   799  H H     . GLY A 1 90  ? 8.155   13.809  0.831   1.00 0.00 ? 90  GLY A H     1 
ATOM   800  N N     . TRP A 1 91  ? 8.580   16.620  1.789   1.00 0.00 ? 91  TRP A N     1 
ATOM   801  C CA    . TRP A 1 91  ? 8.158   18.009  2.093   1.00 0.00 ? 91  TRP A CA    1 
ATOM   802  C C     . TRP A 1 91  ? 6.674   18.404  1.967   1.00 0.00 ? 91  TRP A C     1 
ATOM   803  O O     . TRP A 1 91  ? 6.264   19.419  2.499   1.00 0.00 ? 91  TRP A O     1 
ATOM   804  C CB    . TRP A 1 91  ? 9.001   19.008  1.288   1.00 0.00 ? 91  TRP A CB    1 
ATOM   805  C CG    . TRP A 1 91  ? 8.947   18.716  -0.213  1.00 0.00 ? 91  TRP A CG    1 
ATOM   806  C CD1   . TRP A 1 91  ? 8.118   19.263  -1.091  1.00 0.00 ? 91  TRP A CD1   1 
ATOM   807  C CD2   . TRP A 1 91  ? 9.930   18.032  -0.913  1.00 0.00 ? 91  TRP A CD2   1 
ATOM   808  N NE1   . TRP A 1 91  ? 8.536   18.996  -2.330  1.00 0.00 ? 91  TRP A NE1   1 
ATOM   809  C CE2   . TRP A 1 91  ? 9.638   18.265  -2.278  1.00 0.00 ? 91  TRP A CE2   1 
ATOM   810  C CE3   . TRP A 1 91  ? 11.073  17.307  -0.521  1.00 0.00 ? 91  TRP A CE3   1 
ATOM   811  C CZ2   . TRP A 1 91  ? 10.513  17.794  -3.273  1.00 0.00 ? 91  TRP A CZ2   1 
ATOM   812  C CZ3   . TRP A 1 91  ? 11.945  16.834  -1.525  1.00 0.00 ? 91  TRP A CZ3   1 
ATOM   813  C CH2   . TRP A 1 91  ? 11.666  17.077  -2.885  1.00 0.00 ? 91  TRP A CH2   1 
ATOM   814  H H     . TRP A 1 91  ? 8.577   16.355  0.823   1.00 0.00 ? 91  TRP A H     1 
ATOM   815  H HE1   . TRP A 1 91  ? 8.125   19.358  -3.162  1.00 0.00 ? 91  TRP A HE1   1 
ATOM   816  N N     . GLY A 1 92  ? 5.868   17.544  1.335   1.00 0.00 ? 92  GLY A N     1 
ATOM   817  C CA    . GLY A 1 92  ? 4.454   17.839  1.067   1.00 0.00 ? 92  GLY A CA    1 
ATOM   818  C C     . GLY A 1 92  ? 3.681   16.562  1.405   1.00 0.00 ? 92  GLY A C     1 
ATOM   819  O O     . GLY A 1 92  ? 4.008   15.498  0.920   1.00 0.00 ? 92  GLY A O     1 
ATOM   820  H H     . GLY A 1 92  ? 6.124   16.589  1.203   1.00 0.00 ? 92  GLY A H     1 
ATOM   821  N N     . SER A 1 93  ? 2.648   16.752  2.219   1.00 0.00 ? 93  SER A N     1 
ATOM   822  C CA    . SER A 1 93  ? 1.812   15.628  2.639   1.00 0.00 ? 93  SER A CA    1 
ATOM   823  C C     . SER A 1 93  ? 0.398   15.739  2.058   1.00 0.00 ? 93  SER A C     1 
ATOM   824  O O     . SER A 1 93  ? -0.008  16.777  1.544   1.00 0.00 ? 93  SER A O     1 
ATOM   825  C CB    . SER A 1 93  ? 1.730   15.621  4.172   1.00 0.00 ? 93  SER A CB    1 
ATOM   826  O OG    . SER A 1 93  ? 1.169   14.372  4.574   1.00 0.00 ? 93  SER A OG    1 
ATOM   827  H H     . SER A 1 93  ? 2.339   17.649  2.519   1.00 0.00 ? 93  SER A H     1 
ATOM   828  H HG    . SER A 1 93  ? 1.623   14.093  5.427   1.00 0.00 ? 93  SER A HG    1 
ATOM   829  N N     . GLY A 1 94  ? -0.212  14.566  1.970   1.00 0.00 ? 94  GLY A N     1 
ATOM   830  C CA    . GLY A 1 94  ? -1.666  14.428  1.745   1.00 0.00 ? 94  GLY A CA    1 
ATOM   831  C C     . GLY A 1 94  ? -2.066  14.234  0.289   1.00 0.00 ? 94  GLY A C     1 
ATOM   832  O O     . GLY A 1 94  ? -2.515  13.143  -0.066  1.00 0.00 ? 94  GLY A O     1 
ATOM   833  H H     . GLY A 1 94  ? 0.269   13.732  2.217   1.00 0.00 ? 94  GLY A H     1 
ATOM   834  N N     . GLU A 1 95  ? -1.875  15.241  -0.537  1.00 0.00 ? 95  GLU A N     1 
ATOM   835  C CA    . GLU A 1 95  ? -2.391  15.266  -1.924  1.00 0.00 ? 95  GLU A CA    1 
ATOM   836  C C     . GLU A 1 95  ? -2.338  13.962  -2.721  1.00 0.00 ? 95  GLU A C     1 
ATOM   837  O O     . GLU A 1 95  ? -3.373  13.470  -3.166  1.00 0.00 ? 95  GLU A O     1 
ATOM   838  C CB    . GLU A 1 95  ? -1.669  16.283  -2.778  1.00 0.00 ? 95  GLU A CB    1 
ATOM   839  C CG    . GLU A 1 95  ? -2.227  17.651  -2.484  1.00 0.00 ? 95  GLU A CG    1 
ATOM   840  C CD    . GLU A 1 95  ? -1.166  18.655  -2.912  1.00 0.00 ? 95  GLU A CD    1 
ATOM   841  O OE1   . GLU A 1 95  ? 0.006   18.455  -2.497  1.00 0.00 ? 95  GLU A OE1   1 
ATOM   842  O OE2   . GLU A 1 95  ? -1.568  19.641  -3.540  1.00 0.00 ? 95  GLU A OE2   1 
ATOM   843  H H     . GLU A 1 95  ? -1.382  16.075  -0.231  1.00 0.00 ? 95  GLU A H     1 
ATOM   844  N N     . TRP A 1 96  ? -1.124  13.450  -2.865  1.00 0.00 ? 96  TRP A N     1 
ATOM   845  C CA    . TRP A 1 96  ? -0.856  12.202  -3.585  1.00 0.00 ? 96  TRP A CA    1 
ATOM   846  C C     . TRP A 1 96  ? -1.696  11.034  -3.044  1.00 0.00 ? 96  TRP A C     1 
ATOM   847  O O     . TRP A 1 96  ? -2.510  10.473  -3.798  1.00 0.00 ? 96  TRP A O     1 
ATOM   848  C CB    . TRP A 1 96  ? 0.663   12.001  -3.563  1.00 0.00 ? 96  TRP A CB    1 
ATOM   849  C CG    . TRP A 1 96  ? 1.201   10.850  -2.700  1.00 0.00 ? 96  TRP A CG    1 
ATOM   850  C CD1   . TRP A 1 96  ? 1.609   9.683   -3.201  1.00 0.00 ? 96  TRP A CD1   1 
ATOM   851  C CD2   . TRP A 1 96  ? 1.499   10.862  -1.350  1.00 0.00 ? 96  TRP A CD2   1 
ATOM   852  N NE1   . TRP A 1 96  ? 2.157   8.955   -2.242  1.00 0.00 ? 96  TRP A NE1   1 
ATOM   853  C CE2   . TRP A 1 96  ? 2.126   9.629   -1.099  1.00 0.00 ? 96  TRP A CE2   1 
ATOM   854  C CE3   . TRP A 1 96  ? 1.316   11.805  -0.304  1.00 0.00 ? 96  TRP A CE3   1 
ATOM   855  C CZ2   . TRP A 1 96  ? 2.590   9.311   0.189   1.00 0.00 ? 96  TRP A CZ2   1 
ATOM   856  C CZ3   . TRP A 1 96  ? 1.778   11.478  0.987   1.00 0.00 ? 96  TRP A CZ3   1 
ATOM   857  C CH2   . TRP A 1 96  ? 2.411   10.240  1.226   1.00 0.00 ? 96  TRP A CH2   1 
ATOM   858  H H     . TRP A 1 96  ? -0.312  13.963  -2.569  1.00 0.00 ? 96  TRP A H     1 
ATOM   859  H HE1   . TRP A 1 96  ? 2.495   8.008   -2.344  1.00 0.00 ? 96  TRP A HE1   1 
ATOM   860  N N     . MET A 1 97  ? -1.795  10.967  -1.726  1.00 0.00 ? 97  MET A N     1 
ATOM   861  C CA    . MET A 1 97  ? -2.570  9.968   -0.960  1.00 0.00 ? 97  MET A CA    1 
ATOM   862  C C     . MET A 1 97  ? -4.089  10.151  -1.126  1.00 0.00 ? 97  MET A C     1 
ATOM   863  O O     . MET A 1 97  ? -4.789  9.164   -1.282  1.00 0.00 ? 97  MET A O     1 
ATOM   864  C CB    . MET A 1 97  ? -2.115  10.040  0.504   1.00 0.00 ? 97  MET A CB    1 
ATOM   865  C CG    . MET A 1 97  ? -2.767  8.986   1.402   1.00 0.00 ? 97  MET A CG    1 
ATOM   866  S SD    . MET A 1 97  ? -2.380  7.259   0.940   1.00 0.00 ? 97  MET A SD    1 
ATOM   867  C CE    . MET A 1 97  ? -0.824  7.029   1.763   1.00 0.00 ? 97  MET A CE    1 
ATOM   868  H H     . MET A 1 97  ? -1.420  11.717  -1.152  1.00 0.00 ? 97  MET A H     1 
ATOM   869  N N     . ASP A 1 98  ? -4.558  11.391  -1.164  1.00 0.00 ? 98  ASP A N     1 
ATOM   870  C CA    . ASP A 1 98  ? -5.967  11.711  -1.451  1.00 0.00 ? 98  ASP A CA    1 
ATOM   871  C C     . ASP A 1 98  ? -6.436  11.234  -2.833  1.00 0.00 ? 98  ASP A C     1 
ATOM   872  O O     . ASP A 1 98  ? -7.460  10.568  -2.946  1.00 0.00 ? 98  ASP A O     1 
ATOM   873  C CB    . ASP A 1 98  ? -6.228  13.219  -1.370  1.00 0.00 ? 98  ASP A CB    1 
ATOM   874  C CG    . ASP A 1 98  ? -6.353  13.675  0.080   1.00 0.00 ? 98  ASP A CG    1 
ATOM   875  O OD1   . ASP A 1 98  ? -7.461  13.523  0.632   1.00 0.00 ? 98  ASP A OD1   1 
ATOM   876  O OD2   . ASP A 1 98  ? -5.328  14.194  0.597   1.00 0.00 ? 98  ASP A OD2   1 
ATOM   877  H H     . ASP A 1 98  ? -3.960  12.179  -0.970  1.00 0.00 ? 98  ASP A H     1 
ATOM   878  N N     . ALA A 1 99  ? -5.636  11.574  -3.846  1.00 0.00 ? 99  ALA A N     1 
ATOM   879  C CA    . ALA A 1 99  ? -5.876  11.150  -5.239  1.00 0.00 ? 99  ALA A CA    1 
ATOM   880  C C     . ALA A 1 99  ? -5.836  9.616   -5.382  1.00 0.00 ? 99  ALA A C     1 
ATOM   881  O O     . ALA A 1 99  ? -6.744  9.001   -5.957  1.00 0.00 ? 99  ALA A O     1 
ATOM   882  C CB    . ALA A 1 99  ? -4.833  11.809  -6.147  1.00 0.00 ? 99  ALA A CB    1 
ATOM   883  H H     . ALA A 1 99  ? -4.815  12.130  -3.702  1.00 0.00 ? 99  ALA A H     1 
ATOM   884  N N     . TRP A 1 100 ? -4.862  9.029   -4.693  1.00 0.00 ? 100 TRP A N     1 
ATOM   885  C CA    . TRP A 1 100 ? -4.664  7.576   -4.567  1.00 0.00 ? 100 TRP A CA    1 
ATOM   886  C C     . TRP A 1 100 ? -5.861  6.868   -3.895  1.00 0.00 ? 100 TRP A C     1 
ATOM   887  O O     . TRP A 1 100 ? -6.341  5.843   -4.367  1.00 0.00 ? 100 TRP A O     1 
ATOM   888  C CB    . TRP A 1 100 ? -3.381  7.410   -3.775  1.00 0.00 ? 100 TRP A CB    1 
ATOM   889  C CG    . TRP A 1 100 ? -2.716  6.031   -3.763  1.00 0.00 ? 100 TRP A CG    1 
ATOM   890  C CD1   . TRP A 1 100 ? -3.122  4.911   -4.358  1.00 0.00 ? 100 TRP A CD1   1 
ATOM   891  C CD2   . TRP A 1 100 ? -1.583  5.735   -3.023  1.00 0.00 ? 100 TRP A CD2   1 
ATOM   892  N NE1   . TRP A 1 100 ? -2.318  3.903   -4.012  1.00 0.00 ? 100 TRP A NE1   1 
ATOM   893  C CE2   . TRP A 1 100 ? -1.372  4.350   -3.198  1.00 0.00 ? 100 TRP A CE2   1 
ATOM   894  C CE3   . TRP A 1 100 ? -0.741  6.506   -2.205  1.00 0.00 ? 100 TRP A CE3   1 
ATOM   895  C CZ2   . TRP A 1 100 ? -0.321  3.708   -2.515  1.00 0.00 ? 100 TRP A CZ2   1 
ATOM   896  C CZ3   . TRP A 1 100 ? 0.318   5.861   -1.523  1.00 0.00 ? 100 TRP A CZ3   1 
ATOM   897  C CH2   . TRP A 1 100 ? 0.514   4.478   -1.674  1.00 0.00 ? 100 TRP A CH2   1 
ATOM   898  H H     . TRP A 1 100 ? -4.110  9.576   -4.315  1.00 0.00 ? 100 TRP A H     1 
ATOM   899  H HE1   . TRP A 1 100 ? -2.416  2.949   -4.327  1.00 0.00 ? 100 TRP A HE1   1 
ATOM   900  N N     . LYS A 1 101 ? -6.320  7.431   -2.779  1.00 0.00 ? 101 LYS A N     1 
ATOM   901  C CA    . LYS A 1 101 ? -7.521  6.951   -2.081  1.00 0.00 ? 101 LYS A CA    1 
ATOM   902  C C     . LYS A 1 101 ? -8.785  7.007   -2.924  1.00 0.00 ? 101 LYS A C     1 
ATOM   903  O O     . LYS A 1 101 ? -9.439  5.991   -3.127  1.00 0.00 ? 101 LYS A O     1 
ATOM   904  C CB    . LYS A 1 101 ? -7.643  7.755   -0.790  1.00 0.00 ? 101 LYS A CB    1 
ATOM   905  C CG    . LYS A 1 101 ? -8.732  7.191   0.104   1.00 0.00 ? 101 LYS A CG    1 
ATOM   906  C CD    . LYS A 1 101 ? -8.764  7.965   1.412   1.00 0.00 ? 101 LYS A CD    1 
ATOM   907  C CE    . LYS A 1 101 ? -9.897  7.413   2.271   1.00 0.00 ? 101 LYS A CE    1 
ATOM   908  N NZ    . LYS A 1 101 ? -9.754  8.002   3.594   1.00 0.00 ? 101 LYS A NZ    1 
ATOM   909  H H     . LYS A 1 101 ? -5.778  8.118   -2.286  1.00 0.00 ? 101 LYS A H     1 
ATOM   910  H HZ1   . LYS A 1 101 ? -8.939  7.622   4.023   1.00 0.00 ? 101 LYS A HZ1   1 
ATOM   911  H HZ2   . LYS A 1 101 ? -9.642  8.992   3.510   1.00 0.00 ? 101 LYS A HZ2   1 
ATOM   912  H HZ3   . LYS A 1 101 ? -10.564 7.781   4.149   1.00 0.00 ? 101 LYS A HZ3   1 
ATOM   913  N N     . GLN A 1 102 ? -8.959  8.150   -3.582  1.00 0.00 ? 102 GLN A N     1 
ATOM   914  C CA    . GLN A 1 102 ? -10.063 8.383   -4.515  1.00 0.00 ? 102 GLN A CA    1 
ATOM   915  C C     . GLN A 1 102 ? -10.132 7.323   -5.622  1.00 0.00 ? 102 GLN A C     1 
ATOM   916  O O     . GLN A 1 102 ? -11.113 6.534   -5.617  1.00 0.00 ? 102 GLN A O     1 
ATOM   917  C CB    . GLN A 1 102 ? -9.829  9.833   -4.969  1.00 0.00 ? 102 GLN A CB    1 
ATOM   918  C CG    . GLN A 1 102 ? -10.818 10.364  -5.993  1.00 0.00 ? 102 GLN A CG    1 
ATOM   919  C CD    . GLN A 1 102 ? -10.106 10.426  -7.345  1.00 0.00 ? 102 GLN A CD    1 
ATOM   920  O OE1   . GLN A 1 102 ? -9.015  10.959  -7.503  1.00 0.00 ? 102 GLN A OE1   1 
ATOM   921  N NE2   . GLN A 1 102 ? -10.681 9.762   -8.306  1.00 0.00 ? 102 GLN A NE2   1 
ATOM   922  H H     . GLN A 1 102 ? -8.367  8.940   -3.419  1.00 0.00 ? 102 GLN A H     1 
ATOM   923  H HE21  . GLN A 1 102 ? -11.516 9.228   -8.142  1.00 0.00 ? 102 GLN A HE21  1 
ATOM   924  H HE22  . GLN A 1 102 ? -10.239 9.796   -9.193  1.00 0.00 ? 102 GLN A HE22  1 
ATOM   925  N N     . ARG A 1 103 ? -9.046  7.072   -6.317  1.00 0.00 ? 103 ARG A N     1 
ATOM   926  C CA    . ARG A 1 103 ? -8.995  6.028   -7.375  1.00 0.00 ? 103 ARG A CA    1 
ATOM   927  C C     . ARG A 1 103 ? -9.120  4.567   -6.894  1.00 0.00 ? 103 ARG A C     1 
ATOM   928  O O     . ARG A 1 103 ? -9.880  3.802   -7.500  1.00 0.00 ? 103 ARG A O     1 
ATOM   929  C CB    . ARG A 1 103 ? -7.804  6.221   -8.314  1.00 0.00 ? 103 ARG A CB    1 
ATOM   930  C CG    . ARG A 1 103 ? -6.449  6.041   -7.633  1.00 0.00 ? 103 ARG A CG    1 
ATOM   931  C CD    . ARG A 1 103 ? -5.321  6.587   -8.511  1.00 0.00 ? 103 ARG A CD    1 
ATOM   932  N NE    . ARG A 1 103 ? -5.491  8.051   -8.615  1.00 0.00 ? 103 ARG A NE    1 
ATOM   933  C CZ    . ARG A 1 103 ? -4.812  8.852   -9.430  1.00 0.00 ? 103 ARG A CZ    1 
ATOM   934  N NH1   . ARG A 1 103 ? -3.887  8.374   -10.245 1.00 0.00 ? 103 ARG A NH1   1 
ATOM   935  N NH2   . ARG A 1 103 ? -5.068  10.148  -9.455  1.00 0.00 ? 103 ARG A NH2   1 
ATOM   936  H H     . ARG A 1 103 ? -8.227  7.652   -6.233  1.00 0.00 ? 103 ARG A H     1 
ATOM   937  H HE    . ARG A 1 103 ? -6.170  8.446   -8.004  1.00 0.00 ? 103 ARG A HE    1 
ATOM   938  H HH11  . ARG A 1 103 ? -3.722  7.386   -10.225 1.00 0.00 ? 103 ARG A HH11  1 
ATOM   939  H HH12  . ARG A 1 103 ? -3.386  8.979   -10.852 1.00 0.00 ? 103 ARG A HH12  1 
ATOM   940  H HH21  . ARG A 1 103 ? -5.806  10.519  -8.897  1.00 0.00 ? 103 ARG A HH21  1 
ATOM   941  H HH22  . ARG A 1 103 ? -4.541  10.734  -10.064 1.00 0.00 ? 103 ARG A HH22  1 
ATOM   942  N N     . THR A 1 104 ? -8.586  4.259   -5.713  1.00 0.00 ? 104 THR A N     1 
ATOM   943  C CA    . THR A 1 104 ? -8.626  2.886   -5.161  1.00 0.00 ? 104 THR A CA    1 
ATOM   944  C C     . THR A 1 104 ? -10.009 2.517   -4.604  1.00 0.00 ? 104 THR A C     1 
ATOM   945  O O     . THR A 1 104 ? -10.523 1.428   -4.846  1.00 0.00 ? 104 THR A O     1 
ATOM   946  C CB    . THR A 1 104 ? -7.566  2.633   -4.071  1.00 0.00 ? 104 THR A CB    1 
ATOM   947  O OG1   . THR A 1 104 ? -7.520  3.714   -3.144  1.00 0.00 ? 104 THR A OG1   1 
ATOM   948  C CG2   . THR A 1 104 ? -6.188  2.381   -4.693  1.00 0.00 ? 104 THR A CG2   1 
ATOM   949  H H     . THR A 1 104 ? -8.296  4.971   -5.062  1.00 0.00 ? 104 THR A H     1 
ATOM   950  H HG1   . THR A 1 104 ? -6.886  4.423   -3.495  1.00 0.00 ? 104 THR A HG1   1 
ATOM   951  N N     . GLU A 1 105 ? -10.600 3.483   -3.915  1.00 0.00 ? 105 GLU A N     1 
ATOM   952  C CA    . GLU A 1 105 ? -12.014 3.446   -3.494  1.00 0.00 ? 105 GLU A CA    1 
ATOM   953  C C     . GLU A 1 105 ? -12.990 3.336   -4.690  1.00 0.00 ? 105 GLU A C     1 
ATOM   954  O O     . GLU A 1 105 ? -13.847 2.454   -4.725  1.00 0.00 ? 105 GLU A O     1 
ATOM   955  C CB    . GLU A 1 105 ? -12.244 4.733   -2.699  1.00 0.00 ? 105 GLU A CB    1 
ATOM   956  C CG    . GLU A 1 105 ? -13.556 4.739   -1.910  1.00 0.00 ? 105 GLU A CG    1 
ATOM   957  C CD    . GLU A 1 105 ? -13.556 3.829   -0.680  1.00 0.00 ? 105 GLU A CD    1 
ATOM   958  O OE1   . GLU A 1 105 ? -12.504 3.733   0.005   1.00 0.00 ? 105 GLU A OE1   1 
ATOM   959  O OE2   . GLU A 1 105 ? -14.672 3.379   -0.335  1.00 0.00 ? 105 GLU A OE2   1 
ATOM   960  H H     . GLU A 1 105 ? -10.056 4.212   -3.488  1.00 0.00 ? 105 GLU A H     1 
ATOM   961  N N     . ASP A 1 106 ? -12.747 4.155   -5.704  1.00 0.00 ? 106 ASP A N     1 
ATOM   962  C CA    . ASP A 1 106 ? -13.607 4.296   -6.901  1.00 0.00 ? 106 ASP A CA    1 
ATOM   963  C C     . ASP A 1 106 ? -13.847 3.036   -7.739  1.00 0.00 ? 106 ASP A C     1 
ATOM   964  O O     . ASP A 1 106 ? -14.882 2.934   -8.386  1.00 0.00 ? 106 ASP A O     1 
ATOM   965  C CB    . ASP A 1 106 ? -13.140 5.421   -7.834  1.00 0.00 ? 106 ASP A CB    1 
ATOM   966  C CG    . ASP A 1 106 ? -13.397 6.825   -7.288  1.00 0.00 ? 106 ASP A CG    1 
ATOM   967  O OD1   . ASP A 1 106 ? -14.290 6.985   -6.418  1.00 0.00 ? 106 ASP A OD1   1 
ATOM   968  O OD2   . ASP A 1 106 ? -12.705 7.746   -7.776  1.00 0.00 ? 106 ASP A OD2   1 
ATOM   969  H H     . ASP A 1 106 ? -11.957 4.772   -5.665  1.00 0.00 ? 106 ASP A H     1 
ATOM   970  N N     . THR A 1 107 ? -12.895 2.096   -7.719  1.00 0.00 ? 107 THR A N     1 
ATOM   971  C CA    . THR A 1 107 ? -13.045 0.816   -8.445  1.00 0.00 ? 107 THR A CA    1 
ATOM   972  C C     . THR A 1 107 ? -14.020 -0.176  -7.788  1.00 0.00 ? 107 THR A C     1 
ATOM   973  O O     . THR A 1 107 ? -14.225 -1.273  -8.315  1.00 0.00 ? 107 THR A O     1 
ATOM   974  C CB    . THR A 1 107 ? -11.687 0.125   -8.645  1.00 0.00 ? 107 THR A CB    1 
ATOM   975  O OG1   . THR A 1 107 ? -11.101 -0.117  -7.356  1.00 0.00 ? 107 THR A OG1   1 
ATOM   976  C CG2   . THR A 1 107 ? -10.759 0.923   -9.558  1.00 0.00 ? 107 THR A CG2   1 
ATOM   977  H H     . THR A 1 107 ? -12.035 2.202   -7.229  1.00 0.00 ? 107 THR A H     1 
ATOM   978  H HG1   . THR A 1 107 ? -11.377 -1.041  -7.054  1.00 0.00 ? 107 THR A HG1   1 
ATOM   979  N N     . GLY A 1 108 ? -14.626 0.239   -6.678  1.00 0.00 ? 108 GLY A N     1 
ATOM   980  C CA    . GLY A 1 108 ? -15.552 -0.570  -5.859  1.00 0.00 ? 108 GLY A CA    1 
ATOM   981  C C     . GLY A 1 108 ? -14.878 -1.289  -4.679  1.00 0.00 ? 108 GLY A C     1 
ATOM   982  O O     . GLY A 1 108 ? -15.469 -2.209  -4.111  1.00 0.00 ? 108 GLY A O     1 
ATOM   983  H H     . GLY A 1 108 ? -14.542 1.192   -6.381  1.00 0.00 ? 108 GLY A H     1 
ATOM   984  N N     . ALA A 1 109 ? -13.702 -0.830  -4.284  1.00 0.00 ? 109 ALA A N     1 
ATOM   985  C CA    . ALA A 1 109 ? -12.916 -1.406  -3.173  1.00 0.00 ? 109 ALA A CA    1 
ATOM   986  C C     . ALA A 1 109 ? -12.888 -0.448  -1.983  1.00 0.00 ? 109 ALA A C     1 
ATOM   987  O O     . ALA A 1 109 ? -13.072 0.766   -2.123  1.00 0.00 ? 109 ALA A O     1 
ATOM   988  C CB    . ALA A 1 109 ? -11.491 -1.686  -3.649  1.00 0.00 ? 109 ALA A CB    1 
ATOM   989  H H     . ALA A 1 109 ? -13.308 0.011   -4.669  1.00 0.00 ? 109 ALA A H     1 
ATOM   990  N N     . THR A 1 110 ? -12.589 -1.005  -0.822  1.00 0.00 ? 110 THR A N     1 
ATOM   991  C CA    . THR A 1 110 ? -12.587 -0.219  0.420   1.00 0.00 ? 110 THR A CA    1 
ATOM   992  C C     . THR A 1 110 ? -11.186 -0.115  1.011   1.00 0.00 ? 110 THR A C     1 
ATOM   993  O O     . THR A 1 110 ? -10.393 -1.060  0.990   1.00 0.00 ? 110 THR A O     1 
ATOM   994  C CB    . THR A 1 110 ? -13.637 -0.699  1.430   1.00 0.00 ? 110 THR A CB    1 
ATOM   995  O OG1   . THR A 1 110 ? -13.613 0.190   2.543   1.00 0.00 ? 110 THR A OG1   1 
ATOM   996  C CG2   . THR A 1 110 ? -13.449 -2.161  1.871   1.00 0.00 ? 110 THR A CG2   1 
ATOM   997  H H     . THR A 1 110 ? -12.163 -1.907  -0.757  1.00 0.00 ? 110 THR A H     1 
ATOM   998  H HG1   . THR A 1 110 ? -14.388 -0.016  3.138   1.00 0.00 ? 110 THR A HG1   1 
ATOM   999  N N     . VAL A 1 111 ? -10.952 1.046   1.588   1.00 0.00 ? 111 VAL A N     1 
ATOM   1000 C CA    . VAL A 1 111 ? -9.606  1.460   2.056   1.00 0.00 ? 111 VAL A CA    1 
ATOM   1001 C C     . VAL A 1 111 ? -9.402  1.133   3.524   1.00 0.00 ? 111 VAL A C     1 
ATOM   1002 O O     . VAL A 1 111 ? -9.850  1.839   4.427   1.00 0.00 ? 111 VAL A O     1 
ATOM   1003 C CB    . VAL A 1 111 ? -9.325  2.916   1.621   1.00 0.00 ? 111 VAL A CB    1 
ATOM   1004 C CG1   . VAL A 1 111 ? -7.938  3.377   2.066   1.00 0.00 ? 111 VAL A CG1   1 
ATOM   1005 C CG2   . VAL A 1 111 ? -9.381  3.050   0.091   1.00 0.00 ? 111 VAL A CG2   1 
ATOM   1006 H H     . VAL A 1 111 ? -11.710 1.653   1.831   1.00 0.00 ? 111 VAL A H     1 
ATOM   1007 N N     . ILE A 1 112 ? -8.550  0.125   3.717   1.00 0.00 ? 112 ILE A N     1 
ATOM   1008 C CA    . ILE A 1 112 ? -8.185  -0.363  5.067   1.00 0.00 ? 112 ILE A CA    1 
ATOM   1009 C C     . ILE A 1 112 ? -6.943  0.358   5.642   1.00 0.00 ? 112 ILE A C     1 
ATOM   1010 O O     . ILE A 1 112 ? -5.882  -0.179  5.942   1.00 0.00 ? 112 ILE A O     1 
ATOM   1011 C CB    . ILE A 1 112 ? -8.162  -1.898  5.133   1.00 0.00 ? 112 ILE A CB    1 
ATOM   1012 C CG1   . ILE A 1 112 ? -8.174  -2.329  6.601   1.00 0.00 ? 112 ILE A CG1   1 
ATOM   1013 C CG2   . ILE A 1 112 ? -7.011  -2.560  4.373   1.00 0.00 ? 112 ILE A CG2   1 
ATOM   1014 C CD1   . ILE A 1 112 ? -9.569  -2.201  7.230   1.00 0.00 ? 112 ILE A CD1   1 
ATOM   1015 H H     . ILE A 1 112 ? -8.066  -0.291  2.952   1.00 0.00 ? 112 ILE A H     1 
ATOM   1016 N N     . GLY A 1 113 ? -7.130  1.674   5.604   1.00 0.00 ? 113 GLY A N     1 
ATOM   1017 C CA    . GLY A 1 113 ? -6.232  2.669   6.197   1.00 0.00 ? 113 GLY A CA    1 
ATOM   1018 C C     . GLY A 1 113 ? -5.205  3.253   5.218   1.00 0.00 ? 113 GLY A C     1 
ATOM   1019 O O     . GLY A 1 113 ? -4.871  2.695   4.177   1.00 0.00 ? 113 GLY A O     1 
ATOM   1020 H H     . GLY A 1 113 ? -7.928  1.988   5.091   1.00 0.00 ? 113 GLY A H     1 
ATOM   1021 N N     . THR A 1 114 ? -4.777  4.459   5.602   1.00 0.00 ? 114 THR A N     1 
ATOM   1022 C CA    . THR A 1 114 ? -3.764  5.252   4.871   1.00 0.00 ? 114 THR A CA    1 
ATOM   1023 C C     . THR A 1 114 ? -2.604  5.636   5.803   1.00 0.00 ? 114 THR A C     1 
ATOM   1024 O O     . THR A 1 114 ? -2.803  6.330   6.804   1.00 0.00 ? 114 THR A O     1 
ATOM   1025 C CB    . THR A 1 114 ? -4.391  6.526   4.299   1.00 0.00 ? 114 THR A CB    1 
ATOM   1026 O OG1   . THR A 1 114 ? -5.083  7.227   5.343   1.00 0.00 ? 114 THR A OG1   1 
ATOM   1027 C CG2   . THR A 1 114 ? -5.307  6.246   3.101   1.00 0.00 ? 114 THR A CG2   1 
ATOM   1028 H H     . THR A 1 114 ? -5.198  4.934   6.367   1.00 0.00 ? 114 THR A H     1 
ATOM   1029 H HG1   . THR A 1 114 ? -4.414  7.566   6.003   1.00 0.00 ? 114 THR A HG1   1 
ATOM   1030 N N     . ALA A 1 115 ? -1.419  5.147   5.447   1.00 0.00 ? 115 ALA A N     1 
ATOM   1031 C CA    . ALA A 1 115 ? -0.183  5.399   6.213   1.00 0.00 ? 115 ALA A CA    1 
ATOM   1032 C C     . ALA A 1 115 ? 0.761   6.366   5.486   1.00 0.00 ? 115 ALA A C     1 
ATOM   1033 O O     . ALA A 1 115 ? 1.274   6.082   4.398   1.00 0.00 ? 115 ALA A O     1 
ATOM   1034 C CB    . ALA A 1 115 ? 0.526   4.083   6.540   1.00 0.00 ? 115 ALA A CB    1 
ATOM   1035 H H     . ALA A 1 115 ? -1.321  4.558   4.638   1.00 0.00 ? 115 ALA A H     1 
ATOM   1036 N N     . ILE A 1 116 ? 0.896   7.540   6.086   1.00 0.00 ? 116 ILE A N     1 
ATOM   1037 C CA    . ILE A 1 116 ? 1.765   8.614   5.584   1.00 0.00 ? 116 ILE A CA    1 
ATOM   1038 C C     . ILE A 1 116 ? 2.920   8.871   6.553   1.00 0.00 ? 116 ILE A C     1 
ATOM   1039 O O     . ILE A 1 116 ? 2.724   9.014   7.765   1.00 0.00 ? 116 ILE A O     1 
ATOM   1040 C CB    . ILE A 1 116 ? 0.978   9.906   5.285   1.00 0.00 ? 116 ILE A CB    1 
ATOM   1041 C CG1   . ILE A 1 116 ? 0.152   10.412  6.482   1.00 0.00 ? 116 ILE A CG1   1 
ATOM   1042 C CG2   . ILE A 1 116 ? 0.122   9.710   4.027   1.00 0.00 ? 116 ILE A CG2   1 
ATOM   1043 C CD1   . ILE A 1 116 ? -0.128  11.917  6.408   1.00 0.00 ? 116 ILE A CD1   1 
ATOM   1044 H H     . ILE A 1 116 ? 0.368   7.761   6.916   1.00 0.00 ? 116 ILE A H     1 
ATOM   1045 N N     . VAL A 1 117 ? 4.128   8.770   6.010   1.00 0.00 ? 117 VAL A N     1 
ATOM   1046 C CA    . VAL A 1 117 ? 5.349   8.929   6.807   1.00 0.00 ? 117 VAL A CA    1 
ATOM   1047 C C     . VAL A 1 117 ? 6.349   9.960   6.282   1.00 0.00 ? 117 VAL A C     1 
ATOM   1048 O O     . VAL A 1 117 ? 6.556   10.133  5.077   1.00 0.00 ? 117 VAL A O     1 
ATOM   1049 C CB    . VAL A 1 117 ? 5.935   7.536   7.132   1.00 0.00 ? 117 VAL A CB    1 
ATOM   1050 C CG1   . VAL A 1 117 ? 7.120   7.091   6.271   1.00 0.00 ? 117 VAL A CG1   1 
ATOM   1051 C CG2   . VAL A 1 117 ? 6.327   7.476   8.606   1.00 0.00 ? 117 VAL A CG2   1 
ATOM   1052 H H     . VAL A 1 117 ? 4.258   8.491   5.045   1.00 0.00 ? 117 VAL A H     1 
ATOM   1053 N N     . ASN A 1 118 ? 6.903   10.654  7.251   1.00 0.00 ? 118 ASN A N     1 
ATOM   1054 C CA    . ASN A 1 118 ? 7.997   11.611  7.095   1.00 0.00 ? 118 ASN A CA    1 
ATOM   1055 C C     . ASN A 1 118 ? 9.288   10.843  6.839   1.00 0.00 ? 118 ASN A C     1 
ATOM   1056 O O     . ASN A 1 118 ? 10.055  10.509  7.750   1.00 0.00 ? 118 ASN A O     1 
ATOM   1057 C CB    . ASN A 1 118 ? 8.107   12.309  8.449   1.00 0.00 ? 118 ASN A CB    1 
ATOM   1058 C CG    . ASN A 1 118 ? 6.932   13.196  8.825   1.00 0.00 ? 118 ASN A CG    1 
ATOM   1059 O OD1   . ASN A 1 118 ? 5.739   13.217  8.572   1.00 0.00 ? 118 ASN A OD1   1 
ATOM   1060 N ND2   . ASN A 1 118 ? 7.231   14.251  8.224   1.00 0.00 ? 118 ASN A ND2   1 
ATOM   1061 H H     . ASN A 1 118 ? 6.538   10.635  8.178   1.00 0.00 ? 118 ASN A H     1 
ATOM   1062 H HD21  . ASN A 1 118 ? 8.060   14.323  7.694   1.00 0.00 ? 118 ASN A HD21  1 
ATOM   1063 H HD22  . ASN A 1 118 ? 6.390   14.775  8.159   1.00 0.00 ? 118 ASN A HD22  1 
ATOM   1064 N N     . GLU A 1 119 ? 9.453   10.545  5.559   1.00 0.00 ? 119 GLU A N     1 
ATOM   1065 C CA    . GLU A 1 119 ? 10.564  9.791   4.983   1.00 0.00 ? 119 GLU A CA    1 
ATOM   1066 C C     . GLU A 1 119 ? 10.673  8.342   5.495   1.00 0.00 ? 119 GLU A C     1 
ATOM   1067 O O     . GLU A 1 119 ? 10.344  7.390   4.781   1.00 0.00 ? 119 GLU A O     1 
ATOM   1068 C CB    . GLU A 1 119 ? 11.823  10.632  5.189   1.00 0.00 ? 119 GLU A CB    1 
ATOM   1069 C CG    . GLU A 1 119 ? 12.940  9.914   4.464   1.00 0.00 ? 119 GLU A CG    1 
ATOM   1070 C CD    . GLU A 1 119 ? 13.661  10.826  3.499   1.00 0.00 ? 119 GLU A CD    1 
ATOM   1071 O OE1   . GLU A 1 119 ? 14.599  11.488  3.979   1.00 0.00 ? 119 GLU A OE1   1 
ATOM   1072 O OE2   . GLU A 1 119 ? 13.352  10.703  2.289   1.00 0.00 ? 119 GLU A OE2   1 
ATOM   1073 H H     . GLU A 1 119 ? 8.865   10.979  4.861   1.00 0.00 ? 119 GLU A H     1 
ATOM   1074 N N     . MET A 1 120 ? 11.125  8.239   6.729   1.00 0.00 ? 120 MET A N     1 
ATOM   1075 C CA    . MET A 1 120 ? 11.430  6.988   7.434   1.00 0.00 ? 120 MET A CA    1 
ATOM   1076 C C     . MET A 1 120 ? 10.243  6.490   8.250   1.00 0.00 ? 120 MET A C     1 
ATOM   1077 O O     . MET A 1 120 ? 9.573   7.316   8.881   1.00 0.00 ? 120 MET A O     1 
ATOM   1078 C CB    . MET A 1 120 ? 12.607  7.221   8.382   1.00 0.00 ? 120 MET A CB    1 
ATOM   1079 C CG    . MET A 1 120 ? 13.898  7.225   7.575   1.00 0.00 ? 120 MET A CG    1 
ATOM   1080 S SD    . MET A 1 120 ? 14.098  5.662   6.649   1.00 0.00 ? 120 MET A SD    1 
ATOM   1081 C CE    . MET A 1 120 ? 15.632  6.115   5.880   1.00 0.00 ? 120 MET A CE    1 
ATOM   1082 H H     . MET A 1 120 ? 11.114  9.038   7.329   1.00 0.00 ? 120 MET A H     1 
ATOM   1083 N N     . PRO A 1 121 ? 10.017  5.169   8.261   1.00 0.00 ? 121 PRO A N     1 
ATOM   1084 C CA    . PRO A 1 121 ? 9.002   4.554   9.127   1.00 0.00 ? 121 PRO A CA    1 
ATOM   1085 C C     . PRO A 1 121 ? 9.324   4.757   10.613  1.00 0.00 ? 121 PRO A C     1 
ATOM   1086 O O     . PRO A 1 121 ? 10.259  5.463   10.995  1.00 0.00 ? 121 PRO A O     1 
ATOM   1087 C CB    . PRO A 1 121 ? 8.990   3.080   8.704   1.00 0.00 ? 121 PRO A CB    1 
ATOM   1088 C CG    . PRO A 1 121 ? 10.371  2.843   8.131   1.00 0.00 ? 121 PRO A CG    1 
ATOM   1089 C CD    . PRO A 1 121 ? 10.666  4.150   7.399   1.00 0.00 ? 121 PRO A CD    1 
ATOM   1090 N N     . ASP A 1 122 ? 8.455   4.159   11.424  1.00 0.00 ? 122 ASP A N     1 
ATOM   1091 C CA    . ASP A 1 122 ? 8.398   4.290   12.902  1.00 0.00 ? 122 ASP A CA    1 
ATOM   1092 C C     . ASP A 1 122 ? 7.880   5.614   13.453  1.00 0.00 ? 122 ASP A C     1 
ATOM   1093 O O     . ASP A 1 122 ? 7.067   5.651   14.346  1.00 0.00 ? 122 ASP A O     1 
ATOM   1094 C CB    . ASP A 1 122 ? 9.711   3.909   13.605  1.00 0.00 ? 122 ASP A CB    1 
ATOM   1095 C CG    . ASP A 1 122 ? 10.092  2.451   13.319  1.00 0.00 ? 122 ASP A CG    1 
ATOM   1096 O OD1   . ASP A 1 122 ? 9.637   1.581   14.082  1.00 0.00 ? 122 ASP A OD1   1 
ATOM   1097 O OD2   . ASP A 1 122 ? 10.779  2.239   12.293  1.00 0.00 ? 122 ASP A OD2   1 
ATOM   1098 H H     . ASP A 1 122 ? 7.814   3.502   11.034  1.00 0.00 ? 122 ASP A H     1 
ATOM   1099 N N     . ASN A 1 123 ? 8.269   6.679   12.730  1.00 0.00 ? 123 ASN A N     1 
ATOM   1100 C CA    . ASN A 1 123 ? 7.827   8.055   13.012  1.00 0.00 ? 123 ASN A CA    1 
ATOM   1101 C C     . ASN A 1 123 ? 6.330   8.357   12.925  1.00 0.00 ? 123 ASN A C     1 
ATOM   1102 O O     . ASN A 1 123 ? 5.872   9.455   13.211  1.00 0.00 ? 123 ASN A O     1 
ATOM   1103 C CB    . ASN A 1 123 ? 8.583   9.010   12.102  1.00 0.00 ? 123 ASN A CB    1 
ATOM   1104 C CG    . ASN A 1 123 ? 10.048  9.058   12.488  1.00 0.00 ? 123 ASN A CG    1 
ATOM   1105 O OD1   . ASN A 1 123 ? 10.545  8.512   13.487  1.00 0.00 ? 123 ASN A OD1   1 
ATOM   1106 N ND2   . ASN A 1 123 ? 10.832  9.497   11.560  1.00 0.00 ? 123 ASN A ND2   1 
ATOM   1107 H H     . ASN A 1 123 ? 9.018   6.547   12.083  1.00 0.00 ? 123 ASN A H     1 
ATOM   1108 H HD21  . ASN A 1 123 ? 10.452  9.705   10.654  1.00 0.00 ? 123 ASN A HD21  1 
ATOM   1109 H HD22  . ASN A 1 123 ? 11.795  9.533   11.795  1.00 0.00 ? 123 ASN A HD22  1 
ATOM   1110 N N     . ALA A 1 124 ? 5.645   7.384   12.343  1.00 0.00 ? 124 ALA A N     1 
ATOM   1111 C CA    . ALA A 1 124 ? 4.177   7.341   12.289  1.00 0.00 ? 124 ALA A CA    1 
ATOM   1112 C C     . ALA A 1 124 ? 3.708   5.922   12.680  1.00 0.00 ? 124 ALA A C     1 
ATOM   1113 O O     . ALA A 1 124 ? 3.963   4.974   11.937  1.00 0.00 ? 124 ALA A O     1 
ATOM   1114 C CB    . ALA A 1 124 ? 3.658   7.741   10.907  1.00 0.00 ? 124 ALA A CB    1 
ATOM   1115 H H     . ALA A 1 124 ? 6.118   6.548   12.068  1.00 0.00 ? 124 ALA A H     1 
ATOM   1116 N N     . PRO A 1 125 ? 3.068   5.789   13.850  1.00 0.00 ? 125 PRO A N     1 
ATOM   1117 C CA    . PRO A 1 125 ? 2.423   4.522   14.290  1.00 0.00 ? 125 PRO A CA    1 
ATOM   1118 C C     . PRO A 1 125 ? 1.391   3.980   13.290  1.00 0.00 ? 125 PRO A C     1 
ATOM   1119 O O     . PRO A 1 125 ? 1.048   2.801   13.337  1.00 0.00 ? 125 PRO A O     1 
ATOM   1120 C CB    . PRO A 1 125 ? 1.773   4.873   15.622  1.00 0.00 ? 125 PRO A CB    1 
ATOM   1121 C CG    . PRO A 1 125 ? 2.675   5.963   16.177  1.00 0.00 ? 125 PRO A CG    1 
ATOM   1122 C CD    . PRO A 1 125 ? 3.039   6.782   14.939  1.00 0.00 ? 125 PRO A CD    1 
ATOM   1123 N N     . GLU A 1 126 ? 0.904   4.847   12.406  1.00 0.00 ? 126 GLU A N     1 
ATOM   1124 C CA    . GLU A 1 126 ? 0.074   4.488   11.238  1.00 0.00 ? 126 GLU A CA    1 
ATOM   1125 C C     . GLU A 1 126 ? 0.468   3.217   10.491  1.00 0.00 ? 126 GLU A C     1 
ATOM   1126 O O     . GLU A 1 126 ? -0.386  2.394   10.183  1.00 0.00 ? 126 GLU A O     1 
ATOM   1127 C CB    . GLU A 1 126 ? 0.059   5.663   10.262  1.00 0.00 ? 126 GLU A CB    1 
ATOM   1128 C CG    . GLU A 1 126 ? -1.250  6.441   10.402  1.00 0.00 ? 126 GLU A CG    1 
ATOM   1129 C CD    . GLU A 1 126 ? -1.293  7.697   9.540   1.00 0.00 ? 126 GLU A CD    1 
ATOM   1130 O OE1   . GLU A 1 126 ? -0.807  7.658   8.382   1.00 0.00 ? 126 GLU A OE1   1 
ATOM   1131 O OE2   . GLU A 1 126 ? -1.762  8.722   10.084  1.00 0.00 ? 126 GLU A OE2   1 
ATOM   1132 H H     . GLU A 1 126 ? 0.965   5.837   12.571  1.00 0.00 ? 126 GLU A H     1 
ATOM   1133 N N     . CYS A 1 127 ? 1.780   3.022   10.299  1.00 0.00 ? 127 CYS A N     1 
ATOM   1134 C CA    . CYS A 1 127 ? 2.343   1.825   9.647   1.00 0.00 ? 127 CYS A CA    1 
ATOM   1135 C C     . CYS A 1 127 ? 1.930   0.545   10.393  1.00 0.00 ? 127 CYS A C     1 
ATOM   1136 O O     . CYS A 1 127 ? 1.296   -0.348  9.830   1.00 0.00 ? 127 CYS A O     1 
ATOM   1137 C CB    . CYS A 1 127 ? 3.869   1.909   9.644   1.00 0.00 ? 127 CYS A CB    1 
ATOM   1138 S SG    . CYS A 1 127 ? 4.560   3.493   9.052   1.00 0.00 ? 127 CYS A SG    1 
ATOM   1139 H H     . CYS A 1 127 ? 2.447   3.726   10.561  1.00 0.00 ? 127 CYS A H     1 
ATOM   1140 H HG    . CYS A 1 127 ? 4.151   3.317   7.798   1.00 0.00 ? 127 CYS A HG    1 
ATOM   1141 N N     . LYS A 1 128 ? 2.138   0.566   11.701  1.00 0.00 ? 128 LYS A N     1 
ATOM   1142 C CA    . LYS A 1 128 ? 1.770   -0.539  12.612  1.00 0.00 ? 128 LYS A CA    1 
ATOM   1143 C C     . LYS A 1 128 ? 0.269   -0.775  12.671  1.00 0.00 ? 128 LYS A C     1 
ATOM   1144 O O     . LYS A 1 128 ? -0.200  -1.915  12.602  1.00 0.00 ? 128 LYS A O     1 
ATOM   1145 C CB    . LYS A 1 128 ? 2.224   -0.220  14.030  1.00 0.00 ? 128 LYS A CB    1 
ATOM   1146 C CG    . LYS A 1 128 ? 3.727   -0.042  14.028  1.00 0.00 ? 128 LYS A CG    1 
ATOM   1147 C CD    . LYS A 1 128 ? 4.138   0.458   15.399  1.00 0.00 ? 128 LYS A CD    1 
ATOM   1148 C CE    . LYS A 1 128 ? 5.645   0.641   15.352  1.00 0.00 ? 128 LYS A CE    1 
ATOM   1149 N NZ    . LYS A 1 128 ? 5.957   1.371   16.580  1.00 0.00 ? 128 LYS A NZ    1 
ATOM   1150 H H     . LYS A 1 128 ? 2.540   1.373   12.145  1.00 0.00 ? 128 LYS A H     1 
ATOM   1151 H HZ1   . LYS A 1 128 ? 5.297   1.103   17.279  1.00 0.00 ? 128 LYS A HZ1   1 
ATOM   1152 H HZ2   . LYS A 1 128 ? 6.875   1.111   16.875  1.00 0.00 ? 128 LYS A HZ2   1 
ATOM   1153 H HZ3   . LYS A 1 128 ? 5.890   2.352   16.397  1.00 0.00 ? 128 LYS A HZ3   1 
ATOM   1154 N N     . GLU A 1 129 ? -0.461  0.339   12.727  1.00 0.00 ? 129 GLU A N     1 
ATOM   1155 C CA    . GLU A 1 129 ? -1.935  0.355   12.646  1.00 0.00 ? 129 GLU A CA    1 
ATOM   1156 C C     . GLU A 1 129 ? -2.481  -0.367  11.415  1.00 0.00 ? 129 GLU A C     1 
ATOM   1157 O O     . GLU A 1 129 ? -3.322  -1.252  11.537  1.00 0.00 ? 129 GLU A O     1 
ATOM   1158 C CB    . GLU A 1 129 ? -2.454  1.782   12.700  1.00 0.00 ? 129 GLU A CB    1 
ATOM   1159 C CG    . GLU A 1 129 ? -2.748  2.104   14.168  1.00 0.00 ? 129 GLU A CG    1 
ATOM   1160 C CD    . GLU A 1 129 ? -2.118  3.382   14.703  1.00 0.00 ? 129 GLU A CD    1 
ATOM   1161 O OE1   . GLU A 1 129 ? -2.040  4.395   13.959  1.00 0.00 ? 129 GLU A OE1   1 
ATOM   1162 O OE2   . GLU A 1 129 ? -1.767  3.348   15.902  1.00 0.00 ? 129 GLU A OE2   1 
ATOM   1163 H H     . GLU A 1 129 ? -0.008  1.229   12.878  1.00 0.00 ? 129 GLU A H     1 
ATOM   1164 N N     . LEU A 1 130 ? -1.899  -0.027  10.258  1.00 0.00 ? 130 LEU A N     1 
ATOM   1165 C CA    . LEU A 1 130 ? -2.192  -0.703  8.978   1.00 0.00 ? 130 LEU A CA    1 
ATOM   1166 C C     . LEU A 1 130 ? -1.898  -2.205  9.005   1.00 0.00 ? 130 LEU A C     1 
ATOM   1167 O O     . LEU A 1 130 ? -2.716  -2.993  8.538   1.00 0.00 ? 130 LEU A O     1 
ATOM   1168 C CB    . LEU A 1 130 ? -1.437  -0.038  7.826   1.00 0.00 ? 130 LEU A CB    1 
ATOM   1169 C CG    . LEU A 1 130 ? -2.384  0.806   6.984   1.00 0.00 ? 130 LEU A CG    1 
ATOM   1170 C CD1   . LEU A 1 130 ? -2.773  2.108   7.700   1.00 0.00 ? 130 LEU A CD1   1 
ATOM   1171 C CD2   . LEU A 1 130 ? -1.731  1.138   5.640   1.00 0.00 ? 130 LEU A CD2   1 
ATOM   1172 H H     . LEU A 1 130 ? -1.290  0.769   10.200  1.00 0.00 ? 130 LEU A H     1 
ATOM   1173 N N     . GLY A 1 131 ? -0.794  -2.569  9.652   1.00 0.00 ? 131 GLY A N     1 
ATOM   1174 C CA    . GLY A 1 131 ? -0.403  -3.965  9.903   1.00 0.00 ? 131 GLY A CA    1 
ATOM   1175 C C     . GLY A 1 131 ? -1.488  -4.764  10.656  1.00 0.00 ? 131 GLY A C     1 
ATOM   1176 O O     . GLY A 1 131 ? -2.007  -5.739  10.170  1.00 0.00 ? 131 GLY A O     1 
ATOM   1177 H H     . GLY A 1 131 ? -0.126  -1.877  9.939   1.00 0.00 ? 131 GLY A H     1 
ATOM   1178 N N     . GLU A 1 132 ? -1.880  -4.183  11.813  1.00 0.00 ? 132 GLU A N     1 
ATOM   1179 C CA    . GLU A 1 132 ? -2.975  -4.708  12.655  1.00 0.00 ? 132 GLU A CA    1 
ATOM   1180 C C     . GLU A 1 132 ? -4.295  -4.853  11.881  1.00 0.00 ? 132 GLU A C     1 
ATOM   1181 O O     . GLU A 1 132 ? -4.878  -5.933  11.837  1.00 0.00 ? 132 GLU A O     1 
ATOM   1182 C CB    . GLU A 1 132 ? -3.185  -3.762  13.847  1.00 0.00 ? 132 GLU A CB    1 
ATOM   1183 C CG    . GLU A 1 132 ? -1.956  -3.733  14.750  1.00 0.00 ? 132 GLU A CG    1 
ATOM   1184 C CD    . GLU A 1 132 ? -2.050  -2.625  15.804  1.00 0.00 ? 132 GLU A CD    1 
ATOM   1185 O OE1   . GLU A 1 132 ? -2.679  -2.889  16.856  1.00 0.00 ? 132 GLU A OE1   1 
ATOM   1186 O OE2   . GLU A 1 132 ? -1.499  -1.536  15.533  1.00 0.00 ? 132 GLU A OE2   1 
ATOM   1187 H H     . GLU A 1 132 ? -1.401  -3.385  12.164  1.00 0.00 ? 132 GLU A H     1 
ATOM   1188 N N     . ALA A 1 133 ? -4.673  -3.789  11.182  1.00 0.00 ? 133 ALA A N     1 
ATOM   1189 C CA    . ALA A 1 133 ? -5.859  -3.741  10.311  1.00 0.00 ? 133 ALA A CA    1 
ATOM   1190 C C     . ALA A 1 133 ? -5.863  -4.784  9.180   1.00 0.00 ? 133 ALA A C     1 
ATOM   1191 O O     . ALA A 1 133 ? -6.855  -5.467  8.978   1.00 0.00 ? 133 ALA A O     1 
ATOM   1192 C CB    . ALA A 1 133 ? -6.019  -2.326  9.757   1.00 0.00 ? 133 ALA A CB    1 
ATOM   1193 H H     . ALA A 1 133 ? -4.181  -2.917  11.285  1.00 0.00 ? 133 ALA A H     1 
ATOM   1194 N N     . ALA A 1 134 ? -4.709  -4.958  8.544   1.00 0.00 ? 134 ALA A N     1 
ATOM   1195 C CA    . ALA A 1 134 ? -4.478  -5.988  7.508   1.00 0.00 ? 134 ALA A CA    1 
ATOM   1196 C C     . ALA A 1 134 ? -4.552  -7.422  8.043   1.00 0.00 ? 134 ALA A C     1 
ATOM   1197 O O     . ALA A 1 134 ? -5.165  -8.280  7.412   1.00 0.00 ? 134 ALA A O     1 
ATOM   1198 C CB    . ALA A 1 134 ? -3.120  -5.727  6.838   1.00 0.00 ? 134 ALA A CB    1 
ATOM   1199 H H     . ALA A 1 134 ? -3.955  -4.303  8.668   1.00 0.00 ? 134 ALA A H     1 
ATOM   1200 N N     . ALA A 1 135 ? -3.979  -7.644  9.223   1.00 0.00 ? 135 ALA A N     1 
ATOM   1201 C CA    . ALA A 1 135 ? -4.128  -8.906  9.978   1.00 0.00 ? 135 ALA A CA    1 
ATOM   1202 C C     . ALA A 1 135 ? -5.595  -9.258  10.263  1.00 0.00 ? 135 ALA A C     1 
ATOM   1203 O O     . ALA A 1 135 ? -6.019  -10.401 10.096  1.00 0.00 ? 135 ALA A O     1 
ATOM   1204 C CB    . ALA A 1 135 ? -3.341  -8.815  11.284  1.00 0.00 ? 135 ALA A CB    1 
ATOM   1205 H H     . ALA A 1 135 ? -3.316  -6.997  9.630   1.00 0.00 ? 135 ALA A H     1 
ATOM   1206 N N     . LYS A 1 136 ? -6.383  -8.214  10.545  1.00 0.00 ? 136 LYS A N     1 
ATOM   1207 C CA    . LYS A 1 136 ? -7.821  -8.320  10.778  1.00 0.00 ? 136 LYS A CA    1 
ATOM   1208 C C     . LYS A 1 136 ? -8.721  -8.000  9.563   1.00 0.00 ? 136 LYS A C     1 
ATOM   1209 O O     . LYS A 1 136 ? -9.870  -7.716  9.666   1.00 0.00 ? 136 LYS A O     1 
ATOM   1210 C CB    . LYS A 1 136 ? -8.181  -7.323  11.867  1.00 0.00 ? 136 LYS A CB    1 
ATOM   1211 C CG    . LYS A 1 136 ? -7.554  -7.742  13.181  1.00 0.00 ? 136 LYS A CG    1 
ATOM   1212 C CD    . LYS A 1 136 ? -7.854  -6.635  14.162  1.00 0.00 ? 136 LYS A CD    1 
ATOM   1213 C CE    . LYS A 1 136 ? -7.490  -7.120  15.554  1.00 0.00 ? 136 LYS A CE    1 
ATOM   1214 N NZ    . LYS A 1 136 ? -6.198  -6.530  15.883  1.00 0.00 ? 136 LYS A NZ    1 
ATOM   1215 H H     . LYS A 1 136 ? -5.984  -7.310  10.730  1.00 0.00 ? 136 LYS A H     1 
ATOM   1216 H HZ1   . LYS A 1 136 ? -6.181  -6.433  16.880  1.00 0.00 ? 136 LYS A HZ1   1 
ATOM   1217 H HZ2   . LYS A 1 136 ? -5.456  -7.122  15.577  1.00 0.00 ? 136 LYS A HZ2   1 
ATOM   1218 H HZ3   . LYS A 1 136 ? -6.150  -5.638  15.437  1.00 0.00 ? 136 LYS A HZ3   1 
ATOM   1219 N N     . ALA A 1 137 ? -8.069  -8.164  8.362   1.00 0.00 ? 137 ALA A N     1 
ATOM   1220 C CA    . ALA A 1 137 ? -8.666  -7.848  7.057   1.00 0.00 ? 137 ALA A CA    1 
ATOM   1221 C C     . ALA A 1 137 ? -9.054  -6.371  6.848   1.00 0.00 ? 137 ALA A C     1 
ATOM   1222 O O     . ALA A 1 137 ? -10.055 -5.906  7.440   1.00 0.00 ? 137 ALA A O     1 
ATOM   1223 C CB    . ALA A 1 137 ? -9.828  -8.798  6.705   1.00 0.00 ? 137 ALA A CB    1 
ATOM   1224 O OXT   . ALA A 1 137 ? -8.338  -5.727  6.054   1.00 0.00 ? 137 ALA A OXT   1 
ATOM   1225 H H     . ALA A 1 137 ? -7.127  -8.438  8.345   1.00 0.00 ? 137 ALA A H     1 
HETATM 1226 C C9A   . FNR B 2 .   ? 10.648  13.332  -3.977  1.00 0.00 ? 138 FNR A C9A   1 
HETATM 1227 N N10   . FNR B 2 .   ? 10.059  13.542  -2.688  1.00 0.00 ? 138 FNR A N10   1 
HETATM 1228 C CAA   . FNR B 2 .   ? 8.866   14.291  -2.571  1.00 0.00 ? 138 FNR A CAA   1 
HETATM 1229 N N1    . FNR B 2 .   ? 8.341   14.490  -1.329  1.00 0.00 ? 138 FNR A N1    1 
HETATM 1230 C C2    . FNR B 2 .   ? 7.198   15.143  -1.166  1.00 0.00 ? 138 FNR A C2    1 
HETATM 1231 O O2    . FNR B 2 .   ? 6.762   15.315  -0.026  1.00 0.00 ? 138 FNR A O2    1 
HETATM 1232 N N3    . FNR B 2 .   ? 6.506   15.655  -2.232  1.00 0.00 ? 138 FNR A N3    1 
HETATM 1233 C C4    . FNR B 2 .   ? 7.007   15.483  -3.540  1.00 0.00 ? 138 FNR A C4    1 
HETATM 1234 O O4    . FNR B 2 .   ? 6.369   15.868  -4.488  1.00 0.00 ? 138 FNR A O4    1 
HETATM 1235 C C4A   . FNR B 2 .   ? 8.230   14.778  -3.698  1.00 0.00 ? 138 FNR A C4A   1 
HETATM 1236 N N5    . FNR B 2 .   ? 8.778   14.577  -4.989  1.00 0.00 ? 138 FNR A N5    1 
HETATM 1237 C C5A   . FNR B 2 .   ? 9.996   13.874  -5.114  1.00 0.00 ? 138 FNR A C5A   1 
HETATM 1238 C C6    . FNR B 2 .   ? 10.522  13.735  -6.406  1.00 0.00 ? 138 FNR A C6    1 
HETATM 1239 C C7    . FNR B 2 .   ? 11.721  13.024  -6.567  1.00 0.00 ? 138 FNR A C7    1 
HETATM 1240 C C7M   . FNR B 2 .   ? 12.236  12.901  -8.009  1.00 0.00 ? 138 FNR A C7M   1 
HETATM 1241 C C8    . FNR B 2 .   ? 12.386  12.464  -5.439  1.00 0.00 ? 138 FNR A C8    1 
HETATM 1242 C C8M   . FNR B 2 .   ? 13.714  11.688  -5.532  1.00 0.00 ? 138 FNR A C8M   1 
HETATM 1243 C C9    . FNR B 2 .   ? 11.854  12.616  -4.150  1.00 0.00 ? 138 FNR A C9    1 
HETATM 1244 C "C1'" . FNR B 2 .   ? 10.622  12.912  -1.470  1.00 0.00 ? 138 FNR A "C1'" 1 
HETATM 1245 C "C2'" . FNR B 2 .   ? 10.161  11.466  -1.277  1.00 0.00 ? 138 FNR A "C2'" 1 
HETATM 1246 O "O2'" . FNR B 2 .   ? 8.732   11.397  -1.122  1.00 0.00 ? 138 FNR A "O2'" 1 
HETATM 1247 C "C3'" . FNR B 2 .   ? 10.866  10.857  -0.072  1.00 0.00 ? 138 FNR A "C3'" 1 
HETATM 1248 O "O3'" . FNR B 2 .   ? 12.277  11.158  -0.103  1.00 0.00 ? 138 FNR A "O3'" 1 
HETATM 1249 C "C4'" . FNR B 2 .   ? 10.640  9.339   0.003   1.00 0.00 ? 138 FNR A "C4'" 1 
HETATM 1250 O "O4'" . FNR B 2 .   ? 10.925  8.910   1.336   1.00 0.00 ? 138 FNR A "O4'" 1 
HETATM 1251 C "C5'" . FNR B 2 .   ? 11.479  8.546   -1.003  1.00 0.00 ? 138 FNR A "C5'" 1 
HETATM 1252 O "O5'" . FNR B 2 .   ? 10.889  8.622   -2.299  1.00 0.00 ? 138 FNR A "O5'" 1 
HETATM 1253 P P     . FNR B 2 .   ? 11.518  7.779   -3.492  1.00 0.00 ? 138 FNR A P     1 
HETATM 1254 O O1P   . FNR B 2 .   ? 12.929  8.511   -3.607  1.00 0.00 ? 138 FNR A O1P   1 
HETATM 1255 O O2P   . FNR B 2 .   ? 10.711  8.021   -4.700  1.00 0.00 ? 138 FNR A O2P   1 
HETATM 1256 O O3P   . FNR B 2 .   ? 11.743  6.382   -3.025  1.00 0.00 ? 138 FNR A O3P   1 
HETATM 1257 H H3    . FNR B 2 .   ? 5.637   16.102  -2.066  1.00 0.00 ? 138 FNR A H3    1 
HETATM 1258 H H5    . FNR B 2 .   ? 8.451   15.125  -5.755  1.00 0.00 ? 138 FNR A H5    1 
HETATM 1259 H "H2'" . FNR B 2 .   ? 8.313   11.518  -2.027  1.00 0.00 ? 138 FNR A "H2'" 1 
HETATM 1260 H "H3'" . FNR B 2 .   ? 12.624  11.246  0.840   1.00 0.00 ? 138 FNR A "H3'" 1 
HETATM 1261 H "H4'" . FNR B 2 .   ? 11.749  9.403   1.614   1.00 0.00 ? 138 FNR A "H4'" 1 
HETATM 1262 H H1    . FNR B 2 .   ? 13.449  8.256   -2.790  1.00 0.00 ? 138 FNR A H1    1 
# 
